data_9R2Q
#
_entry.id   9R2Q
#
loop_
_entity.id
_entity.type
_entity.pdbx_description
1 polymer 'Histone H3.1'
2 polymer 'Histone H4'
3 polymer 'Histone H2A type 1-B/E'
4 polymer 'Histone H2B type 1-J'
5 polymer DNA-for
6 polymer DNA-rev
7 polymer 'Cellular tumor antigen p53'
#
loop_
_entity_poly.entity_id
_entity_poly.type
_entity_poly.pdbx_seq_one_letter_code
_entity_poly.pdbx_strand_id
1 'polypeptide(L)'
;GSHMARTKQTARKSTGGKAPRKQLATKAARKSAPATGGVKKPHRYRPGTVALREIRRYQKSTELLIRKLPFQRLVREIAQ
DFKTDLRFQSSAVMALQEACEAYLVGLFEDTNLCAIHAKRVTIMPKDIQLARRIRGERA
;
A,E
2 'polypeptide(L)'
;GSHMSGRGKGGKGLGKGGAKRHRKVLRDNIQGITKPAIRRLARRGGVKRISGLIYEETRGVLKVFLENVIRDAVTYTEHA
KRKTVTAMDVVYALKRQGRTLYGFGG
;
B,F
3 'polypeptide(L)'
;GSHMSGRGKQGGKARAKAKTRSSRAGLQFPVGRVHRLLRKGNYSERVGAGAPVYLAAVLEYLTAEILELAGNAARDNKKT
RIIPRHLQLAIRNDEELNKLLGRVTIAQGGVLPNIQAVLLPKKTESHHKAKGK
;
C,G
4 'polypeptide(L)'
;GSHMPEPAKSAPAPKKGSKKAVTKAQKKDGKKRKRSRKESYSIYVYKVLKQVHPDTGISSKAMGIMNSFVNDIFERIAGE
ASRLAHYNKRSTITSREIQTAVRLLLPGELAKHAVSEGTKAVTKYTSA
;
D,H
5 'polydeoxyribonucleotide'
;(DA)(DT)(DC)(DC)(DT)(DG)(DG)(DA)(DG)(DA)(DA)(DA)(DC)(DA)(DT)(DG)(DC)(DC)(DC)(DG)
(DG)(DG)(DC)(DA)(DT)(DG)(DT)(DC)(DC)(DT)(DC)(DA)(DA)(DT)(DT)(DG)(DG)(DT)(DC)(DG)
(DT)(DA)(DG)(DA)(DC)(DA)(DG)(DC)(DT)(DC)(DT)(DA)(DG)(DC)(DA)(DC)(DC)(DG)(DC)(DT)
(DT)(DA)(DA)(DA)(DC)(DG)(DC)(DA)(DC)(DG)(DT)(DA)(DC)(DG)(DC)(DG)(DC)(DT)(DG)(DT)
(DC)(DC)(DC)(DC)(DC)(DG)(DC)(DG)(DT)(DT)(DT)(DT)(DA)(DA)(DC)(DC)(DG)(DC)(DC)(DA)
(DA)(DG)(DG)(DG)(DG)(DA)(DT)(DT)(DA)(DC)(DT)(DC)(DC)(DC)(DT)(DA)(DG)(DT)(DC)(DT)
(DC)(DC)(DA)(DG)(DG)(DC)(DA)(DC)(DG)(DT)(DG)(DT)(DC)(DA)(DG)(DA)(DT)(DA)(DT)(DA)
(DT)(DA)(DC)(DA)(DT)(DC)(DC)(DT)(DG)(DT)(DG)(DA)(DT)
;
I
6 'polydeoxyribonucleotide'
;(DA)(DT)(DC)(DA)(DC)(DA)(DG)(DG)(DA)(DT)(DG)(DT)(DA)(DT)(DA)(DT)(DA)(DT)(DC)(DT)
(DG)(DA)(DC)(DA)(DC)(DG)(DT)(DG)(DC)(DC)(DT)(DG)(DG)(DA)(DG)(DA)(DC)(DT)(DA)(DG)
(DG)(DG)(DA)(DG)(DT)(DA)(DA)(DT)(DC)(DC)(DC)(DC)(DT)(DT)(DG)(DG)(DC)(DG)(DG)(DT)
(DT)(DA)(DA)(DA)(DA)(DC)(DG)(DC)(DG)(DG)(DG)(DG)(DG)(DA)(DC)(DA)(DG)(DC)(DG)(DC)
(DG)(DT)(DA)(DC)(DG)(DT)(DG)(DC)(DG)(DT)(DT)(DT)(DA)(DA)(DG)(DC)(DG)(DG)(DT)(DG)
(DC)(DT)(DA)(DG)(DA)(DG)(DC)(DT)(DG)(DT)(DC)(DT)(DA)(DC)(DG)(DA)(DC)(DC)(DA)(DA)
(DT)(DT)(DG)(DA)(DG)(DG)(DA)(DC)(DA)(DT)(DG)(DC)(DC)(DC)(DG)(DG)(DG)(DC)(DA)(DT)
(DG)(DT)(DT)(DT)(DC)(DT)(DC)(DC)(DA)(DG)(DG)(DA)(DT)
;
J
7 'polypeptide(L)'
;MDWSHPQFEKSAVDENLYFQGGGRMEEPQSDPSVEPPLSQETFSDLWKLLPENNVLSPLPSQAMDDLMLSPDDIEQWFTE
DPGPDEAPRMPEAAPPVAPAPAAPTPAAPAPAPSWPLSSSVPSQKTYQGSYGFRLGFLHSGTAKSVTCTYSPALNKMFCQ
LAKTCPVQLWVDSTPPPGTRVRAMAIYKQSQHMTEVVRRCPHHERCSDSDGLAPPQHLIRVEGNLRVEYLDDRNTFRHSV
VVPYEPPEVGSDCTTIHYNYMCNSSCMGGMNRRPILTIITLEDSSGNLLGRNSFEVRVCACPGRDRRTEEENLRKKGEPH
HELPPGSTKRALPNNTSSSPQPKKKPLDGEYFTLQIRGRERFEMFRELNEALELKDAQAGKEPGGSRAHSSHLKSKKGQS
TSRHKKLMFKTEGPDSD
;
K,L,M,N
#
loop_
_chem_comp.id
_chem_comp.type
_chem_comp.name
_chem_comp.formula
DA DNA linking 2'-DEOXYADENOSINE-5'-MONOPHOSPHATE 'C10 H14 N5 O6 P'
DC DNA linking 2'-DEOXYCYTIDINE-5'-MONOPHOSPHATE 'C9 H14 N3 O7 P'
DG DNA linking 2'-DEOXYGUANOSINE-5'-MONOPHOSPHATE 'C10 H14 N5 O7 P'
DT DNA linking THYMIDINE-5'-MONOPHOSPHATE 'C10 H15 N2 O8 P'
#
# COMPACT_ATOMS: atom_id res chain seq x y z
N PRO A 42 69.42 60.09 1.67
CA PRO A 42 68.82 58.81 2.04
C PRO A 42 68.26 58.06 0.85
N HIS A 43 68.11 56.75 1.01
CA HIS A 43 67.28 55.94 0.13
C HIS A 43 65.92 55.76 0.78
N ARG A 44 64.93 55.39 -0.04
CA ARG A 44 63.61 54.97 0.43
C ARG A 44 62.93 54.18 -0.69
N TYR A 45 62.34 53.03 -0.35
CA TYR A 45 61.63 52.24 -1.34
C TYR A 45 60.33 52.92 -1.76
N ARG A 46 59.89 52.65 -2.99
CA ARG A 46 58.57 53.09 -3.42
C ARG A 46 57.50 52.34 -2.61
N PRO A 47 56.45 53.03 -2.17
CA PRO A 47 55.38 52.35 -1.42
C PRO A 47 54.85 51.13 -2.14
N GLY A 48 54.99 49.96 -1.49
CA GLY A 48 54.43 48.73 -1.99
C GLY A 48 55.37 47.74 -2.65
N THR A 49 56.69 47.98 -2.61
CA THR A 49 57.63 47.09 -3.32
C THR A 49 58.35 46.09 -2.42
N VAL A 50 58.32 46.26 -1.09
CA VAL A 50 58.94 45.28 -0.20
C VAL A 50 58.22 43.93 -0.33
N ALA A 51 56.92 43.97 -0.63
CA ALA A 51 56.08 42.78 -0.57
C ALA A 51 56.61 41.64 -1.43
N LEU A 52 57.12 41.94 -2.62
CA LEU A 52 57.54 40.86 -3.52
C LEU A 52 58.74 40.08 -3.00
N ARG A 53 59.66 40.74 -2.27
CA ARG A 53 60.70 40.00 -1.55
C ARG A 53 60.09 39.17 -0.43
N GLU A 54 59.22 39.79 0.37
CA GLU A 54 58.62 39.11 1.51
C GLU A 54 57.76 37.93 1.07
N ILE A 55 56.99 38.10 0.00
CA ILE A 55 56.24 36.99 -0.57
C ILE A 55 57.17 35.84 -0.89
N ARG A 56 58.27 36.12 -1.59
CA ARG A 56 59.20 35.05 -1.93
C ARG A 56 59.84 34.44 -0.67
N ARG A 57 60.30 35.28 0.26
CA ARG A 57 60.92 34.75 1.48
C ARG A 57 59.95 33.87 2.26
N TYR A 58 58.77 34.40 2.59
CA TYR A 58 57.84 33.66 3.42
C TYR A 58 57.18 32.50 2.69
N GLN A 59 57.18 32.49 1.35
CA GLN A 59 56.76 31.29 0.63
C GLN A 59 57.86 30.24 0.62
N LYS A 60 59.12 30.68 0.62
CA LYS A 60 60.25 29.76 0.49
C LYS A 60 60.61 29.11 1.82
N SER A 61 60.52 29.86 2.92
CA SER A 61 60.91 29.35 4.24
C SER A 61 59.79 28.54 4.86
N THR A 62 60.14 27.74 5.86
CA THR A 62 59.22 26.76 6.45
C THR A 62 58.89 26.98 7.92
N GLU A 63 59.54 27.90 8.61
CA GLU A 63 59.32 28.06 10.04
C GLU A 63 57.91 28.58 10.33
N LEU A 64 57.51 28.44 11.59
CA LEU A 64 56.22 28.95 12.04
C LEU A 64 56.23 30.47 12.04
N LEU A 65 55.09 31.07 11.69
CA LEU A 65 55.00 32.52 11.59
C LEU A 65 54.36 33.19 12.80
N ILE A 66 53.66 32.42 13.66
CA ILE A 66 53.18 32.92 14.95
C ILE A 66 54.18 32.52 16.03
N ARG A 67 54.35 33.37 17.04
CA ARG A 67 55.30 33.08 18.12
C ARG A 67 54.68 32.11 19.13
N LYS A 68 55.54 31.29 19.75
CA LYS A 68 55.09 30.12 20.50
C LYS A 68 54.21 30.51 21.70
N LEU A 69 54.73 31.34 22.60
CA LEU A 69 53.99 31.70 23.81
C LEU A 69 52.65 32.39 23.53
N PRO A 70 52.57 33.41 22.66
CA PRO A 70 51.24 34.01 22.37
C PRO A 70 50.19 33.01 21.89
N PHE A 71 50.58 32.10 21.00
CA PHE A 71 49.63 31.10 20.51
C PHE A 71 49.26 30.11 21.62
N GLN A 72 50.25 29.67 22.39
CA GLN A 72 50.00 28.72 23.47
C GLN A 72 48.97 29.27 24.46
N ARG A 73 49.10 30.54 24.84
CA ARG A 73 48.17 31.13 25.80
C ARG A 73 46.77 31.30 25.18
N LEU A 74 46.69 31.58 23.88
CA LEU A 74 45.39 31.67 23.22
C LEU A 74 44.67 30.32 23.23
N VAL A 75 45.41 29.23 23.03
CA VAL A 75 44.80 27.91 23.14
C VAL A 75 44.24 27.69 24.54
N ARG A 76 45.03 27.97 25.57
CA ARG A 76 44.55 27.78 26.94
C ARG A 76 43.38 28.72 27.27
N GLU A 77 43.45 29.97 26.80
CA GLU A 77 42.36 30.92 27.05
C GLU A 77 41.03 30.46 26.43
N ILE A 78 41.09 29.85 25.24
CA ILE A 78 39.88 29.29 24.64
C ILE A 78 39.41 28.07 25.43
N ALA A 79 40.33 27.13 25.70
CA ALA A 79 39.93 25.84 26.23
C ALA A 79 39.35 25.94 27.63
N GLN A 80 39.80 26.92 28.43
CA GLN A 80 39.30 27.03 29.80
C GLN A 80 37.79 27.26 29.83
N ASP A 81 37.23 27.79 28.73
CA ASP A 81 35.79 28.04 28.66
C ASP A 81 34.97 26.74 28.64
N PHE A 82 35.59 25.61 28.30
CA PHE A 82 34.92 24.32 28.26
C PHE A 82 35.26 23.42 29.45
N LYS A 83 36.44 23.60 30.06
CA LYS A 83 36.89 22.77 31.19
C LYS A 83 38.09 23.44 31.83
N THR A 84 38.03 23.69 33.14
CA THR A 84 39.17 24.22 33.88
C THR A 84 40.23 23.15 34.08
N ASP A 85 41.47 23.60 34.33
CA ASP A 85 42.58 22.73 34.73
C ASP A 85 43.03 21.77 33.63
N LEU A 86 42.60 22.02 32.38
CA LEU A 86 43.04 21.21 31.25
C LEU A 86 44.55 21.40 31.06
N ARG A 87 45.22 20.36 30.54
CA ARG A 87 46.68 20.36 30.42
C ARG A 87 47.09 19.85 29.03
N PHE A 88 48.34 20.14 28.66
CA PHE A 88 48.70 20.21 27.24
C PHE A 88 50.04 19.57 26.93
N GLN A 89 50.08 18.82 25.83
CA GLN A 89 51.35 18.35 25.29
C GLN A 89 51.89 19.37 24.29
N SER A 90 53.21 19.56 24.32
CA SER A 90 53.83 20.50 23.39
C SER A 90 53.56 20.11 21.94
N SER A 91 53.60 18.80 21.66
CA SER A 91 53.23 18.29 20.34
C SER A 91 51.81 18.70 19.97
N ALA A 92 50.89 18.63 20.91
CA ALA A 92 49.52 19.05 20.65
C ALA A 92 49.46 20.52 20.28
N VAL A 93 50.13 21.37 21.07
CA VAL A 93 50.09 22.81 20.80
C VAL A 93 50.72 23.12 19.44
N MET A 94 51.84 22.47 19.12
CA MET A 94 52.42 22.64 17.79
C MET A 94 51.45 22.15 16.71
N ALA A 95 50.75 21.05 16.98
CA ALA A 95 49.76 20.53 16.04
C ALA A 95 48.65 21.54 15.79
N LEU A 96 48.10 22.11 16.86
CA LEU A 96 47.10 23.15 16.70
C LEU A 96 47.64 24.34 15.93
N GLN A 97 48.88 24.74 16.21
CA GLN A 97 49.43 25.93 15.55
C GLN A 97 49.58 25.71 14.06
N GLU A 98 50.15 24.58 13.66
CA GLU A 98 50.39 24.33 12.24
C GLU A 98 49.09 24.18 11.47
N ALA A 99 48.05 23.63 12.10
CA ALA A 99 46.74 23.62 11.47
C ALA A 99 46.18 25.03 11.32
N CYS A 100 46.40 25.88 12.33
CA CYS A 100 45.89 27.25 12.27
C CYS A 100 46.63 28.06 11.21
N GLU A 101 47.96 27.94 11.17
CA GLU A 101 48.72 28.65 10.13
C GLU A 101 48.36 28.14 8.74
N ALA A 102 48.18 26.83 8.59
CA ALA A 102 47.77 26.28 7.29
C ALA A 102 46.39 26.77 6.90
N TYR A 103 45.45 26.78 7.84
CA TYR A 103 44.10 27.27 7.57
C TYR A 103 44.11 28.72 7.14
N LEU A 104 44.80 29.58 7.90
CA LEU A 104 44.84 31.00 7.56
C LEU A 104 45.57 31.26 6.25
N VAL A 105 46.67 30.53 5.99
CA VAL A 105 47.39 30.71 4.73
C VAL A 105 46.52 30.30 3.55
N GLY A 106 45.84 29.15 3.66
CA GLY A 106 44.96 28.72 2.58
C GLY A 106 43.76 29.64 2.42
N LEU A 107 43.26 30.18 3.52
CA LEU A 107 42.22 31.20 3.46
C LEU A 107 42.74 32.47 2.79
N PHE A 108 43.98 32.87 3.10
CA PHE A 108 44.51 34.11 2.53
C PHE A 108 44.75 33.99 1.03
N GLU A 109 45.13 32.80 0.55
CA GLU A 109 45.27 32.62 -0.89
C GLU A 109 43.93 32.76 -1.59
N ASP A 110 42.88 32.09 -1.09
CA ASP A 110 41.56 32.25 -1.68
C ASP A 110 41.04 33.67 -1.53
N THR A 111 41.34 34.32 -0.40
CA THR A 111 41.00 35.72 -0.21
C THR A 111 41.69 36.60 -1.26
N ASN A 112 42.95 36.28 -1.58
CA ASN A 112 43.69 37.04 -2.58
C ASN A 112 43.05 36.93 -3.96
N LEU A 113 42.60 35.72 -4.32
CA LEU A 113 41.96 35.55 -5.62
C LEU A 113 40.64 36.30 -5.70
N CYS A 114 39.86 36.31 -4.62
CA CYS A 114 38.63 37.09 -4.60
C CYS A 114 38.92 38.58 -4.80
N ALA A 115 40.04 39.05 -4.25
CA ALA A 115 40.42 40.44 -4.45
C ALA A 115 40.86 40.70 -5.88
N ILE A 116 41.64 39.79 -6.46
CA ILE A 116 42.05 39.90 -7.86
C ILE A 116 40.85 39.90 -8.78
N HIS A 117 39.86 39.06 -8.46
CA HIS A 117 38.65 38.98 -9.27
C HIS A 117 37.88 40.30 -9.24
N ALA A 118 37.87 40.98 -8.10
CA ALA A 118 37.32 42.32 -8.01
C ALA A 118 38.27 43.39 -8.53
N LYS A 119 39.41 42.98 -9.11
CA LYS A 119 40.41 43.88 -9.69
C LYS A 119 41.01 44.85 -8.68
N ARG A 120 41.02 44.46 -7.41
CA ARG A 120 41.66 45.25 -6.36
C ARG A 120 43.08 44.77 -6.10
N VAL A 121 43.90 45.68 -5.57
CA VAL A 121 45.24 45.33 -5.12
C VAL A 121 45.21 44.81 -3.69
N THR A 122 44.23 45.26 -2.91
CA THR A 122 44.19 45.11 -1.45
C THR A 122 43.13 44.08 -1.06
N ILE A 123 43.44 43.20 -0.08
CA ILE A 123 42.42 42.31 0.47
C ILE A 123 41.65 43.00 1.59
N MET A 124 40.38 42.64 1.74
CA MET A 124 39.44 43.27 2.65
C MET A 124 38.58 42.20 3.31
N PRO A 125 37.90 42.54 4.42
CA PRO A 125 37.01 41.55 5.07
C PRO A 125 35.98 40.96 4.11
N LYS A 126 35.53 41.75 3.13
CA LYS A 126 34.58 41.24 2.16
C LYS A 126 35.17 40.07 1.37
N ASP A 127 36.46 40.12 1.08
CA ASP A 127 37.11 38.99 0.40
C ASP A 127 37.19 37.77 1.31
N ILE A 128 37.57 37.97 2.57
CA ILE A 128 37.52 36.89 3.55
C ILE A 128 36.12 36.29 3.63
N GLN A 129 35.11 37.16 3.79
CA GLN A 129 33.73 36.69 3.95
C GLN A 129 33.27 35.89 2.74
N LEU A 130 33.61 36.36 1.54
CA LEU A 130 33.16 35.71 0.31
C LEU A 130 33.77 34.31 0.16
N ALA A 131 35.09 34.22 0.30
CA ALA A 131 35.76 32.93 0.20
C ALA A 131 35.19 31.93 1.19
N ARG A 132 35.07 32.33 2.47
CA ARG A 132 34.53 31.45 3.50
C ARG A 132 33.12 30.99 3.16
N ARG A 133 32.27 31.92 2.74
CA ARG A 133 30.90 31.56 2.37
C ARG A 133 30.89 30.60 1.19
N ILE A 134 31.79 30.81 0.22
CA ILE A 134 31.81 29.92 -0.94
C ILE A 134 32.19 28.50 -0.53
N ARG A 135 33.04 28.37 0.49
CA ARG A 135 33.41 27.04 0.98
C ARG A 135 32.36 26.45 1.92
N GLY A 136 31.31 27.20 2.21
CA GLY A 136 30.27 26.70 3.10
C GLY A 136 30.57 26.84 4.57
N GLU A 137 31.51 27.71 4.96
CA GLU A 137 31.86 27.89 6.36
C GLU A 137 30.87 28.80 7.09
N LEU B 26 43.35 33.45 32.25
CA LEU B 26 43.88 34.04 31.03
C LEU B 26 42.85 34.93 30.33
N ARG B 27 43.30 36.05 29.77
CA ARG B 27 42.46 36.96 29.01
C ARG B 27 43.26 37.67 27.93
N ASP B 28 42.58 37.99 26.82
CA ASP B 28 43.06 38.92 25.77
C ASP B 28 44.26 38.40 24.97
N ASN B 29 44.57 37.10 25.07
CA ASN B 29 45.66 36.56 24.27
C ASN B 29 45.33 36.49 22.78
N ILE B 30 44.10 36.82 22.40
CA ILE B 30 43.80 37.00 20.97
C ILE B 30 44.58 38.17 20.38
N GLN B 31 44.93 39.15 21.22
CA GLN B 31 45.86 40.21 20.82
C GLN B 31 47.29 39.70 20.67
N GLY B 32 47.61 38.51 21.18
CA GLY B 32 48.91 37.91 20.96
C GLY B 32 49.17 37.54 19.52
N ILE B 33 48.11 37.40 18.72
CA ILE B 33 48.21 37.20 17.29
C ILE B 33 48.54 38.56 16.65
N THR B 34 49.83 38.85 16.50
CA THR B 34 50.26 40.21 16.19
C THR B 34 49.89 40.61 14.75
N LYS B 35 49.78 41.91 14.52
CA LYS B 35 49.56 42.42 13.17
C LYS B 35 50.64 41.97 12.19
N PRO B 36 51.94 42.05 12.49
CA PRO B 36 52.94 41.47 11.58
C PRO B 36 52.80 39.98 11.37
N ALA B 37 52.39 39.22 12.39
CA ALA B 37 52.17 37.79 12.19
C ALA B 37 51.06 37.55 11.16
N ILE B 38 49.98 38.34 11.26
CA ILE B 38 48.93 38.27 10.25
C ILE B 38 49.47 38.67 8.87
N ARG B 39 50.39 39.65 8.83
CA ARG B 39 51.06 39.98 7.58
C ARG B 39 51.79 38.76 7.01
N ARG B 40 52.64 38.14 7.83
CA ARG B 40 53.48 37.05 7.35
C ARG B 40 52.65 35.87 6.85
N LEU B 41 51.57 35.53 7.56
CA LEU B 41 50.68 34.47 7.10
C LEU B 41 50.10 34.80 5.73
N ALA B 42 49.66 36.06 5.55
CA ALA B 42 49.12 36.47 4.27
C ALA B 42 50.19 36.52 3.20
N ARG B 43 51.41 36.99 3.54
CA ARG B 43 52.51 36.99 2.59
C ARG B 43 52.80 35.58 2.08
N ARG B 44 52.77 34.59 2.96
CA ARG B 44 52.92 33.21 2.51
C ARG B 44 51.80 32.85 1.53
N GLY B 45 50.59 33.30 1.81
CA GLY B 45 49.46 33.08 0.92
C GLY B 45 49.49 33.90 -0.36
N GLY B 46 50.59 34.61 -0.60
CA GLY B 46 50.73 35.40 -1.81
C GLY B 46 50.09 36.77 -1.76
N VAL B 47 49.63 37.21 -0.59
CA VAL B 47 48.93 38.48 -0.45
C VAL B 47 49.95 39.62 -0.46
N LYS B 48 49.68 40.65 -1.27
CA LYS B 48 50.62 41.75 -1.48
C LYS B 48 50.28 43.01 -0.67
N ARG B 49 49.01 43.37 -0.55
CA ARG B 49 48.61 44.65 0.04
C ARG B 49 47.39 44.46 0.93
N ILE B 50 47.29 45.24 2.02
CA ILE B 50 46.40 44.93 3.14
C ILE B 50 45.54 46.13 3.55
N SER B 51 44.31 45.85 3.99
CA SER B 51 43.48 46.82 4.69
C SER B 51 43.44 46.51 6.18
N GLY B 52 43.54 47.54 7.01
CA GLY B 52 43.62 47.38 8.46
C GLY B 52 42.44 46.65 9.09
N LEU B 53 41.31 46.57 8.38
CA LEU B 53 40.16 45.82 8.85
C LEU B 53 40.46 44.32 8.91
N ILE B 54 41.46 43.86 8.14
CA ILE B 54 41.79 42.44 8.07
C ILE B 54 42.20 41.89 9.43
N TYR B 55 42.91 42.70 10.22
CA TYR B 55 43.48 42.20 11.47
C TYR B 55 42.38 41.75 12.43
N GLU B 56 41.35 42.57 12.60
CA GLU B 56 40.25 42.21 13.49
C GLU B 56 39.39 41.10 12.92
N GLU B 57 39.16 41.12 11.60
CA GLU B 57 38.41 40.03 10.98
C GLU B 57 39.17 38.71 11.02
N THR B 58 40.50 38.75 10.84
CA THR B 58 41.28 37.52 10.89
C THR B 58 41.22 36.88 12.28
N ARG B 59 41.29 37.71 13.33
CA ARG B 59 41.27 37.19 14.69
C ARG B 59 39.95 36.50 15.01
N GLY B 60 38.85 37.04 14.50
CA GLY B 60 37.56 36.38 14.67
C GLY B 60 37.49 35.05 13.95
N VAL B 61 37.97 35.01 12.69
CA VAL B 61 37.95 33.77 11.92
C VAL B 61 38.90 32.75 12.54
N LEU B 62 40.08 33.19 13.00
CA LEU B 62 41.02 32.29 13.65
C LEU B 62 40.42 31.72 14.93
N LYS B 63 39.81 32.58 15.76
CA LYS B 63 39.23 32.11 17.01
C LYS B 63 38.17 31.03 16.77
N VAL B 64 37.33 31.22 15.75
CA VAL B 64 36.27 30.26 15.46
C VAL B 64 36.85 28.92 14.98
N PHE B 65 37.87 28.95 14.12
CA PHE B 65 38.44 27.68 13.65
C PHE B 65 39.14 26.96 14.79
N LEU B 66 39.95 27.70 15.56
CA LEU B 66 40.71 27.10 16.64
C LEU B 66 39.79 26.56 17.74
N GLU B 67 38.73 27.31 18.08
CA GLU B 67 37.76 26.85 19.08
C GLU B 67 37.10 25.55 18.65
N ASN B 68 36.71 25.46 17.37
CA ASN B 68 36.06 24.25 16.87
C ASN B 68 36.97 23.04 16.94
N VAL B 69 38.28 23.23 16.73
CA VAL B 69 39.21 22.10 16.83
C VAL B 69 39.44 21.74 18.30
N ILE B 70 39.62 22.74 19.16
CA ILE B 70 39.83 22.49 20.59
C ILE B 70 38.66 21.71 21.17
N ARG B 71 37.43 22.10 20.80
CA ARG B 71 36.24 21.47 21.35
C ARG B 71 36.18 19.99 21.00
N ASP B 72 36.53 19.62 19.76
CA ASP B 72 36.60 18.20 19.41
C ASP B 72 37.74 17.51 20.15
N ALA B 73 38.92 18.14 20.18
CA ALA B 73 40.08 17.55 20.85
C ALA B 73 39.78 17.26 22.32
N VAL B 74 39.28 18.27 23.04
CA VAL B 74 38.88 18.07 24.43
C VAL B 74 37.88 16.92 24.54
N THR B 75 36.95 16.81 23.59
CA THR B 75 35.92 15.79 23.69
C THR B 75 36.52 14.40 23.60
N TYR B 76 37.50 14.21 22.73
CA TYR B 76 38.22 12.95 22.72
C TYR B 76 38.94 12.72 24.04
N THR B 77 39.51 13.78 24.62
CA THR B 77 40.27 13.68 25.87
C THR B 77 39.37 13.23 27.02
N GLU B 78 38.19 13.83 27.11
CA GLU B 78 37.22 13.43 28.12
C GLU B 78 36.72 12.01 27.90
N HIS B 79 36.57 11.60 26.65
CA HIS B 79 36.15 10.22 26.41
C HIS B 79 37.18 9.25 26.99
N ALA B 80 38.46 9.47 26.69
CA ALA B 80 39.55 8.67 27.22
C ALA B 80 39.78 8.90 28.71
N LYS B 81 39.01 9.80 29.32
CA LYS B 81 39.08 10.07 30.76
C LYS B 81 40.46 10.57 31.18
N ARG B 82 41.10 11.34 30.30
CA ARG B 82 42.39 11.96 30.55
C ARG B 82 42.22 13.40 31.04
N LYS B 83 43.31 13.96 31.56
CA LYS B 83 43.40 15.38 31.86
C LYS B 83 44.19 16.15 30.80
N THR B 84 45.01 15.45 30.02
CA THR B 84 45.97 16.06 29.11
C THR B 84 45.58 15.76 27.67
N VAL B 85 45.44 16.81 26.87
CA VAL B 85 45.22 16.68 25.43
C VAL B 85 46.53 16.28 24.76
N THR B 86 46.50 15.22 23.95
CA THR B 86 47.67 14.84 23.16
C THR B 86 47.50 15.22 21.68
N ALA B 87 48.62 15.14 20.95
CA ALA B 87 48.60 15.42 19.53
C ALA B 87 47.59 14.53 18.79
N MET B 88 47.46 13.26 19.19
CA MET B 88 46.50 12.37 18.54
C MET B 88 45.07 12.89 18.64
N ASP B 89 44.72 13.45 19.81
CA ASP B 89 43.41 14.08 19.98
C ASP B 89 43.24 15.28 19.06
N VAL B 90 44.27 16.12 18.96
CA VAL B 90 44.25 17.22 17.98
C VAL B 90 44.18 16.67 16.55
N VAL B 91 44.89 15.58 16.28
CA VAL B 91 44.89 15.00 14.94
C VAL B 91 43.50 14.54 14.55
N TYR B 92 42.81 13.82 15.45
CA TYR B 92 41.46 13.35 15.14
C TYR B 92 40.46 14.50 15.08
N ALA B 93 40.62 15.49 15.95
CA ALA B 93 39.75 16.66 15.91
C ALA B 93 39.85 17.40 14.57
N LEU B 94 41.06 17.55 14.05
CA LEU B 94 41.23 18.16 12.73
C LEU B 94 40.70 17.25 11.64
N LYS B 95 41.13 15.99 11.66
CA LYS B 95 40.94 15.07 10.54
C LYS B 95 39.49 15.00 10.08
N ARG B 96 38.56 14.92 11.03
CA ARG B 96 37.15 14.78 10.73
C ARG B 96 36.56 16.01 10.04
N GLN B 97 37.18 17.17 10.20
CA GLN B 97 36.77 18.38 9.49
C GLN B 97 37.34 18.44 8.07
N GLY B 98 37.91 17.33 7.59
CA GLY B 98 38.55 17.30 6.27
C GLY B 98 39.96 17.80 6.26
N ARG B 99 40.68 17.70 7.37
CA ARG B 99 41.97 18.36 7.57
C ARG B 99 43.06 17.39 8.00
N THR B 100 43.22 16.29 7.27
CA THR B 100 44.22 15.28 7.62
C THR B 100 45.60 15.92 7.80
N LEU B 101 46.15 15.80 9.01
CA LEU B 101 47.42 16.42 9.37
C LEU B 101 48.50 15.35 9.44
N TYR B 102 49.54 15.53 8.65
CA TYR B 102 50.69 14.61 8.63
C TYR B 102 51.82 15.21 9.45
N GLY B 103 52.52 14.36 10.21
CA GLY B 103 53.73 14.75 10.90
C GLY B 103 53.67 14.76 12.41
N PHE B 104 52.52 14.41 13.01
CA PHE B 104 52.37 14.36 14.46
C PHE B 104 51.90 13.00 14.94
N GLY B 105 52.10 11.96 14.13
CA GLY B 105 51.41 10.71 14.35
C GLY B 105 50.05 10.70 13.68
N GLY B 106 49.62 9.50 13.34
CA GLY B 106 48.44 9.29 12.51
C GLY B 106 48.56 8.05 11.64
N ARG C 21 11.59 -5.01 24.51
CA ARG C 21 10.92 -4.47 23.34
C ARG C 21 11.00 -2.95 23.37
N SER C 22 10.46 -2.31 22.34
CA SER C 22 10.56 -0.86 22.25
C SER C 22 9.86 -0.20 23.43
N SER C 23 8.80 -0.82 23.94
CA SER C 23 8.05 -0.27 25.07
C SER C 23 8.86 -0.26 26.36
N ARG C 24 10.00 -0.95 26.42
CA ARG C 24 10.82 -0.93 27.63
C ARG C 24 11.47 0.43 27.83
N ALA C 25 12.04 0.99 26.76
CA ALA C 25 12.61 2.34 26.80
C ALA C 25 11.61 3.43 26.50
N GLY C 26 10.38 3.06 26.13
CA GLY C 26 9.38 4.04 25.72
C GLY C 26 9.59 4.59 24.33
N LEU C 27 10.53 4.02 23.58
CA LEU C 27 10.88 4.51 22.24
C LEU C 27 9.99 3.88 21.19
N GLN C 28 9.73 4.64 20.13
CA GLN C 28 9.06 4.09 18.97
C GLN C 28 10.03 3.40 18.02
N PHE C 29 11.30 3.79 18.06
CA PHE C 29 12.29 3.23 17.16
C PHE C 29 12.73 1.83 17.63
N PRO C 30 12.87 0.88 16.72
CA PRO C 30 13.19 -0.50 17.12
C PRO C 30 14.64 -0.74 17.53
N VAL C 31 14.84 -1.02 18.82
CA VAL C 31 16.18 -1.12 19.37
C VAL C 31 16.96 -2.29 18.77
N GLY C 32 16.31 -3.43 18.57
CA GLY C 32 17.01 -4.63 18.12
C GLY C 32 17.46 -4.60 16.67
N ARG C 33 16.73 -3.88 15.82
CA ARG C 33 17.22 -3.58 14.47
C ARG C 33 18.51 -2.77 14.54
N VAL C 34 18.54 -1.75 15.41
CA VAL C 34 19.76 -0.98 15.63
C VAL C 34 20.86 -1.86 16.21
N HIS C 35 20.50 -2.73 17.17
CA HIS C 35 21.46 -3.66 17.77
C HIS C 35 22.05 -4.59 16.72
N ARG C 36 21.19 -5.15 15.86
CA ARG C 36 21.69 -6.02 14.80
C ARG C 36 22.59 -5.27 13.84
N LEU C 37 22.20 -4.05 13.46
CA LEU C 37 23.01 -3.25 12.55
C LEU C 37 24.37 -2.91 13.16
N LEU C 38 24.40 -2.60 14.46
CA LEU C 38 25.68 -2.34 15.14
C LEU C 38 26.53 -3.61 15.29
N ARG C 39 25.90 -4.80 15.29
CA ARG C 39 26.68 -6.04 15.28
C ARG C 39 27.30 -6.29 13.91
N LYS C 40 26.66 -5.87 12.82
CA LYS C 40 27.22 -5.92 11.48
C LYS C 40 27.84 -4.55 11.16
N GLY C 41 27.92 -4.20 9.88
CA GLY C 41 28.52 -2.94 9.49
C GLY C 41 29.99 -2.83 9.84
N ASN C 42 30.51 -3.87 10.50
CA ASN C 42 31.92 -3.96 10.90
C ASN C 42 32.35 -2.81 11.81
N TYR C 43 31.39 -2.16 12.48
CA TYR C 43 31.73 -1.08 13.39
C TYR C 43 32.53 -1.57 14.58
N SER C 44 32.24 -2.77 15.05
CA SER C 44 32.86 -3.30 16.25
C SER C 44 32.62 -4.80 16.31
N GLU C 45 33.44 -5.47 17.12
CA GLU C 45 33.15 -6.87 17.45
C GLU C 45 31.93 -6.97 18.34
N ARG C 46 31.82 -6.08 19.33
CA ARG C 46 30.94 -6.30 20.47
C ARG C 46 30.18 -5.03 20.83
N VAL C 47 29.14 -5.20 21.63
CA VAL C 47 28.17 -4.15 21.96
C VAL C 47 27.77 -4.26 23.41
N GLY C 48 27.67 -3.12 24.08
CA GLY C 48 26.98 -3.04 25.36
C GLY C 48 25.50 -2.75 25.12
N ALA C 49 24.64 -3.44 25.86
CA ALA C 49 23.22 -3.39 25.55
C ALA C 49 22.61 -2.00 25.75
N GLY C 50 23.29 -1.09 26.45
CA GLY C 50 22.81 0.28 26.50
C GLY C 50 23.07 1.07 25.24
N ALA C 51 24.00 0.60 24.39
CA ALA C 51 24.38 1.32 23.17
C ALA C 51 23.22 1.46 22.19
N PRO C 52 22.58 0.39 21.69
CA PRO C 52 21.44 0.58 20.79
C PRO C 52 20.28 1.35 21.44
N VAL C 53 20.08 1.18 22.75
CA VAL C 53 19.06 1.97 23.44
C VAL C 53 19.37 3.46 23.32
N TYR C 54 20.62 3.84 23.59
CA TYR C 54 21.02 5.24 23.53
C TYR C 54 20.88 5.79 22.12
N LEU C 55 21.36 5.02 21.13
CA LEU C 55 21.34 5.47 19.75
C LEU C 55 19.92 5.57 19.19
N ALA C 56 19.05 4.62 19.55
CA ALA C 56 17.65 4.70 19.15
C ALA C 56 17.00 5.97 19.68
N ALA C 57 17.31 6.35 20.92
CA ALA C 57 16.76 7.58 21.48
C ALA C 57 17.21 8.80 20.68
N VAL C 58 18.45 8.76 20.18
CA VAL C 58 18.97 9.89 19.40
C VAL C 58 18.32 9.96 18.03
N LEU C 59 18.25 8.83 17.31
CA LEU C 59 17.64 8.84 15.98
C LEU C 59 16.17 9.19 16.06
N GLU C 60 15.48 8.76 17.11
CA GLU C 60 14.09 9.13 17.29
C GLU C 60 13.94 10.61 17.60
N TYR C 61 14.80 11.15 18.47
CA TYR C 61 14.74 12.57 18.79
C TYR C 61 14.96 13.42 17.55
N LEU C 62 16.00 13.11 16.77
CA LEU C 62 16.27 13.85 15.55
C LEU C 62 15.14 13.70 14.54
N THR C 63 14.54 12.51 14.47
CA THR C 63 13.39 12.30 13.60
C THR C 63 12.21 13.18 14.03
N ALA C 64 11.99 13.31 15.34
CA ALA C 64 10.91 14.17 15.82
C ALA C 64 11.14 15.62 15.46
N GLU C 65 12.38 16.11 15.61
CA GLU C 65 12.69 17.50 15.29
C GLU C 65 12.39 17.82 13.83
N ILE C 66 12.75 16.92 12.92
CA ILE C 66 12.51 17.16 11.50
C ILE C 66 11.02 17.10 11.19
N LEU C 67 10.34 16.06 11.67
CA LEU C 67 8.92 15.90 11.36
C LEU C 67 8.06 16.99 11.99
N GLU C 68 8.44 17.50 13.17
CA GLU C 68 7.69 18.58 13.78
C GLU C 68 7.81 19.85 12.96
N LEU C 69 9.04 20.22 12.57
CA LEU C 69 9.23 21.39 11.73
C LEU C 69 8.59 21.21 10.36
N ALA C 70 8.63 19.99 9.82
CA ALA C 70 8.03 19.73 8.51
C ALA C 70 6.50 19.84 8.56
N GLY C 71 5.88 19.33 9.63
CA GLY C 71 4.44 19.48 9.77
C GLY C 71 4.02 20.93 9.87
N ASN C 72 4.80 21.75 10.59
CA ASN C 72 4.54 23.18 10.61
C ASN C 72 4.68 23.79 9.23
N ALA C 73 5.69 23.35 8.46
CA ALA C 73 5.88 23.87 7.11
C ALA C 73 4.73 23.48 6.20
N ALA C 74 4.18 22.27 6.39
CA ALA C 74 3.00 21.87 5.62
C ALA C 74 1.79 22.74 6.00
N ARG C 75 1.64 23.05 7.29
CA ARG C 75 0.53 23.89 7.71
C ARG C 75 0.66 25.30 7.15
N ASP C 76 1.88 25.84 7.12
CA ASP C 76 2.10 27.16 6.52
C ASP C 76 1.65 27.18 5.06
N ASN C 77 1.89 26.09 4.32
CA ASN C 77 1.42 25.93 2.95
C ASN C 77 -0.01 25.38 2.88
N LYS C 78 -0.67 25.21 4.02
CA LYS C 78 -2.09 24.80 4.10
C LYS C 78 -2.34 23.40 3.54
N LYS C 79 -1.34 22.52 3.62
CA LYS C 79 -1.48 21.12 3.22
C LYS C 79 -1.55 20.23 4.45
N THR C 80 -2.34 19.15 4.33
CA THR C 80 -2.46 18.14 5.38
C THR C 80 -1.40 17.05 5.29
N ARG C 81 -0.45 17.16 4.37
CA ARG C 81 0.48 16.07 4.09
C ARG C 81 1.88 16.60 3.84
N ILE C 82 2.88 15.90 4.39
CA ILE C 82 4.28 16.28 4.22
C ILE C 82 4.78 15.75 2.88
N ILE C 83 5.43 16.63 2.12
CA ILE C 83 6.09 16.27 0.86
C ILE C 83 7.55 16.71 0.97
N PRO C 84 8.44 16.13 0.15
CA PRO C 84 9.88 16.45 0.30
C PRO C 84 10.21 17.93 0.34
N ARG C 85 9.44 18.77 -0.37
CA ARG C 85 9.62 20.22 -0.29
C ARG C 85 9.54 20.71 1.15
N HIS C 86 8.61 20.17 1.93
CA HIS C 86 8.40 20.64 3.29
C HIS C 86 9.51 20.20 4.22
N LEU C 87 10.16 19.07 3.93
CA LEU C 87 11.37 18.69 4.65
C LEU C 87 12.51 19.65 4.33
N GLN C 88 12.70 19.97 3.05
CA GLN C 88 13.80 20.87 2.64
C GLN C 88 13.69 22.21 3.35
N LEU C 89 12.49 22.81 3.36
CA LEU C 89 12.30 24.09 4.02
C LEU C 89 12.51 23.97 5.53
N ALA C 90 11.94 22.93 6.14
CA ALA C 90 12.04 22.76 7.59
C ALA C 90 13.48 22.61 8.04
N ILE C 91 14.28 21.87 7.27
CA ILE C 91 15.69 21.63 7.62
C ILE C 91 16.47 22.94 7.59
N ARG C 92 16.20 23.78 6.59
CA ARG C 92 17.00 24.99 6.39
C ARG C 92 16.56 26.13 7.29
N ASN C 93 15.33 26.09 7.80
CA ASN C 93 14.84 27.10 8.73
C ASN C 93 15.35 26.91 10.16
N ASP C 94 16.08 25.82 10.43
CA ASP C 94 16.80 25.61 11.70
C ASP C 94 18.27 25.46 11.38
N GLU C 95 19.08 26.45 11.78
CA GLU C 95 20.48 26.47 11.38
C GLU C 95 21.28 25.32 11.98
N GLU C 96 20.77 24.67 13.03
CA GLU C 96 21.45 23.48 13.53
C GLU C 96 21.30 22.32 12.56
N LEU C 97 20.06 22.06 12.11
CA LEU C 97 19.85 21.02 11.11
C LEU C 97 20.52 21.38 9.79
N ASN C 98 20.55 22.67 9.44
CA ASN C 98 21.22 23.09 8.21
C ASN C 98 22.72 22.82 8.26
N LYS C 99 23.31 22.92 9.44
CA LYS C 99 24.73 22.57 9.57
C LYS C 99 24.92 21.07 9.59
N LEU C 100 24.00 20.35 10.24
CA LEU C 100 24.10 18.90 10.29
C LEU C 100 23.96 18.28 8.89
N LEU C 101 23.10 18.86 8.06
CA LEU C 101 22.81 18.36 6.73
C LEU C 101 23.34 19.28 5.63
N GLY C 102 24.50 19.89 5.86
CA GLY C 102 25.01 20.93 4.98
C GLY C 102 25.43 20.42 3.60
N ARG C 103 25.72 19.12 3.49
CA ARG C 103 26.12 18.53 2.21
C ARG C 103 25.10 17.53 1.66
N VAL C 104 23.83 17.61 2.10
CA VAL C 104 22.78 16.67 1.71
C VAL C 104 21.90 17.28 0.63
N THR C 105 21.56 16.47 -0.38
CA THR C 105 20.63 16.87 -1.44
C THR C 105 19.32 16.13 -1.25
N ILE C 106 18.21 16.85 -1.35
CA ILE C 106 16.88 16.33 -1.09
C ILE C 106 16.16 16.18 -2.41
N ALA C 107 15.59 14.99 -2.64
CA ALA C 107 14.82 14.73 -3.85
C ALA C 107 13.57 15.61 -3.90
N GLN C 108 13.40 16.35 -5.00
CA GLN C 108 12.31 17.30 -5.15
C GLN C 108 12.28 18.34 -4.02
N GLY C 109 13.45 18.69 -3.49
CA GLY C 109 13.52 19.63 -2.38
C GLY C 109 13.24 21.07 -2.78
N GLY C 110 13.62 21.45 -4.01
CA GLY C 110 13.61 22.87 -4.37
C GLY C 110 14.68 23.60 -3.55
N VAL C 111 14.57 24.93 -3.51
CA VAL C 111 15.52 25.77 -2.77
C VAL C 111 14.77 26.87 -2.02
N LEU C 112 15.53 27.65 -1.23
CA LEU C 112 14.95 28.73 -0.46
C LEU C 112 14.64 29.93 -1.35
N PRO C 113 13.59 30.69 -1.03
CA PRO C 113 13.25 31.87 -1.85
C PRO C 113 14.13 33.07 -1.53
N ASN C 114 15.45 32.89 -1.47
CA ASN C 114 16.35 33.98 -1.12
C ASN C 114 16.74 34.77 -2.35
N ILE C 115 16.49 36.08 -2.33
CA ILE C 115 16.91 37.00 -3.39
C ILE C 115 17.79 38.07 -2.75
N GLN C 116 19.01 38.23 -3.27
CA GLN C 116 19.95 39.20 -2.72
C GLN C 116 19.45 40.62 -2.94
N ALA C 117 19.61 41.47 -1.92
CA ALA C 117 18.96 42.78 -1.90
C ALA C 117 19.42 43.68 -3.03
N VAL C 118 20.65 43.48 -3.53
CA VAL C 118 21.17 44.31 -4.61
C VAL C 118 20.44 44.10 -5.93
N LEU C 119 19.69 43.01 -6.06
CA LEU C 119 19.02 42.65 -7.31
C LEU C 119 17.62 43.28 -7.44
N LEU C 120 16.99 43.60 -6.32
CA LEU C 120 15.63 44.13 -6.31
C LEU C 120 15.59 45.53 -6.93
N PRO C 121 14.46 45.95 -7.48
CA PRO C 121 14.41 47.20 -8.27
C PRO C 121 14.56 48.44 -7.40
N LYS C 122 15.59 49.23 -7.69
CA LYS C 122 15.79 50.54 -7.08
C LYS C 122 16.74 51.39 -7.93
N ARG D 35 7.90 -14.73 -0.37
CA ARG D 35 8.77 -13.90 -1.21
C ARG D 35 9.51 -12.84 -0.40
N SER D 36 10.06 -11.85 -1.11
CA SER D 36 10.98 -10.89 -0.52
C SER D 36 10.28 -9.89 0.41
N ARG D 37 11.07 -9.39 1.37
CA ARG D 37 10.66 -8.44 2.39
C ARG D 37 11.82 -7.48 2.61
N LYS D 38 11.52 -6.27 3.05
CA LYS D 38 12.52 -5.20 3.08
C LYS D 38 12.58 -4.50 4.43
N GLU D 39 13.76 -3.99 4.78
CA GLU D 39 13.93 -3.21 6.00
C GLU D 39 13.81 -1.71 5.73
N SER D 40 13.02 -1.03 6.55
CA SER D 40 12.85 0.42 6.50
C SER D 40 12.35 0.91 7.84
N TYR D 41 12.27 2.23 7.98
CA TYR D 41 11.80 2.88 9.20
C TYR D 41 10.42 3.49 9.04
N SER D 42 9.67 3.11 7.99
CA SER D 42 8.43 3.82 7.64
C SER D 42 7.39 3.73 8.75
N ILE D 43 7.31 2.58 9.41
CA ILE D 43 6.39 2.39 10.54
C ILE D 43 6.67 3.40 11.63
N TYR D 44 7.94 3.57 11.99
CA TYR D 44 8.31 4.41 13.12
C TYR D 44 8.28 5.89 12.75
N VAL D 45 8.67 6.22 11.51
CA VAL D 45 8.51 7.59 11.00
C VAL D 45 7.04 7.99 11.03
N TYR D 46 6.16 7.11 10.56
CA TYR D 46 4.72 7.35 10.62
C TYR D 46 4.26 7.54 12.06
N LYS D 47 4.76 6.72 12.98
CA LYS D 47 4.37 6.83 14.39
C LYS D 47 4.85 8.15 14.99
N VAL D 48 6.11 8.52 14.75
CA VAL D 48 6.64 9.77 15.30
C VAL D 48 5.88 10.97 14.75
N LEU D 49 5.53 10.93 13.45
CA LEU D 49 4.74 12.00 12.87
C LEU D 49 3.43 12.19 13.63
N LYS D 50 2.77 11.09 14.02
CA LYS D 50 1.53 11.20 14.78
C LYS D 50 1.72 11.82 16.15
N GLN D 51 2.94 11.79 16.70
CA GLN D 51 3.16 12.40 18.02
C GLN D 51 3.38 13.90 17.92
N VAL D 52 3.92 14.38 16.81
CA VAL D 52 4.13 15.81 16.63
C VAL D 52 2.96 16.48 15.91
N HIS D 53 2.29 15.75 15.01
CA HIS D 53 1.13 16.29 14.28
C HIS D 53 0.15 15.16 13.98
N PRO D 54 -0.75 14.87 14.92
CA PRO D 54 -1.64 13.70 14.77
C PRO D 54 -2.51 13.70 13.52
N ASP D 55 -2.82 14.87 12.97
CA ASP D 55 -3.72 14.98 11.83
C ASP D 55 -3.01 14.90 10.48
N THR D 56 -1.68 14.84 10.46
CA THR D 56 -0.90 15.04 9.25
C THR D 56 -0.46 13.69 8.67
N GLY D 57 -0.58 13.54 7.34
CA GLY D 57 -0.06 12.40 6.64
C GLY D 57 1.30 12.68 6.01
N ILE D 58 1.85 11.67 5.34
CA ILE D 58 3.19 11.77 4.75
C ILE D 58 3.21 11.06 3.40
N SER D 59 3.79 11.72 2.39
CA SER D 59 3.93 11.11 1.08
C SER D 59 5.03 10.06 1.09
N SER D 60 4.91 9.09 0.18
CA SER D 60 5.91 8.04 0.05
C SER D 60 7.28 8.63 -0.29
N LYS D 61 7.32 9.71 -1.08
CA LYS D 61 8.60 10.35 -1.39
C LYS D 61 9.25 10.92 -0.15
N ALA D 62 8.45 11.54 0.72
CA ALA D 62 8.98 12.09 1.98
C ALA D 62 9.40 10.97 2.92
N MET D 63 8.61 9.89 2.98
CA MET D 63 9.02 8.70 3.72
C MET D 63 10.39 8.22 3.24
N GLY D 64 10.63 8.27 1.92
CA GLY D 64 11.93 7.88 1.39
C GLY D 64 13.07 8.76 1.89
N ILE D 65 12.84 10.09 1.93
CA ILE D 65 13.83 11.01 2.50
C ILE D 65 14.13 10.64 3.96
N MET D 66 13.07 10.33 4.72
CA MET D 66 13.24 10.01 6.14
C MET D 66 14.05 8.74 6.34
N ASN D 67 13.89 7.76 5.44
CA ASN D 67 14.69 6.54 5.53
C ASN D 67 16.16 6.81 5.25
N SER D 68 16.45 7.65 4.26
CA SER D 68 17.84 8.04 4.02
C SER D 68 18.41 8.81 5.20
N PHE D 69 17.62 9.73 5.78
CA PHE D 69 18.12 10.50 6.91
C PHE D 69 18.51 9.60 8.08
N VAL D 70 17.65 8.63 8.40
CA VAL D 70 17.94 7.73 9.52
C VAL D 70 19.17 6.88 9.22
N ASN D 71 19.23 6.29 8.03
CA ASN D 71 20.38 5.48 7.67
C ASN D 71 21.68 6.30 7.64
N ASP D 72 21.60 7.57 7.28
CA ASP D 72 22.80 8.42 7.24
C ASP D 72 23.29 8.71 8.66
N ILE D 73 22.42 9.27 9.50
CA ILE D 73 22.81 9.62 10.86
C ILE D 73 23.29 8.38 11.61
N PHE D 74 22.68 7.23 11.33
CA PHE D 74 23.14 5.98 11.95
C PHE D 74 24.58 5.65 11.52
N GLU D 75 24.85 5.66 10.21
CA GLU D 75 26.19 5.34 9.71
C GLU D 75 27.23 6.30 10.27
N ARG D 76 26.87 7.58 10.43
CA ARG D 76 27.82 8.55 10.99
C ARG D 76 28.11 8.26 12.46
N ILE D 77 27.06 8.05 13.28
CA ILE D 77 27.26 7.77 14.70
C ILE D 77 27.95 6.42 14.89
N ALA D 78 27.51 5.41 14.12
CA ALA D 78 28.14 4.10 14.24
C ALA D 78 29.58 4.12 13.74
N GLY D 79 29.84 4.88 12.67
CA GLY D 79 31.20 5.00 12.19
C GLY D 79 32.11 5.78 13.14
N GLU D 80 31.57 6.82 13.76
CA GLU D 80 32.37 7.61 14.71
C GLU D 80 32.60 6.85 16.00
N ALA D 81 31.55 6.24 16.55
CA ALA D 81 31.71 5.41 17.74
C ALA D 81 32.73 4.31 17.50
N SER D 82 32.77 3.77 16.28
CA SER D 82 33.75 2.74 15.93
C SER D 82 35.19 3.26 16.03
N ARG D 83 35.43 4.51 15.61
CA ARG D 83 36.78 5.08 15.67
C ARG D 83 37.19 5.43 17.10
N LEU D 84 36.25 5.89 17.94
CA LEU D 84 36.56 6.10 19.35
C LEU D 84 37.02 4.81 20.01
N ALA D 85 36.35 3.68 19.70
CA ALA D 85 36.73 2.38 20.25
C ALA D 85 38.06 1.91 19.70
N HIS D 86 38.30 2.12 18.41
CA HIS D 86 39.58 1.78 17.82
C HIS D 86 40.71 2.59 18.45
N TYR D 87 40.49 3.88 18.64
CA TYR D 87 41.56 4.77 19.10
C TYR D 87 41.97 4.46 20.53
N ASN D 88 41.00 4.18 21.40
CA ASN D 88 41.30 3.80 22.76
C ASN D 88 41.57 2.30 22.91
N LYS D 89 41.48 1.56 21.81
CA LYS D 89 41.76 0.13 21.79
C LYS D 89 40.85 -0.64 22.72
N ARG D 90 39.62 -0.15 22.85
CA ARG D 90 38.61 -0.82 23.64
C ARG D 90 37.82 -1.80 22.78
N SER D 91 37.21 -2.80 23.44
CA SER D 91 36.65 -3.96 22.75
C SER D 91 35.17 -3.82 22.41
N THR D 92 34.48 -2.75 22.83
CA THR D 92 33.02 -2.70 22.74
C THR D 92 32.54 -1.26 22.56
N ILE D 93 31.47 -1.11 21.77
CA ILE D 93 30.73 0.15 21.69
C ILE D 93 29.73 0.19 22.84
N THR D 94 29.76 1.27 23.63
CA THR D 94 28.83 1.46 24.73
C THR D 94 28.03 2.74 24.51
N SER D 95 27.17 3.03 25.49
CA SER D 95 26.50 4.32 25.53
C SER D 95 27.51 5.45 25.66
N ARG D 96 28.71 5.17 26.16
CA ARG D 96 29.73 6.20 26.25
C ARG D 96 30.24 6.59 24.88
N GLU D 97 30.62 5.60 24.07
CA GLU D 97 31.09 5.89 22.72
C GLU D 97 30.01 6.58 21.89
N ILE D 98 28.76 6.16 22.05
CA ILE D 98 27.67 6.81 21.34
C ILE D 98 27.45 8.24 21.84
N GLN D 99 27.51 8.43 23.16
CA GLN D 99 27.35 9.77 23.73
C GLN D 99 28.42 10.72 23.23
N THR D 100 29.65 10.24 23.07
CA THR D 100 30.74 11.09 22.60
C THR D 100 30.62 11.37 21.11
N ALA D 101 30.31 10.33 20.31
CA ALA D 101 30.14 10.52 18.87
C ALA D 101 29.00 11.48 18.56
N VAL D 102 27.91 11.40 19.34
CA VAL D 102 26.81 12.35 19.18
C VAL D 102 27.29 13.77 19.44
N ARG D 103 28.03 13.96 20.53
CA ARG D 103 28.54 15.29 20.84
C ARG D 103 29.55 15.75 19.81
N LEU D 104 30.16 14.82 19.08
CA LEU D 104 31.10 15.19 18.03
C LEU D 104 30.39 15.45 16.70
N LEU D 105 29.26 14.79 16.47
CA LEU D 105 28.57 14.93 15.20
C LEU D 105 27.55 16.05 15.20
N LEU D 106 26.83 16.25 16.30
CA LEU D 106 25.73 17.20 16.25
C LEU D 106 26.18 18.59 16.67
N PRO D 107 25.44 19.60 16.24
CA PRO D 107 25.63 20.95 16.78
C PRO D 107 25.23 21.00 18.25
N GLY D 108 25.76 22.01 18.95
CA GLY D 108 25.73 22.01 20.41
C GLY D 108 24.33 21.92 20.98
N GLU D 109 23.37 22.64 20.39
CA GLU D 109 22.01 22.63 20.93
C GLU D 109 21.36 21.27 20.72
N LEU D 110 21.46 20.72 19.51
CA LEU D 110 20.91 19.40 19.27
C LEU D 110 21.61 18.35 20.13
N ALA D 111 22.89 18.56 20.43
CA ALA D 111 23.65 17.62 21.25
C ALA D 111 23.08 17.53 22.67
N LYS D 112 22.79 18.69 23.28
CA LYS D 112 22.24 18.70 24.63
C LYS D 112 20.97 17.85 24.72
N HIS D 113 20.03 18.07 23.81
CA HIS D 113 18.74 17.38 23.87
C HIS D 113 18.89 15.90 23.52
N ALA D 114 19.70 15.60 22.51
CA ALA D 114 19.95 14.20 22.14
C ALA D 114 20.56 13.43 23.31
N VAL D 115 21.57 14.02 23.97
CA VAL D 115 22.19 13.38 25.14
C VAL D 115 21.16 13.15 26.24
N SER D 116 20.31 14.14 26.48
CA SER D 116 19.29 14.01 27.52
C SER D 116 18.36 12.84 27.23
N GLU D 117 17.94 12.69 25.97
CA GLU D 117 17.04 11.60 25.61
C GLU D 117 17.73 10.24 25.67
N GLY D 118 18.98 10.16 25.19
CA GLY D 118 19.71 8.91 25.30
C GLY D 118 19.95 8.52 26.75
N THR D 119 20.23 9.51 27.61
CA THR D 119 20.43 9.24 29.03
C THR D 119 19.16 8.70 29.68
N LYS D 120 18.01 9.33 29.40
CA LYS D 120 16.75 8.84 29.93
C LYS D 120 16.45 7.43 29.44
N ALA D 121 16.69 7.18 28.15
CA ALA D 121 16.41 5.86 27.57
C ALA D 121 17.21 4.77 28.27
N VAL D 122 18.51 4.95 28.39
CA VAL D 122 19.34 3.98 29.09
C VAL D 122 18.90 3.85 30.55
N THR D 123 18.63 4.99 31.21
CA THR D 123 18.21 4.97 32.61
C THR D 123 16.94 4.17 32.78
N LYS D 124 15.95 4.40 31.92
CA LYS D 124 14.69 3.67 32.00
C LYS D 124 14.89 2.20 31.63
N TYR D 125 15.62 1.94 30.54
CA TYR D 125 15.87 0.57 30.12
C TYR D 125 16.56 -0.24 31.22
N THR D 126 17.47 0.40 31.96
CA THR D 126 18.14 -0.28 33.06
C THR D 126 17.16 -0.63 34.18
N SER D 127 16.18 0.24 34.43
CA SER D 127 15.20 -0.01 35.47
C SER D 127 14.17 -1.04 35.03
N ALA D 128 13.78 -1.01 33.76
CA ALA D 128 12.75 -1.88 33.22
C ALA D 128 13.16 -3.35 33.28
N PRO E 42 1.37 49.47 -27.85
CA PRO E 42 1.60 48.20 -27.15
C PRO E 42 2.17 48.42 -25.75
N HIS E 43 2.39 47.32 -25.03
CA HIS E 43 3.14 47.33 -23.77
C HIS E 43 4.17 46.21 -23.78
N ARG E 44 5.36 46.51 -23.28
CA ARG E 44 6.38 45.50 -23.02
C ARG E 44 7.19 45.89 -21.78
N TYR E 45 7.75 44.87 -21.13
CA TYR E 45 8.40 45.09 -19.85
C TYR E 45 9.73 45.81 -20.00
N ARG E 46 9.90 46.87 -19.21
CA ARG E 46 11.23 47.33 -18.88
C ARG E 46 11.93 46.21 -18.14
N PRO E 47 13.15 45.84 -18.54
CA PRO E 47 13.64 44.47 -18.28
C PRO E 47 13.91 44.15 -16.81
N GLY E 48 13.76 42.87 -16.48
CA GLY E 48 14.20 42.32 -15.22
C GLY E 48 13.10 41.98 -14.24
N THR E 49 11.93 42.62 -14.33
CA THR E 49 10.85 42.26 -13.40
C THR E 49 10.44 40.83 -13.62
N VAL E 50 10.46 40.37 -14.88
CA VAL E 50 10.22 38.96 -15.14
C VAL E 50 11.32 38.09 -14.54
N ALA E 51 12.57 38.56 -14.61
CA ALA E 51 13.68 37.79 -14.06
C ALA E 51 13.50 37.57 -12.55
N LEU E 52 13.06 38.60 -11.84
CA LEU E 52 12.80 38.45 -10.41
C LEU E 52 11.59 37.54 -10.17
N ARG E 53 10.61 37.57 -11.07
CA ARG E 53 9.48 36.65 -10.96
C ARG E 53 9.90 35.20 -11.23
N GLU E 54 10.78 34.98 -12.21
CA GLU E 54 11.30 33.63 -12.45
C GLU E 54 12.09 33.11 -11.27
N ILE E 55 12.94 33.97 -10.69
CA ILE E 55 13.64 33.60 -9.46
C ILE E 55 12.66 33.16 -8.39
N ARG E 56 11.59 33.95 -8.18
CA ARG E 56 10.56 33.59 -7.21
C ARG E 56 9.88 32.28 -7.58
N ARG E 57 9.50 32.13 -8.85
CA ARG E 57 8.77 30.94 -9.28
C ARG E 57 9.65 29.69 -9.20
N TYR E 58 10.86 29.75 -9.76
CA TYR E 58 11.69 28.56 -9.81
C TYR E 58 12.31 28.21 -8.46
N GLN E 59 12.49 29.20 -7.57
CA GLN E 59 12.88 28.89 -6.20
C GLN E 59 11.72 28.26 -5.44
N LYS E 60 10.49 28.64 -5.79
CA LYS E 60 9.31 28.08 -5.12
C LYS E 60 9.02 26.66 -5.58
N SER E 61 9.22 26.36 -6.87
CA SER E 61 8.88 25.04 -7.41
C SER E 61 9.97 24.02 -7.07
N THR E 62 9.67 22.74 -7.34
CA THR E 62 10.59 21.65 -7.05
C THR E 62 11.06 20.89 -8.27
N GLU E 63 10.23 20.83 -9.31
CA GLU E 63 10.41 19.88 -10.40
C GLU E 63 11.71 20.12 -11.17
N LEU E 64 12.11 19.09 -11.90
CA LEU E 64 13.24 19.18 -12.82
C LEU E 64 13.12 20.42 -13.69
N LEU E 65 14.22 21.16 -13.81
CA LEU E 65 14.30 22.26 -14.76
C LEU E 65 14.98 21.85 -16.05
N ILE E 66 15.73 20.73 -16.03
CA ILE E 66 16.29 20.16 -17.25
C ILE E 66 15.28 19.24 -17.93
N ARG E 67 15.52 18.96 -19.20
CA ARG E 67 14.57 18.17 -19.97
C ARG E 67 14.65 16.70 -19.58
N LYS E 68 13.51 16.02 -19.63
CA LYS E 68 13.36 14.69 -19.03
C LYS E 68 14.15 13.64 -19.79
N LEU E 69 14.13 13.69 -21.13
CA LEU E 69 14.78 12.67 -21.97
C LEU E 69 16.22 12.98 -22.41
N PRO E 70 16.56 14.22 -22.82
CA PRO E 70 17.91 14.47 -23.35
C PRO E 70 19.03 14.16 -22.38
N PHE E 71 18.84 14.49 -21.10
CA PHE E 71 19.83 14.16 -20.08
C PHE E 71 20.09 12.66 -20.05
N GLN E 72 19.04 11.84 -20.22
CA GLN E 72 19.22 10.39 -20.20
C GLN E 72 20.10 9.92 -21.35
N ARG E 73 20.02 10.59 -22.51
CA ARG E 73 20.90 10.24 -23.62
C ARG E 73 22.33 10.71 -23.35
N LEU E 74 22.48 11.85 -22.69
CA LEU E 74 23.81 12.32 -22.32
C LEU E 74 24.48 11.36 -21.34
N VAL E 75 23.71 10.80 -20.40
CA VAL E 75 24.26 9.79 -19.50
C VAL E 75 24.74 8.57 -20.28
N ARG E 76 23.96 8.15 -21.29
CA ARG E 76 24.37 7.02 -22.11
C ARG E 76 25.62 7.34 -22.92
N GLU E 77 25.66 8.54 -23.51
CA GLU E 77 26.81 8.94 -24.33
C GLU E 77 28.10 8.95 -23.52
N ILE E 78 28.03 9.38 -22.26
CA ILE E 78 29.21 9.37 -21.40
C ILE E 78 29.54 7.95 -20.95
N ALA E 79 28.51 7.20 -20.52
CA ALA E 79 28.75 5.90 -19.90
C ALA E 79 29.35 4.90 -20.88
N GLN E 80 28.96 4.96 -22.16
CA GLN E 80 29.49 4.03 -23.15
C GLN E 80 31.01 4.14 -23.30
N ASP E 81 31.60 5.27 -22.93
CA ASP E 81 33.06 5.42 -22.97
C ASP E 81 33.73 4.48 -21.97
N PHE E 82 33.07 4.19 -20.85
CA PHE E 82 33.63 3.34 -19.82
C PHE E 82 33.27 1.87 -20.01
N LYS E 83 32.10 1.58 -20.57
CA LYS E 83 31.69 0.19 -20.85
C LYS E 83 30.48 0.21 -21.77
N THR E 84 30.50 -0.65 -22.79
CA THR E 84 29.37 -0.77 -23.70
C THR E 84 28.25 -1.61 -23.09
N ASP E 85 27.04 -1.44 -23.62
CA ASP E 85 25.87 -2.26 -23.26
C ASP E 85 25.47 -2.10 -21.79
N LEU E 86 25.77 -0.94 -21.19
CA LEU E 86 25.27 -0.63 -19.87
C LEU E 86 23.76 -0.40 -19.93
N ARG E 87 23.10 -0.70 -18.81
CA ARG E 87 21.64 -0.63 -18.70
C ARG E 87 21.27 0.26 -17.52
N PHE E 88 20.18 1.01 -17.66
CA PHE E 88 19.95 2.18 -16.82
C PHE E 88 18.59 2.08 -16.13
N GLN E 89 18.61 2.04 -14.80
CA GLN E 89 17.37 2.13 -14.05
C GLN E 89 16.87 3.57 -14.05
N SER E 90 15.54 3.74 -14.22
CA SER E 90 14.97 5.07 -14.25
C SER E 90 15.27 5.83 -12.96
N SER E 91 15.23 5.12 -11.82
CA SER E 91 15.59 5.71 -10.54
C SER E 91 17.04 6.17 -10.52
N ALA E 92 17.94 5.40 -11.14
CA ALA E 92 19.35 5.80 -11.21
C ALA E 92 19.52 7.10 -11.99
N VAL E 93 18.83 7.22 -13.13
CA VAL E 93 18.90 8.46 -13.90
C VAL E 93 18.28 9.62 -13.14
N MET E 94 17.16 9.36 -12.44
CA MET E 94 16.58 10.37 -11.57
C MET E 94 17.59 10.87 -10.54
N ALA E 95 18.37 9.96 -9.97
CA ALA E 95 19.39 10.36 -8.99
C ALA E 95 20.46 11.23 -9.61
N LEU E 96 20.90 10.87 -10.82
CA LEU E 96 21.91 11.68 -11.50
C LEU E 96 21.39 13.08 -11.78
N GLN E 97 20.13 13.19 -12.24
CA GLN E 97 19.56 14.50 -12.55
C GLN E 97 19.51 15.38 -11.31
N GLU E 98 18.93 14.88 -10.25
CA GLU E 98 18.84 15.67 -9.03
C GLU E 98 20.23 16.08 -8.55
N ALA E 99 21.20 15.19 -8.64
CA ALA E 99 22.56 15.53 -8.20
C ALA E 99 23.13 16.62 -9.10
N CYS E 100 22.93 16.51 -10.41
CA CYS E 100 23.47 17.51 -11.33
C CYS E 100 22.79 18.87 -11.16
N GLU E 101 21.47 18.88 -10.99
CA GLU E 101 20.77 20.14 -10.76
C GLU E 101 21.23 20.79 -9.46
N ALA E 102 21.25 20.02 -8.37
CA ALA E 102 21.71 20.54 -7.09
C ALA E 102 23.13 21.07 -7.19
N TYR E 103 24.02 20.34 -7.86
CA TYR E 103 25.37 20.84 -8.09
C TYR E 103 25.34 22.15 -8.88
N LEU E 104 24.62 22.17 -10.00
CA LEU E 104 24.62 23.37 -10.83
C LEU E 104 23.95 24.55 -10.12
N VAL E 105 22.80 24.31 -9.49
CA VAL E 105 22.15 25.37 -8.71
C VAL E 105 23.08 25.87 -7.60
N GLY E 106 23.63 24.94 -6.83
CA GLY E 106 24.59 25.34 -5.82
C GLY E 106 25.74 26.14 -6.40
N LEU E 107 26.26 25.70 -7.56
CA LEU E 107 27.30 26.45 -8.24
C LEU E 107 26.81 27.83 -8.63
N PHE E 108 25.55 27.92 -9.06
CA PHE E 108 25.05 29.23 -9.48
C PHE E 108 24.85 30.18 -8.30
N GLU E 109 24.58 29.66 -7.11
CA GLU E 109 24.53 30.54 -5.94
C GLU E 109 25.88 31.21 -5.71
N ASP E 110 26.95 30.41 -5.64
CA ASP E 110 28.29 30.95 -5.41
C ASP E 110 28.73 31.86 -6.56
N THR E 111 28.37 31.50 -7.80
CA THR E 111 28.64 32.33 -8.96
C THR E 111 27.95 33.69 -8.83
N ASN E 112 26.74 33.69 -8.29
CA ASN E 112 26.00 34.92 -8.08
C ASN E 112 26.72 35.82 -7.08
N LEU E 113 27.26 35.23 -6.03
CA LEU E 113 27.95 36.00 -4.99
C LEU E 113 29.26 36.60 -5.51
N CYS E 114 30.01 35.84 -6.31
CA CYS E 114 31.22 36.37 -6.93
C CYS E 114 30.90 37.56 -7.82
N ALA E 115 29.78 37.48 -8.54
CA ALA E 115 29.37 38.59 -9.41
C ALA E 115 29.00 39.81 -8.60
N ILE E 116 28.21 39.63 -7.54
CA ILE E 116 27.87 40.74 -6.64
C ILE E 116 29.13 41.35 -6.06
N HIS E 117 30.14 40.52 -5.79
CA HIS E 117 31.39 41.01 -5.23
C HIS E 117 32.13 41.90 -6.23
N ALA E 118 32.14 41.51 -7.50
CA ALA E 118 32.65 42.38 -8.55
C ALA E 118 31.69 43.53 -8.88
N LYS E 119 30.57 43.63 -8.15
CA LYS E 119 29.60 44.70 -8.31
C LYS E 119 28.96 44.74 -9.70
N ARG E 120 28.80 43.56 -10.29
CA ARG E 120 28.17 43.39 -11.60
C ARG E 120 26.74 42.88 -11.45
N VAL E 121 25.93 43.17 -12.48
CA VAL E 121 24.58 42.63 -12.58
C VAL E 121 24.60 41.24 -13.23
N THR E 122 25.57 40.97 -14.11
CA THR E 122 25.60 39.80 -14.99
C THR E 122 26.67 38.81 -14.51
N ILE E 123 26.33 37.53 -14.55
CA ILE E 123 27.33 36.50 -14.24
C ILE E 123 28.18 36.23 -15.48
N MET E 124 29.42 35.77 -15.26
CA MET E 124 30.41 35.57 -16.31
C MET E 124 31.16 34.27 -16.08
N PRO E 125 31.71 33.67 -17.16
CA PRO E 125 32.48 32.42 -16.99
C PRO E 125 33.52 32.52 -15.90
N LYS E 126 34.20 33.66 -15.79
CA LYS E 126 35.23 33.83 -14.79
C LYS E 126 34.67 33.79 -13.37
N ASP E 127 33.38 34.12 -13.19
CA ASP E 127 32.73 33.91 -11.89
C ASP E 127 32.63 32.42 -11.58
N ILE E 128 32.26 31.62 -12.57
CA ILE E 128 32.15 30.18 -12.37
C ILE E 128 33.52 29.58 -12.05
N GLN E 129 34.55 29.96 -12.82
CA GLN E 129 35.91 29.45 -12.59
C GLN E 129 36.40 29.77 -11.18
N LEU E 130 36.10 30.96 -10.68
CA LEU E 130 36.55 31.32 -9.34
C LEU E 130 35.91 30.43 -8.29
N ALA E 131 34.58 30.39 -8.24
CA ALA E 131 33.89 29.63 -7.20
C ALA E 131 34.33 28.18 -7.19
N ARG E 132 34.43 27.56 -8.36
CA ARG E 132 34.95 26.21 -8.48
C ARG E 132 36.34 26.10 -7.88
N ARG E 133 37.23 27.04 -8.23
CA ARG E 133 38.62 26.99 -7.77
C ARG E 133 38.71 27.18 -6.25
N ILE E 134 37.90 28.08 -5.70
CA ILE E 134 37.83 28.24 -4.24
C ILE E 134 37.38 26.95 -3.57
N ARG E 135 36.43 26.24 -4.18
CA ARG E 135 35.85 24.98 -3.69
C ARG E 135 36.76 23.74 -3.93
N GLY E 136 37.98 23.94 -4.41
CA GLY E 136 38.89 22.83 -4.53
C GLY E 136 38.61 21.88 -5.66
N GLU E 137 37.96 22.34 -6.73
CA GLU E 137 37.72 21.51 -7.90
C GLU E 137 38.89 21.60 -8.89
N LEU F 26 25.09 7.03 -28.02
CA LEU F 26 25.01 7.76 -29.28
C LEU F 26 26.00 8.95 -29.30
N ARG F 27 25.53 10.15 -29.67
CA ARG F 27 26.43 11.28 -29.89
C ARG F 27 25.67 12.60 -29.77
N ASP F 28 26.41 13.64 -29.39
CA ASP F 28 25.94 15.04 -29.43
C ASP F 28 24.72 15.30 -28.54
N ASN F 29 24.72 14.72 -27.35
CA ASN F 29 23.67 14.98 -26.38
C ASN F 29 24.03 16.05 -25.37
N ILE F 30 25.29 16.53 -25.36
CA ILE F 30 25.64 17.69 -24.55
C ILE F 30 24.90 18.93 -25.04
N GLN F 31 24.62 18.99 -26.34
CA GLN F 31 23.74 20.01 -26.90
C GLN F 31 22.31 19.87 -26.40
N GLY F 32 21.95 18.70 -25.85
CA GLY F 32 20.65 18.47 -25.24
C GLY F 32 20.48 19.11 -23.88
N ILE F 33 21.56 19.65 -23.30
CA ILE F 33 21.46 20.52 -22.12
C ILE F 33 21.22 21.92 -22.66
N THR F 34 19.94 22.27 -22.82
CA THR F 34 19.56 23.39 -23.65
C THR F 34 19.75 24.73 -22.93
N LYS F 35 19.73 25.81 -23.72
CA LYS F 35 20.01 27.14 -23.17
C LYS F 35 18.99 27.60 -22.12
N PRO F 36 17.68 27.59 -22.39
CA PRO F 36 16.75 28.03 -21.34
C PRO F 36 16.74 27.17 -20.11
N ALA F 37 17.06 25.88 -20.23
CA ALA F 37 17.20 25.02 -19.05
C ALA F 37 18.35 25.48 -18.16
N ILE F 38 19.50 25.78 -18.78
CA ILE F 38 20.60 26.41 -18.05
C ILE F 38 20.14 27.71 -17.39
N ARG F 39 19.33 28.51 -18.10
CA ARG F 39 18.77 29.74 -17.51
C ARG F 39 17.98 29.42 -16.25
N ARG F 40 17.10 28.41 -16.32
CA ARG F 40 16.26 28.08 -15.17
C ARG F 40 17.09 27.69 -13.97
N LEU F 41 18.14 26.89 -14.17
CA LEU F 41 19.05 26.51 -13.07
C LEU F 41 19.69 27.74 -12.43
N ALA F 42 20.04 28.74 -13.25
CA ALA F 42 20.58 29.98 -12.71
C ALA F 42 19.51 30.84 -12.07
N ARG F 43 18.23 30.66 -12.45
CA ARG F 43 17.16 31.36 -11.75
C ARG F 43 17.00 30.86 -10.33
N ARG F 44 17.15 29.55 -10.12
CA ARG F 44 17.18 29.03 -8.75
C ARG F 44 18.36 29.60 -7.98
N GLY F 45 19.50 29.76 -8.65
CA GLY F 45 20.66 30.37 -8.03
C GLY F 45 20.53 31.85 -7.85
N GLY F 46 19.35 32.37 -8.14
CA GLY F 46 19.07 33.78 -7.95
C GLY F 46 19.72 34.68 -8.97
N VAL F 47 20.12 34.13 -10.12
CA VAL F 47 20.89 34.91 -11.08
C VAL F 47 19.97 35.82 -11.89
N LYS F 48 20.22 37.14 -11.82
CA LYS F 48 19.37 38.13 -12.47
C LYS F 48 19.67 38.30 -13.96
N ARG F 49 20.95 38.26 -14.35
CA ARG F 49 21.34 38.37 -15.76
C ARG F 49 22.47 37.40 -16.06
N ILE F 50 22.40 36.74 -17.22
CA ILE F 50 23.30 35.65 -17.59
C ILE F 50 24.00 36.02 -18.89
N SER F 51 25.32 35.90 -18.92
CA SER F 51 26.06 36.29 -20.11
C SER F 51 26.10 35.15 -21.11
N GLY F 52 26.25 35.50 -22.38
CA GLY F 52 26.15 34.50 -23.44
C GLY F 52 27.20 33.41 -23.37
N LEU F 53 28.35 33.69 -22.76
CA LEU F 53 29.41 32.69 -22.67
C LEU F 53 29.15 31.66 -21.59
N ILE F 54 28.10 31.85 -20.79
CA ILE F 54 27.82 30.98 -19.64
C ILE F 54 27.43 29.57 -20.08
N TYR F 55 26.71 29.46 -21.20
CA TYR F 55 26.08 28.20 -21.57
C TYR F 55 27.10 27.12 -21.94
N GLU F 56 28.16 27.49 -22.65
CA GLU F 56 29.17 26.49 -22.97
C GLU F 56 30.03 26.17 -21.75
N GLU F 57 30.45 27.20 -21.02
CA GLU F 57 31.17 27.00 -19.77
C GLU F 57 30.39 26.09 -18.82
N THR F 58 29.06 26.26 -18.76
CA THR F 58 28.21 25.40 -17.95
C THR F 58 28.21 23.97 -18.47
N ARG F 59 28.14 23.80 -19.78
CA ARG F 59 28.14 22.46 -20.35
C ARG F 59 29.42 21.72 -20.05
N GLY F 60 30.56 22.41 -20.16
CA GLY F 60 31.82 21.77 -19.86
C GLY F 60 31.95 21.39 -18.39
N VAL F 61 31.46 22.26 -17.51
CA VAL F 61 31.47 21.99 -16.08
C VAL F 61 30.53 20.84 -15.74
N LEU F 62 29.33 20.84 -16.33
CA LEU F 62 28.40 19.74 -16.08
C LEU F 62 28.96 18.43 -16.61
N LYS F 63 29.64 18.47 -17.76
CA LYS F 63 30.18 17.24 -18.33
C LYS F 63 31.25 16.62 -17.43
N VAL F 64 32.11 17.45 -16.83
CA VAL F 64 33.11 16.96 -15.88
C VAL F 64 32.44 16.30 -14.70
N PHE F 65 31.40 16.94 -14.14
CA PHE F 65 30.68 16.39 -13.00
C PHE F 65 30.06 15.04 -13.34
N LEU F 66 29.38 14.96 -14.49
CA LEU F 66 28.77 13.70 -14.91
C LEU F 66 29.81 12.61 -15.14
N GLU F 67 30.94 12.95 -15.78
CA GLU F 67 31.98 11.96 -16.04
C GLU F 67 32.50 11.36 -14.73
N ASN F 68 32.73 12.19 -13.72
CA ASN F 68 33.27 11.69 -12.46
C ASN F 68 32.25 10.83 -11.71
N VAL F 69 30.97 11.20 -11.74
CA VAL F 69 29.94 10.41 -11.07
C VAL F 69 29.70 9.10 -11.80
N ILE F 70 29.54 9.15 -13.12
CA ILE F 70 29.23 7.95 -13.90
C ILE F 70 30.38 6.95 -13.82
N ARG F 71 31.63 7.44 -13.86
CA ARG F 71 32.79 6.54 -13.82
C ARG F 71 32.82 5.74 -12.52
N ASP F 72 32.57 6.40 -11.39
CA ASP F 72 32.53 5.70 -10.11
C ASP F 72 31.33 4.76 -10.02
N ALA F 73 30.17 5.21 -10.52
CA ALA F 73 28.98 4.37 -10.50
C ALA F 73 29.19 3.08 -11.28
N VAL F 74 29.72 3.20 -12.51
CA VAL F 74 30.01 2.03 -13.34
C VAL F 74 31.01 1.10 -12.66
N THR F 75 31.97 1.69 -11.94
CA THR F 75 32.96 0.88 -11.23
C THR F 75 32.31 0.07 -10.10
N TYR F 76 31.29 0.62 -9.44
CA TYR F 76 30.51 -0.17 -8.51
C TYR F 76 29.73 -1.27 -9.22
N THR F 77 29.11 -0.94 -10.36
CA THR F 77 28.29 -1.92 -11.08
C THR F 77 29.14 -3.05 -11.64
N GLU F 78 30.31 -2.73 -12.20
CA GLU F 78 31.24 -3.75 -12.66
C GLU F 78 31.69 -4.64 -11.51
N HIS F 79 31.94 -4.05 -10.34
CA HIS F 79 32.39 -4.86 -9.21
C HIS F 79 31.36 -5.90 -8.84
N ALA F 80 30.10 -5.52 -8.78
CA ALA F 80 29.03 -6.47 -8.54
C ALA F 80 28.78 -7.41 -9.70
N LYS F 81 29.52 -7.24 -10.81
CA LYS F 81 29.36 -8.01 -12.05
C LYS F 81 28.01 -7.80 -12.73
N ARG F 82 27.28 -6.75 -12.37
CA ARG F 82 26.02 -6.44 -13.01
C ARG F 82 26.27 -5.67 -14.31
N LYS F 83 25.22 -5.61 -15.14
CA LYS F 83 25.20 -4.76 -16.32
C LYS F 83 24.31 -3.55 -16.15
N THR F 84 23.58 -3.47 -15.04
CA THR F 84 22.54 -2.48 -14.80
C THR F 84 22.96 -1.61 -13.63
N VAL F 85 23.05 -0.30 -13.84
CA VAL F 85 23.36 0.65 -12.77
C VAL F 85 22.08 0.93 -12.00
N THR F 86 22.12 0.74 -10.69
CA THR F 86 20.97 1.02 -9.83
C THR F 86 21.18 2.34 -9.08
N ALA F 87 20.08 2.83 -8.48
CA ALA F 87 20.14 4.03 -7.67
C ALA F 87 21.26 3.94 -6.62
N MET F 88 21.39 2.78 -6.00
CA MET F 88 22.45 2.60 -4.99
C MET F 88 23.84 2.83 -5.57
N ASP F 89 24.08 2.39 -6.81
CA ASP F 89 25.36 2.64 -7.45
C ASP F 89 25.63 4.14 -7.59
N VAL F 90 24.62 4.89 -8.03
CA VAL F 90 24.76 6.34 -8.15
C VAL F 90 24.90 6.99 -6.77
N VAL F 91 24.09 6.54 -5.81
CA VAL F 91 24.12 7.12 -4.47
C VAL F 91 25.50 6.97 -3.83
N TYR F 92 26.11 5.79 -3.96
CA TYR F 92 27.47 5.60 -3.42
C TYR F 92 28.48 6.44 -4.21
N ALA F 93 28.34 6.50 -5.53
CA ALA F 93 29.25 7.30 -6.33
C ALA F 93 29.17 8.77 -5.94
N LEU F 94 27.97 9.24 -5.61
CA LEU F 94 27.81 10.63 -5.16
C LEU F 94 28.37 10.82 -3.76
N LYS F 95 28.06 9.88 -2.85
CA LYS F 95 28.41 10.02 -1.44
C LYS F 95 29.89 10.31 -1.24
N ARG F 96 30.76 9.54 -1.91
CA ARG F 96 32.19 9.68 -1.70
C ARG F 96 32.76 10.96 -2.29
N GLN F 97 32.08 11.57 -3.27
CA GLN F 97 32.43 12.90 -3.76
C GLN F 97 31.99 14.00 -2.80
N GLY F 98 31.71 13.66 -1.55
CA GLY F 98 31.31 14.62 -0.54
C GLY F 98 29.88 15.09 -0.65
N ARG F 99 29.02 14.39 -1.36
CA ARG F 99 27.66 14.83 -1.63
C ARG F 99 26.70 13.66 -1.43
N THR F 100 25.90 13.72 -0.36
CA THR F 100 24.95 12.67 -0.04
C THR F 100 23.59 13.04 -0.61
N LEU F 101 22.94 12.07 -1.26
CA LEU F 101 21.65 12.27 -1.91
C LEU F 101 20.60 11.42 -1.21
N TYR F 102 19.58 12.07 -0.68
CA TYR F 102 18.52 11.35 0.00
C TYR F 102 17.38 11.07 -0.98
N GLY F 103 16.56 10.07 -0.64
CA GLY F 103 15.30 9.84 -1.31
C GLY F 103 15.34 8.83 -2.44
N PHE F 104 16.47 8.18 -2.66
CA PHE F 104 16.62 7.21 -3.74
C PHE F 104 17.08 5.85 -3.22
N GLY F 105 16.60 5.47 -2.05
CA GLY F 105 17.27 4.43 -1.31
C GLY F 105 18.52 4.99 -0.65
N GLY F 106 19.17 4.14 0.14
CA GLY F 106 20.31 4.56 0.93
C GLY F 106 19.85 5.32 2.17
N ARG G 15 60.30 -29.58 10.17
CA ARG G 15 59.92 -28.18 10.16
C ARG G 15 60.63 -27.44 9.03
N ALA G 16 59.85 -26.80 8.16
CA ALA G 16 60.40 -26.02 7.07
C ALA G 16 60.86 -24.65 7.56
N LYS G 17 62.00 -24.19 7.05
CA LYS G 17 62.54 -22.91 7.46
C LYS G 17 61.72 -21.78 6.86
N ALA G 18 61.48 -20.74 7.67
CA ALA G 18 60.45 -19.74 7.37
C ALA G 18 60.83 -18.83 6.23
N LYS G 19 59.88 -18.57 5.33
CA LYS G 19 59.98 -17.54 4.31
C LYS G 19 58.77 -16.61 4.41
N THR G 20 59.03 -15.31 4.54
CA THR G 20 57.95 -14.37 4.78
C THR G 20 57.16 -14.14 3.50
N ARG G 21 55.86 -13.83 3.67
CA ARG G 21 55.02 -13.57 2.49
C ARG G 21 55.49 -12.36 1.71
N SER G 22 56.09 -11.39 2.40
CA SER G 22 56.73 -10.27 1.71
C SER G 22 57.77 -10.77 0.74
N SER G 23 58.66 -11.64 1.21
CA SER G 23 59.69 -12.19 0.34
C SER G 23 59.08 -12.97 -0.81
N ARG G 24 58.02 -13.74 -0.54
CA ARG G 24 57.36 -14.51 -1.59
C ARG G 24 56.79 -13.61 -2.68
N ALA G 25 56.24 -12.46 -2.30
CA ALA G 25 55.66 -11.55 -3.27
C ALA G 25 56.68 -10.57 -3.84
N GLY G 26 57.91 -10.57 -3.33
CA GLY G 26 58.92 -9.67 -3.84
C GLY G 26 58.78 -8.25 -3.37
N LEU G 27 58.01 -8.04 -2.30
CA LEU G 27 57.73 -6.72 -1.76
C LEU G 27 58.68 -6.39 -0.62
N GLN G 28 58.70 -5.11 -0.28
CA GLN G 28 59.37 -4.65 0.93
C GLN G 28 58.40 -4.41 2.07
N PHE G 29 57.17 -3.96 1.77
CA PHE G 29 56.20 -3.67 2.82
C PHE G 29 55.75 -4.97 3.50
N PRO G 30 55.44 -4.91 4.81
CA PRO G 30 55.23 -6.14 5.59
C PRO G 30 53.84 -6.73 5.39
N VAL G 31 53.78 -7.85 4.68
CA VAL G 31 52.49 -8.43 4.31
C VAL G 31 51.75 -8.95 5.54
N GLY G 32 52.49 -9.37 6.56
CA GLY G 32 51.85 -9.88 7.77
C GLY G 32 51.21 -8.78 8.58
N ARG G 33 51.92 -7.68 8.77
CA ARG G 33 51.35 -6.53 9.45
C ARG G 33 50.08 -6.07 8.76
N VAL G 34 50.13 -5.97 7.43
CA VAL G 34 48.96 -5.52 6.67
C VAL G 34 47.80 -6.52 6.82
N HIS G 35 48.11 -7.82 6.86
CA HIS G 35 47.08 -8.83 7.10
C HIS G 35 46.47 -8.69 8.49
N ARG G 36 47.29 -8.31 9.49
CA ARG G 36 46.76 -7.99 10.81
C ARG G 36 45.89 -6.73 10.77
N LEU G 37 46.38 -5.65 10.16
CA LEU G 37 45.63 -4.40 10.12
C LEU G 37 44.31 -4.55 9.35
N LEU G 38 44.24 -5.48 8.40
CA LEU G 38 42.99 -5.76 7.71
C LEU G 38 42.09 -6.67 8.54
N ARG G 39 42.61 -7.84 8.94
CA ARG G 39 41.78 -8.91 9.48
C ARG G 39 41.30 -8.65 10.89
N LYS G 40 41.97 -7.79 11.65
CA LYS G 40 41.51 -7.39 12.97
C LYS G 40 41.55 -5.87 13.07
N GLY G 41 40.79 -5.33 14.01
CA GLY G 41 40.60 -3.91 14.06
C GLY G 41 39.47 -3.43 13.15
N ASN G 42 38.39 -4.20 13.15
CA ASN G 42 37.05 -3.75 12.74
C ASN G 42 37.01 -3.14 11.33
N TYR G 43 37.32 -3.97 10.36
CA TYR G 43 37.13 -3.68 8.94
C TYR G 43 36.34 -4.76 8.20
N SER G 44 36.37 -6.01 8.65
CA SER G 44 36.00 -7.12 7.80
C SER G 44 35.53 -8.30 8.63
N GLU G 45 34.70 -9.14 8.02
CA GLU G 45 34.34 -10.45 8.57
C GLU G 45 35.39 -11.50 8.24
N ARG G 46 35.95 -11.47 7.03
CA ARG G 46 37.03 -12.36 6.62
C ARG G 46 37.96 -11.60 5.68
N VAL G 47 39.24 -12.02 5.64
CA VAL G 47 40.27 -11.42 4.77
C VAL G 47 41.04 -12.54 4.07
N GLY G 48 41.00 -12.54 2.73
CA GLY G 48 41.69 -13.59 1.96
C GLY G 48 43.17 -13.29 1.75
N ALA G 49 43.95 -14.35 1.57
CA ALA G 49 45.41 -14.20 1.63
C ALA G 49 45.97 -13.30 0.52
N GLY G 50 45.31 -13.23 -0.64
CA GLY G 50 45.80 -12.35 -1.69
C GLY G 50 45.54 -10.88 -1.42
N ALA G 51 44.63 -10.57 -0.48
CA ALA G 51 44.30 -9.18 -0.22
C ALA G 51 45.45 -8.42 0.40
N PRO G 52 46.11 -8.89 1.47
CA PRO G 52 47.27 -8.16 2.01
C PRO G 52 48.39 -7.96 0.99
N VAL G 53 48.63 -8.97 0.16
CA VAL G 53 49.68 -8.85 -0.85
C VAL G 53 49.35 -7.72 -1.84
N TYR G 54 48.13 -7.71 -2.36
CA TYR G 54 47.72 -6.68 -3.31
C TYR G 54 47.93 -5.29 -2.72
N LEU G 55 47.49 -5.10 -1.47
CA LEU G 55 47.51 -3.78 -0.84
C LEU G 55 48.93 -3.36 -0.45
N ALA G 56 49.76 -4.32 -0.03
CA ALA G 56 51.15 -3.97 0.26
C ALA G 56 51.87 -3.46 -0.99
N ALA G 57 51.59 -4.08 -2.14
CA ALA G 57 52.15 -3.60 -3.38
C ALA G 57 51.68 -2.18 -3.68
N VAL G 58 50.37 -1.95 -3.56
CA VAL G 58 49.80 -0.63 -3.83
C VAL G 58 50.48 0.42 -2.96
N LEU G 59 50.48 0.20 -1.64
CA LEU G 59 51.12 1.13 -0.72
C LEU G 59 52.59 1.32 -1.07
N GLU G 60 53.26 0.23 -1.46
CA GLU G 60 54.67 0.33 -1.84
C GLU G 60 54.84 1.21 -3.06
N TYR G 61 53.94 1.07 -4.04
CA TYR G 61 54.01 1.86 -5.25
C TYR G 61 53.89 3.36 -4.96
N LEU G 62 52.82 3.76 -4.26
CA LEU G 62 52.63 5.17 -3.91
C LEU G 62 53.76 5.70 -3.02
N THR G 63 54.27 4.85 -2.13
CA THR G 63 55.41 5.26 -1.32
C THR G 63 56.61 5.55 -2.21
N ALA G 64 56.87 4.67 -3.18
CA ALA G 64 58.01 4.86 -4.07
C ALA G 64 57.85 6.11 -4.93
N GLU G 65 56.62 6.41 -5.37
CA GLU G 65 56.40 7.62 -6.18
C GLU G 65 56.70 8.87 -5.38
N ILE G 66 56.21 8.95 -4.14
CA ILE G 66 56.45 10.14 -3.34
C ILE G 66 57.93 10.29 -3.04
N LEU G 67 58.59 9.19 -2.71
CA LEU G 67 60.01 9.24 -2.39
C LEU G 67 60.86 9.53 -3.63
N GLU G 68 60.44 9.06 -4.81
CA GLU G 68 61.18 9.38 -6.03
C GLU G 68 61.14 10.86 -6.30
N LEU G 69 59.95 11.47 -6.24
CA LEU G 69 59.81 12.90 -6.49
C LEU G 69 60.50 13.73 -5.41
N ALA G 70 60.40 13.30 -4.15
CA ALA G 70 61.01 14.06 -3.07
C ALA G 70 62.53 13.97 -3.10
N GLY G 71 63.08 12.84 -3.51
CA GLY G 71 64.52 12.74 -3.67
C GLY G 71 65.04 13.68 -4.75
N ASN G 72 64.26 13.87 -5.80
CA ASN G 72 64.64 14.82 -6.85
C ASN G 72 64.60 16.25 -6.32
N ALA G 73 63.54 16.60 -5.58
CA ALA G 73 63.49 17.93 -4.95
C ALA G 73 64.64 18.14 -4.00
N ALA G 74 65.14 17.08 -3.36
CA ALA G 74 66.27 17.20 -2.45
C ALA G 74 67.56 17.50 -3.21
N ARG G 75 67.79 16.82 -4.33
CA ARG G 75 68.96 17.11 -5.15
C ARG G 75 68.87 18.49 -5.80
N ASP G 76 67.66 18.93 -6.17
CA ASP G 76 67.48 20.30 -6.66
C ASP G 76 67.86 21.34 -5.62
N ASN G 77 67.85 20.97 -4.33
CA ASN G 77 68.30 21.82 -3.24
C ASN G 77 69.70 21.44 -2.74
N LYS G 78 70.40 20.56 -3.46
CA LYS G 78 71.75 20.13 -3.15
C LYS G 78 71.83 19.44 -1.78
N LYS G 79 70.71 18.87 -1.34
CA LYS G 79 70.63 18.10 -0.11
C LYS G 79 70.78 16.64 -0.46
N THR G 80 71.17 15.83 0.54
CA THR G 80 71.04 14.38 0.46
C THR G 80 69.97 13.83 1.39
N ARG G 81 69.41 14.66 2.27
CA ARG G 81 68.42 14.22 3.23
C ARG G 81 67.08 14.83 2.85
N ILE G 82 66.06 13.97 2.77
CA ILE G 82 64.70 14.41 2.47
C ILE G 82 64.09 15.03 3.72
N ILE G 83 63.59 16.26 3.59
CA ILE G 83 62.95 17.00 4.68
C ILE G 83 61.49 17.25 4.31
N PRO G 84 60.63 17.65 5.28
CA PRO G 84 59.21 17.86 4.95
C PRO G 84 58.94 18.79 3.77
N ARG G 85 59.79 19.80 3.58
CA ARG G 85 59.65 20.69 2.42
C ARG G 85 59.65 19.89 1.12
N HIS G 86 60.57 18.93 1.00
CA HIS G 86 60.71 18.16 -0.23
C HIS G 86 59.48 17.28 -0.48
N LEU G 87 58.88 16.74 0.58
CA LEU G 87 57.64 15.99 0.43
C LEU G 87 56.52 16.89 -0.06
N GLN G 88 56.41 18.09 0.52
CA GLN G 88 55.40 19.06 0.07
C GLN G 88 55.59 19.40 -1.40
N LEU G 89 56.83 19.71 -1.81
CA LEU G 89 57.10 20.07 -3.20
C LEU G 89 56.73 18.93 -4.16
N ALA G 90 57.05 17.70 -3.78
CA ALA G 90 56.71 16.55 -4.61
C ALA G 90 55.21 16.41 -4.78
N ILE G 91 54.47 16.59 -3.68
CA ILE G 91 53.04 16.32 -3.66
C ILE G 91 52.25 17.40 -4.39
N ARG G 92 52.71 18.65 -4.35
CA ARG G 92 52.00 19.73 -5.03
C ARG G 92 52.39 19.87 -6.49
N ASN G 93 53.63 19.52 -6.85
CA ASN G 93 54.07 19.59 -8.23
C ASN G 93 53.43 18.49 -9.07
N ASP G 94 53.19 17.33 -8.49
CA ASP G 94 52.53 16.25 -9.21
C ASP G 94 51.02 16.44 -9.15
N GLU G 95 50.39 16.64 -10.32
CA GLU G 95 48.96 16.95 -10.36
C GLU G 95 48.10 15.85 -9.80
N GLU G 96 48.54 14.60 -9.89
CA GLU G 96 47.73 13.49 -9.39
C GLU G 96 47.88 13.34 -7.89
N LEU G 97 49.11 13.42 -7.37
CA LEU G 97 49.30 13.42 -5.93
C LEU G 97 48.61 14.61 -5.29
N ASN G 98 48.58 15.74 -6.00
CA ASN G 98 47.89 16.89 -5.47
C ASN G 98 46.37 16.70 -5.39
N LYS G 99 45.78 15.73 -6.10
CA LYS G 99 44.39 15.37 -5.84
C LYS G 99 44.28 14.39 -4.67
N LEU G 100 45.03 13.28 -4.73
CA LEU G 100 44.97 12.25 -3.70
C LEU G 100 45.21 12.85 -2.31
N LEU G 101 46.16 13.78 -2.19
CA LEU G 101 46.49 14.42 -0.94
C LEU G 101 46.09 15.89 -0.93
N GLY G 102 45.04 16.24 -1.69
CA GLY G 102 44.66 17.63 -1.90
C GLY G 102 44.15 18.36 -0.66
N ARG G 103 43.71 17.64 0.36
CA ARG G 103 43.25 18.24 1.60
C ARG G 103 44.22 17.99 2.77
N VAL G 104 45.32 17.28 2.54
CA VAL G 104 46.27 16.98 3.60
C VAL G 104 47.11 18.21 3.93
N THR G 105 47.41 18.38 5.22
CA THR G 105 48.33 19.41 5.70
C THR G 105 49.61 18.73 6.17
N ILE G 106 50.76 19.30 5.80
CA ILE G 106 52.07 18.73 6.08
C ILE G 106 52.86 19.70 6.95
N ALA G 107 53.44 19.19 8.04
CA ALA G 107 54.20 20.01 8.97
C ALA G 107 55.45 20.59 8.30
N GLN G 108 55.70 21.87 8.56
CA GLN G 108 56.81 22.62 7.92
C GLN G 108 56.82 22.45 6.41
N GLY G 109 55.65 22.28 5.81
CA GLY G 109 55.58 22.10 4.37
C GLY G 109 55.97 23.35 3.61
N GLY G 110 55.66 24.52 4.16
CA GLY G 110 55.82 25.70 3.33
C GLY G 110 54.77 25.67 2.23
N VAL G 111 54.99 26.51 1.21
CA VAL G 111 54.10 26.56 0.05
C VAL G 111 54.93 26.66 -1.22
N LEU G 112 54.25 26.52 -2.35
CA LEU G 112 54.87 26.74 -3.64
C LEU G 112 55.11 28.23 -3.87
N PRO G 113 56.11 28.58 -4.68
CA PRO G 113 56.39 30.00 -4.96
C PRO G 113 55.41 30.66 -5.92
N ASN G 114 54.11 30.49 -5.69
CA ASN G 114 53.07 30.98 -6.61
C ASN G 114 52.80 32.46 -6.34
N ILE G 115 53.16 33.31 -7.29
CA ILE G 115 52.85 34.73 -7.24
C ILE G 115 51.98 35.04 -8.45
N GLN G 116 50.80 35.61 -8.21
CA GLN G 116 49.86 35.89 -9.28
C GLN G 116 50.36 37.02 -10.18
N ALA G 117 50.16 36.86 -11.49
CA ALA G 117 50.78 37.75 -12.48
C ALA G 117 50.36 39.20 -12.29
N VAL G 118 49.12 39.44 -11.86
CA VAL G 118 48.62 40.80 -11.67
C VAL G 118 49.31 41.54 -10.53
N LEU G 119 50.04 40.82 -9.66
CA LEU G 119 50.78 41.44 -8.57
C LEU G 119 52.19 41.84 -8.97
N LEU G 120 52.67 41.37 -10.12
CA LEU G 120 54.04 41.62 -10.56
C LEU G 120 54.19 43.07 -11.03
N PRO G 121 55.43 43.59 -11.02
CA PRO G 121 55.65 44.98 -11.43
C PRO G 121 55.55 45.14 -12.94
N LYS G 122 55.31 46.38 -13.38
CA LYS G 122 55.14 46.67 -14.79
C LYS G 122 55.42 48.16 -15.06
N ARG H 35 59.87 -4.20 26.55
CA ARG H 35 59.32 -2.86 26.35
C ARG H 35 58.05 -2.92 25.52
N SER H 36 57.20 -1.90 25.68
CA SER H 36 55.99 -1.80 24.87
C SER H 36 56.32 -1.30 23.46
N ARG H 37 55.71 -1.93 22.46
CA ARG H 37 56.07 -1.75 21.06
C ARG H 37 54.94 -1.07 20.29
N LYS H 38 55.31 -0.17 19.38
CA LYS H 38 54.37 0.49 18.48
C LYS H 38 54.85 0.23 17.05
N GLU H 39 53.95 -0.21 16.17
CA GLU H 39 54.34 -0.50 14.79
C GLU H 39 54.39 0.78 13.95
N SER H 40 55.49 0.94 13.23
CA SER H 40 55.68 2.07 12.33
C SER H 40 56.30 1.55 11.04
N TYR H 41 56.16 2.34 9.96
CA TYR H 41 56.64 1.95 8.65
C TYR H 41 58.00 2.54 8.30
N SER H 42 58.70 3.11 9.28
CA SER H 42 59.96 3.82 9.04
C SER H 42 61.00 2.94 8.35
N ILE H 43 61.02 1.65 8.70
CA ILE H 43 61.95 0.69 8.12
C ILE H 43 61.73 0.58 6.62
N TYR H 44 60.51 0.18 6.23
CA TYR H 44 60.20 -0.10 4.84
C TYR H 44 60.16 1.17 4.01
N VAL H 45 59.78 2.29 4.62
CA VAL H 45 60.00 3.57 3.97
C VAL H 45 61.49 3.81 3.74
N TYR H 46 62.33 3.45 4.73
CA TYR H 46 63.78 3.61 4.56
C TYR H 46 64.45 2.37 4.00
N LYS H 47 63.68 1.54 3.29
CA LYS H 47 64.23 0.57 2.34
C LYS H 47 63.80 0.91 0.92
N VAL H 48 62.58 1.43 0.77
CA VAL H 48 62.08 1.85 -0.54
C VAL H 48 62.93 2.99 -1.08
N LEU H 49 63.29 3.96 -0.22
CA LEU H 49 64.15 5.05 -0.67
C LEU H 49 65.50 4.53 -1.17
N LYS H 50 66.11 3.59 -0.43
CA LYS H 50 67.40 3.04 -0.83
C LYS H 50 67.35 2.30 -2.17
N GLN H 51 66.16 1.88 -2.61
CA GLN H 51 66.00 1.27 -3.92
C GLN H 51 65.71 2.30 -5.02
N VAL H 52 65.40 3.54 -4.65
CA VAL H 52 65.05 4.59 -5.60
C VAL H 52 66.17 5.63 -5.72
N HIS H 53 66.67 6.10 -4.58
CA HIS H 53 67.80 7.04 -4.52
C HIS H 53 68.77 6.52 -3.48
N PRO H 54 69.66 5.57 -3.87
CA PRO H 54 70.47 4.87 -2.86
C PRO H 54 71.36 5.77 -2.03
N ASP H 55 71.74 6.95 -2.53
CA ASP H 55 72.63 7.85 -1.82
C ASP H 55 71.88 8.95 -1.03
N THR H 56 70.67 8.68 -0.55
CA THR H 56 69.88 9.66 0.19
C THR H 56 69.30 9.06 1.47
N GLY H 57 68.82 9.95 2.36
CA GLY H 57 68.22 9.54 3.62
C GLY H 57 67.05 10.44 3.96
N ILE H 58 66.38 10.13 5.08
CA ILE H 58 65.13 10.77 5.46
C ILE H 58 65.25 11.36 6.86
N SER H 59 64.82 12.60 7.02
CA SER H 59 64.76 13.19 8.36
C SER H 59 63.61 12.59 9.15
N SER H 60 63.77 12.56 10.47
CA SER H 60 62.77 11.97 11.35
C SER H 60 61.39 12.56 11.13
N LYS H 61 61.30 13.84 10.76
CA LYS H 61 60.01 14.46 10.53
C LYS H 61 59.42 14.06 9.18
N ALA H 62 60.25 14.07 8.13
CA ALA H 62 59.82 13.54 6.84
C ALA H 62 59.37 12.09 6.99
N MET H 63 60.12 11.30 7.76
CA MET H 63 59.69 9.95 8.08
C MET H 63 58.31 9.94 8.72
N GLY H 64 58.13 10.75 9.75
CA GLY H 64 56.84 10.80 10.41
C GLY H 64 55.71 11.14 9.45
N ILE H 65 56.01 11.97 8.45
CA ILE H 65 55.03 12.29 7.42
C ILE H 65 54.70 11.05 6.60
N MET H 66 55.73 10.28 6.23
CA MET H 66 55.52 9.11 5.37
C MET H 66 54.76 8.01 6.10
N ASN H 67 54.81 8.02 7.43
CA ASN H 67 54.01 7.09 8.22
C ASN H 67 52.54 7.48 8.20
N SER H 68 52.23 8.76 8.48
CA SER H 68 50.85 9.22 8.41
C SER H 68 50.27 9.10 7.00
N PHE H 69 51.11 9.22 5.97
CA PHE H 69 50.65 9.01 4.60
C PHE H 69 50.26 7.55 4.37
N VAL H 70 51.09 6.62 4.86
CA VAL H 70 50.78 5.19 4.72
C VAL H 70 49.51 4.84 5.48
N ASN H 71 49.40 5.27 6.74
CA ASN H 71 48.20 4.97 7.52
C ASN H 71 46.95 5.56 6.86
N ASP H 72 47.04 6.80 6.40
CA ASP H 72 45.90 7.44 5.75
C ASP H 72 45.46 6.63 4.53
N ILE H 73 46.38 6.35 3.62
CA ILE H 73 46.03 5.62 2.40
C ILE H 73 45.54 4.22 2.76
N PHE H 74 46.12 3.62 3.81
CA PHE H 74 45.69 2.29 4.22
C PHE H 74 44.24 2.32 4.73
N GLU H 75 43.93 3.29 5.59
CA GLU H 75 42.57 3.40 6.11
C GLU H 75 41.58 3.67 4.99
N ARG H 76 41.97 4.48 4.01
CA ARG H 76 41.07 4.79 2.91
C ARG H 76 40.74 3.55 2.10
N ILE H 77 41.78 2.80 1.71
CA ILE H 77 41.58 1.61 0.87
C ILE H 77 40.87 0.51 1.64
N ALA H 78 41.29 0.29 2.89
CA ALA H 78 40.61 -0.70 3.72
C ALA H 78 39.17 -0.31 3.99
N GLY H 79 38.91 0.99 4.20
CA GLY H 79 37.55 1.41 4.45
C GLY H 79 36.66 1.24 3.24
N GLU H 80 37.17 1.58 2.06
CA GLU H 80 36.37 1.44 0.86
C GLU H 80 36.18 -0.03 0.49
N ALA H 81 37.22 -0.86 0.63
CA ALA H 81 37.06 -2.30 0.41
C ALA H 81 36.05 -2.90 1.38
N SER H 82 35.97 -2.35 2.59
CA SER H 82 34.98 -2.78 3.56
C SER H 82 33.57 -2.41 3.11
N ARG H 83 33.39 -1.18 2.61
CA ARG H 83 32.07 -0.76 2.15
C ARG H 83 31.63 -1.53 0.92
N LEU H 84 32.58 -1.88 0.05
CA LEU H 84 32.22 -2.68 -1.12
C LEU H 84 31.68 -4.05 -0.72
N ALA H 85 32.33 -4.69 0.26
CA ALA H 85 31.81 -5.96 0.75
C ALA H 85 30.46 -5.80 1.41
N HIS H 86 30.28 -4.72 2.18
CA HIS H 86 29.01 -4.46 2.85
C HIS H 86 27.88 -4.24 1.85
N TYR H 87 28.11 -3.34 0.88
CA TYR H 87 27.10 -3.06 -0.14
C TYR H 87 26.69 -4.33 -0.88
N ASN H 88 27.64 -5.19 -1.17
CA ASN H 88 27.36 -6.42 -1.89
C ASN H 88 26.88 -7.54 -0.98
N LYS H 89 26.66 -7.25 0.31
CA LYS H 89 26.14 -8.22 1.28
C LYS H 89 27.00 -9.48 1.33
N ARG H 90 28.32 -9.31 1.35
CA ARG H 90 29.26 -10.44 1.26
C ARG H 90 30.36 -10.32 2.29
N SER H 91 30.89 -11.49 2.70
CA SER H 91 31.65 -11.61 3.94
C SER H 91 33.14 -11.31 3.75
N THR H 92 33.73 -11.73 2.63
CA THR H 92 35.17 -11.81 2.48
C THR H 92 35.75 -10.64 1.67
N ILE H 93 36.77 -10.01 2.22
CA ILE H 93 37.63 -9.07 1.49
C ILE H 93 38.64 -9.86 0.65
N THR H 94 38.74 -9.55 -0.64
CA THR H 94 39.68 -10.22 -1.55
C THR H 94 40.49 -9.18 -2.34
N SER H 95 41.32 -9.67 -3.24
CA SER H 95 42.06 -8.79 -4.13
C SER H 95 41.12 -7.92 -4.94
N ARG H 96 39.93 -8.43 -5.27
CA ARG H 96 38.99 -7.67 -6.08
C ARG H 96 38.51 -6.41 -5.36
N GLU H 97 38.08 -6.54 -4.10
CA GLU H 97 37.59 -5.39 -3.34
C GLU H 97 38.67 -4.32 -3.21
N ILE H 98 39.93 -4.75 -3.09
CA ILE H 98 41.04 -3.81 -3.03
C ILE H 98 41.30 -3.21 -4.41
N GLN H 99 41.30 -4.04 -5.46
CA GLN H 99 41.53 -3.52 -6.79
C GLN H 99 40.44 -2.53 -7.21
N THR H 100 39.23 -2.67 -6.66
CA THR H 100 38.16 -1.72 -6.96
C THR H 100 38.31 -0.46 -6.11
N ALA H 101 38.65 -0.61 -4.83
CA ALA H 101 38.88 0.56 -3.98
C ALA H 101 40.01 1.43 -4.49
N VAL H 102 41.04 0.81 -5.08
CA VAL H 102 42.17 1.57 -5.62
C VAL H 102 41.72 2.49 -6.75
N ARG H 103 40.97 1.94 -7.71
CA ARG H 103 40.47 2.74 -8.82
C ARG H 103 39.57 3.87 -8.35
N LEU H 104 38.86 3.66 -7.24
CA LEU H 104 37.97 4.67 -6.71
C LEU H 104 38.75 5.78 -6.02
N LEU H 105 39.86 5.44 -5.34
CA LEU H 105 40.57 6.42 -4.52
C LEU H 105 41.67 7.13 -5.29
N LEU H 106 42.30 6.44 -6.21
CA LEU H 106 43.41 7.10 -6.89
C LEU H 106 42.96 7.69 -8.22
N PRO H 107 43.62 8.77 -8.66
CA PRO H 107 43.41 9.25 -10.03
C PRO H 107 43.82 8.20 -11.05
N GLY H 108 43.29 8.34 -12.27
CA GLY H 108 43.38 7.25 -13.25
C GLY H 108 44.80 6.80 -13.55
N GLU H 109 45.73 7.75 -13.66
CA GLU H 109 47.11 7.40 -13.98
C GLU H 109 47.77 6.60 -12.87
N LEU H 110 47.62 7.07 -11.62
CA LEU H 110 48.13 6.30 -10.48
C LEU H 110 47.40 4.96 -10.35
N ALA H 111 46.10 4.93 -10.64
CA ALA H 111 45.31 3.71 -10.48
C ALA H 111 45.83 2.59 -11.37
N LYS H 112 46.14 2.91 -12.63
CA LYS H 112 46.59 1.87 -13.55
C LYS H 112 47.91 1.26 -13.12
N HIS H 113 48.85 2.09 -12.62
CA HIS H 113 50.15 1.58 -12.18
C HIS H 113 50.04 0.79 -10.89
N ALA H 114 49.33 1.34 -9.91
CA ALA H 114 49.05 0.60 -8.69
C ALA H 114 48.33 -0.72 -8.99
N VAL H 115 47.36 -0.69 -9.90
CA VAL H 115 46.69 -1.92 -10.31
C VAL H 115 47.68 -2.91 -10.91
N SER H 116 48.60 -2.42 -11.73
CA SER H 116 49.61 -3.30 -12.30
C SER H 116 50.47 -3.95 -11.21
N GLU H 117 51.00 -3.15 -10.30
CA GLU H 117 51.85 -3.70 -9.25
C GLU H 117 51.07 -4.67 -8.36
N GLY H 118 49.85 -4.31 -7.98
CA GLY H 118 49.05 -5.21 -7.16
C GLY H 118 48.78 -6.53 -7.87
N THR H 119 48.52 -6.47 -9.17
CA THR H 119 48.29 -7.69 -9.94
C THR H 119 49.55 -8.57 -9.97
N LYS H 120 50.72 -7.95 -10.18
CA LYS H 120 51.95 -8.72 -10.27
C LYS H 120 52.31 -9.36 -8.94
N ALA H 121 52.08 -8.64 -7.83
CA ALA H 121 52.40 -9.19 -6.51
C ALA H 121 51.55 -10.41 -6.20
N VAL H 122 50.23 -10.30 -6.39
CA VAL H 122 49.35 -11.45 -6.14
C VAL H 122 49.67 -12.58 -7.13
N THR H 123 49.89 -12.23 -8.40
CA THR H 123 50.22 -13.25 -9.40
C THR H 123 51.47 -14.03 -9.01
N LYS H 124 52.49 -13.34 -8.51
CA LYS H 124 53.71 -14.02 -8.07
C LYS H 124 53.47 -14.80 -6.78
N TYR H 125 52.78 -14.19 -5.81
CA TYR H 125 52.55 -14.85 -4.52
C TYR H 125 51.81 -16.17 -4.70
N THR H 126 50.78 -16.20 -5.54
CA THR H 126 50.05 -17.45 -5.78
C THR H 126 50.87 -18.43 -6.62
N SER H 127 51.78 -17.93 -7.45
CA SER H 127 52.69 -18.78 -8.20
C SER H 127 53.88 -19.24 -7.39
N ALA H 128 54.05 -18.74 -6.17
CA ALA H 128 55.21 -19.04 -5.35
C ALA H 128 54.81 -19.17 -3.88
N PRO K 116 -44.85 -27.97 -10.76
CA PRO K 116 -44.52 -29.12 -9.90
C PRO K 116 -43.48 -30.04 -10.54
N LEU K 117 -43.08 -31.07 -9.79
CA LEU K 117 -42.09 -32.03 -10.23
C LEU K 117 -42.76 -33.34 -10.67
N SER K 118 -42.13 -34.00 -11.63
CA SER K 118 -42.59 -35.30 -12.12
C SER K 118 -41.88 -36.43 -11.38
N SER K 119 -42.52 -37.60 -11.37
CA SER K 119 -41.91 -38.78 -10.76
C SER K 119 -40.81 -39.41 -11.62
N SER K 120 -40.68 -38.99 -12.88
CA SER K 120 -39.79 -39.66 -13.83
C SER K 120 -39.37 -38.70 -14.94
N VAL K 121 -38.47 -39.16 -15.79
CA VAL K 121 -37.97 -38.39 -16.94
C VAL K 121 -38.25 -39.16 -18.21
N PRO K 122 -38.85 -38.54 -19.24
CA PRO K 122 -39.01 -39.21 -20.53
C PRO K 122 -37.68 -39.47 -21.22
N SER K 123 -37.63 -40.54 -22.01
CA SER K 123 -36.43 -40.84 -22.78
C SER K 123 -36.29 -39.90 -23.97
N GLN K 124 -35.04 -39.54 -24.28
CA GLN K 124 -34.73 -38.60 -25.35
C GLN K 124 -33.85 -39.19 -26.44
N LYS K 125 -33.52 -40.47 -26.37
CA LYS K 125 -32.59 -41.09 -27.30
C LYS K 125 -33.19 -41.18 -28.70
N THR K 126 -32.41 -40.82 -29.71
CA THR K 126 -32.84 -40.94 -31.10
C THR K 126 -33.02 -42.42 -31.47
N TYR K 127 -34.11 -42.72 -32.18
CA TYR K 127 -34.45 -44.10 -32.53
C TYR K 127 -35.26 -44.07 -33.83
N GLN K 128 -34.63 -44.46 -34.94
CA GLN K 128 -35.29 -44.41 -36.24
C GLN K 128 -36.29 -45.55 -36.43
N GLY K 129 -36.08 -46.69 -35.78
CA GLY K 129 -37.02 -47.79 -35.80
C GLY K 129 -37.14 -48.50 -37.16
N SER K 130 -38.16 -49.36 -37.23
CA SER K 130 -38.39 -50.17 -38.43
C SER K 130 -38.75 -49.33 -39.64
N TYR K 131 -39.29 -48.14 -39.42
CA TYR K 131 -39.79 -47.28 -40.49
C TYR K 131 -38.81 -46.17 -40.89
N GLY K 132 -37.62 -46.15 -40.31
CA GLY K 132 -36.63 -45.13 -40.68
C GLY K 132 -37.05 -43.72 -40.36
N PHE K 133 -37.62 -43.50 -39.17
CA PHE K 133 -38.23 -42.23 -38.80
C PHE K 133 -37.16 -41.16 -38.57
N ARG K 134 -37.48 -39.91 -38.96
CA ARG K 134 -36.61 -38.76 -38.74
C ARG K 134 -37.39 -37.47 -38.98
N LEU K 135 -36.74 -36.34 -38.72
CA LEU K 135 -37.35 -35.02 -38.81
C LEU K 135 -36.67 -34.13 -39.85
N GLY K 136 -37.46 -33.20 -40.40
CA GLY K 136 -36.94 -32.19 -41.31
C GLY K 136 -37.65 -30.87 -41.11
N PHE K 137 -37.08 -29.81 -41.71
CA PHE K 137 -37.54 -28.45 -41.45
C PHE K 137 -37.37 -27.59 -42.70
N LEU K 138 -38.14 -26.50 -42.78
CA LEU K 138 -38.11 -25.63 -43.95
C LEU K 138 -36.84 -24.80 -44.02
N HIS K 139 -36.44 -24.47 -45.26
CA HIS K 139 -35.24 -23.67 -45.54
C HIS K 139 -35.47 -22.17 -45.40
N SER K 140 -36.14 -21.74 -44.33
CA SER K 140 -36.44 -20.33 -44.12
C SER K 140 -35.17 -19.53 -43.88
N GLY K 141 -35.23 -18.23 -44.21
CA GLY K 141 -34.10 -17.34 -44.03
C GLY K 141 -33.89 -16.85 -42.61
N THR K 142 -33.15 -15.74 -42.46
CA THR K 142 -32.84 -15.16 -41.15
C THR K 142 -33.20 -13.67 -41.10
N ALA K 143 -34.22 -13.26 -41.85
CA ALA K 143 -34.67 -11.87 -41.87
C ALA K 143 -35.39 -11.51 -40.57
N LYS K 144 -35.51 -10.21 -40.33
CA LYS K 144 -35.98 -9.73 -39.03
C LYS K 144 -37.46 -10.04 -38.80
N SER K 145 -38.24 -10.14 -39.89
CA SER K 145 -39.67 -10.38 -39.79
C SER K 145 -40.06 -11.86 -39.81
N VAL K 146 -39.09 -12.78 -39.78
CA VAL K 146 -39.39 -14.20 -39.94
C VAL K 146 -40.05 -14.75 -38.69
N THR K 147 -41.08 -15.59 -38.88
CA THR K 147 -41.83 -16.17 -37.77
C THR K 147 -41.23 -17.48 -37.27
N CYS K 148 -40.63 -18.29 -38.16
CA CYS K 148 -40.03 -19.57 -37.79
C CYS K 148 -38.88 -19.89 -38.72
N THR K 149 -37.78 -20.38 -38.15
CA THR K 149 -36.58 -20.76 -38.89
C THR K 149 -35.80 -21.82 -38.11
N TYR K 150 -35.07 -22.69 -38.83
CA TYR K 150 -34.39 -23.83 -38.22
C TYR K 150 -32.92 -23.87 -38.61
N SER K 151 -32.09 -24.35 -37.68
CA SER K 151 -30.64 -24.46 -37.88
C SER K 151 -30.21 -25.92 -37.85
N PRO K 152 -29.79 -26.50 -38.99
CA PRO K 152 -29.20 -27.86 -38.94
C PRO K 152 -27.90 -27.93 -38.14
N ALA K 153 -27.13 -26.84 -38.11
CA ALA K 153 -25.85 -26.85 -37.41
C ALA K 153 -26.04 -26.99 -35.90
N LEU K 154 -27.13 -26.44 -35.37
CA LEU K 154 -27.43 -26.48 -33.95
C LEU K 154 -28.50 -27.51 -33.58
N ASN K 155 -29.13 -28.14 -34.57
CA ASN K 155 -30.33 -28.96 -34.37
C ASN K 155 -31.38 -28.22 -33.53
N LYS K 156 -31.72 -26.99 -33.97
CA LYS K 156 -32.47 -26.07 -33.15
C LYS K 156 -33.47 -25.27 -33.98
N MET K 157 -34.67 -25.10 -33.44
CA MET K 157 -35.71 -24.27 -34.05
C MET K 157 -35.83 -22.94 -33.31
N PHE K 158 -35.96 -21.86 -34.09
CA PHE K 158 -36.16 -20.50 -33.59
C PHE K 158 -37.51 -20.01 -34.11
N CYS K 159 -38.39 -19.56 -33.20
CA CYS K 159 -39.75 -19.24 -33.60
C CYS K 159 -40.40 -18.22 -32.65
N GLN K 160 -41.39 -17.50 -33.17
CA GLN K 160 -42.16 -16.55 -32.38
C GLN K 160 -43.34 -17.24 -31.67
N LEU K 161 -43.81 -16.62 -30.59
CA LEU K 161 -44.91 -17.18 -29.81
C LEU K 161 -46.19 -17.22 -30.63
N ALA K 162 -46.87 -18.37 -30.60
CA ALA K 162 -48.16 -18.60 -31.24
C ALA K 162 -48.15 -18.61 -32.77
N LYS K 163 -46.98 -18.53 -33.39
CA LYS K 163 -46.89 -18.54 -34.84
C LYS K 163 -46.67 -19.96 -35.38
N THR K 164 -46.93 -20.12 -36.67
CA THR K 164 -46.85 -21.44 -37.32
C THR K 164 -45.41 -21.95 -37.35
N CYS K 165 -45.20 -23.17 -36.87
CA CYS K 165 -43.88 -23.81 -36.79
C CYS K 165 -43.93 -25.15 -37.51
N PRO K 166 -43.60 -25.20 -38.79
CA PRO K 166 -43.69 -26.47 -39.54
C PRO K 166 -42.57 -27.43 -39.15
N VAL K 167 -42.95 -28.68 -38.90
CA VAL K 167 -42.02 -29.78 -38.67
C VAL K 167 -42.36 -30.91 -39.64
N GLN K 168 -41.38 -31.33 -40.44
CA GLN K 168 -41.56 -32.43 -41.37
C GLN K 168 -41.25 -33.76 -40.71
N LEU K 169 -42.06 -34.78 -41.01
CA LEU K 169 -41.80 -36.15 -40.61
C LEU K 169 -41.36 -36.95 -41.83
N TRP K 170 -40.20 -37.61 -41.72
CA TRP K 170 -39.65 -38.42 -42.80
C TRP K 170 -39.59 -39.89 -42.37
N VAL K 171 -39.87 -40.80 -43.31
CA VAL K 171 -39.82 -42.24 -43.07
C VAL K 171 -39.28 -42.95 -44.32
N ASP K 172 -38.61 -44.08 -44.10
CA ASP K 172 -38.19 -44.95 -45.20
C ASP K 172 -39.32 -45.83 -45.72
N SER K 173 -40.33 -46.10 -44.90
CA SER K 173 -41.53 -46.86 -45.31
C SER K 173 -42.71 -46.45 -44.43
N THR K 174 -43.92 -46.61 -44.96
CA THR K 174 -45.12 -46.05 -44.33
C THR K 174 -45.57 -46.87 -43.11
N PRO K 175 -45.75 -46.25 -41.94
CA PRO K 175 -46.19 -46.99 -40.74
C PRO K 175 -47.61 -47.51 -40.88
N PRO K 176 -48.01 -48.46 -40.03
CA PRO K 176 -49.37 -49.05 -40.13
C PRO K 176 -50.45 -48.05 -39.80
N PRO K 177 -51.70 -48.32 -40.19
CA PRO K 177 -52.81 -47.43 -39.83
C PRO K 177 -53.08 -47.47 -38.33
N GLY K 178 -53.48 -46.32 -37.79
CA GLY K 178 -53.61 -46.14 -36.36
C GLY K 178 -52.37 -45.61 -35.67
N THR K 179 -51.26 -45.46 -36.39
CA THR K 179 -50.05 -44.85 -35.84
C THR K 179 -50.31 -43.38 -35.50
N ARG K 180 -49.74 -42.91 -34.39
CA ARG K 180 -49.92 -41.53 -33.93
C ARG K 180 -48.57 -40.88 -33.65
N VAL K 181 -48.57 -39.54 -33.69
CA VAL K 181 -47.39 -38.71 -33.47
C VAL K 181 -47.62 -37.85 -32.24
N ARG K 182 -46.65 -37.87 -31.31
CA ARG K 182 -46.74 -37.11 -30.06
C ARG K 182 -45.58 -36.13 -29.96
N ALA K 183 -45.86 -34.95 -29.41
CA ALA K 183 -44.84 -33.96 -29.09
C ALA K 183 -44.87 -33.63 -27.60
N MET K 184 -43.68 -33.51 -27.00
CA MET K 184 -43.52 -33.20 -25.58
C MET K 184 -42.27 -32.36 -25.39
N ALA K 185 -42.30 -31.46 -24.40
CA ALA K 185 -41.16 -30.60 -24.08
C ALA K 185 -40.55 -30.99 -22.74
N ILE K 186 -39.22 -31.09 -22.71
CA ILE K 186 -38.46 -31.27 -21.47
C ILE K 186 -37.31 -30.26 -21.44
N TYR K 187 -36.87 -29.91 -20.24
CA TYR K 187 -35.73 -29.02 -20.08
C TYR K 187 -34.43 -29.75 -20.44
N LYS K 188 -33.52 -29.05 -21.13
CA LYS K 188 -32.31 -29.69 -21.64
C LYS K 188 -31.31 -30.00 -20.53
N GLN K 189 -31.29 -29.20 -19.47
CA GLN K 189 -30.34 -29.40 -18.37
C GLN K 189 -30.89 -30.44 -17.39
N SER K 190 -30.01 -31.36 -16.95
CA SER K 190 -30.47 -32.60 -16.31
C SER K 190 -31.13 -32.36 -14.95
N GLN K 191 -30.68 -31.36 -14.20
CA GLN K 191 -31.31 -31.09 -12.90
C GLN K 191 -32.74 -30.58 -13.05
N HIS K 192 -33.05 -29.93 -14.17
CA HIS K 192 -34.39 -29.44 -14.42
C HIS K 192 -35.29 -30.47 -15.12
N MET K 193 -34.74 -31.61 -15.52
CA MET K 193 -35.50 -32.59 -16.31
C MET K 193 -36.74 -33.10 -15.59
N THR K 194 -36.73 -33.17 -14.25
CA THR K 194 -37.90 -33.64 -13.52
C THR K 194 -38.98 -32.57 -13.35
N GLU K 195 -38.68 -31.30 -13.64
CA GLU K 195 -39.73 -30.28 -13.63
C GLU K 195 -40.57 -30.36 -14.91
N VAL K 196 -41.87 -30.19 -14.76
CA VAL K 196 -42.80 -30.24 -15.89
C VAL K 196 -42.75 -28.91 -16.65
N VAL K 197 -42.45 -28.97 -17.95
CA VAL K 197 -42.49 -27.77 -18.78
C VAL K 197 -43.94 -27.34 -18.99
N ARG K 198 -44.23 -26.07 -18.70
CA ARG K 198 -45.58 -25.52 -18.85
C ARG K 198 -45.49 -24.03 -19.13
N ARG K 199 -46.63 -23.44 -19.50
CA ARG K 199 -46.70 -21.99 -19.69
C ARG K 199 -46.50 -21.26 -18.37
N CYS K 200 -46.08 -19.99 -18.46
CA CYS K 200 -45.89 -19.16 -17.28
C CYS K 200 -47.23 -18.65 -16.77
N PRO K 201 -47.30 -18.24 -15.49
CA PRO K 201 -48.60 -17.86 -14.89
C PRO K 201 -49.35 -16.76 -15.62
N HIS K 202 -48.67 -15.84 -16.30
CA HIS K 202 -49.37 -14.81 -17.06
C HIS K 202 -50.10 -15.41 -18.26
N HIS K 203 -49.35 -16.08 -19.15
CA HIS K 203 -49.94 -16.67 -20.33
C HIS K 203 -50.93 -17.79 -19.98
N GLU K 204 -50.83 -18.34 -18.77
CA GLU K 204 -51.80 -19.32 -18.31
C GLU K 204 -53.15 -18.68 -18.01
N ARG K 205 -53.15 -17.46 -17.46
CA ARG K 205 -54.39 -16.77 -17.12
C ARG K 205 -55.02 -16.03 -18.30
N CYS K 206 -54.27 -15.74 -19.36
CA CYS K 206 -54.80 -14.96 -20.47
C CYS K 206 -55.78 -15.78 -21.30
N SER K 207 -56.60 -15.08 -22.09
CA SER K 207 -57.78 -15.66 -22.72
C SER K 207 -57.54 -16.22 -24.11
N ASP K 208 -56.37 -16.82 -24.37
CA ASP K 208 -55.96 -17.12 -25.75
C ASP K 208 -56.21 -18.57 -26.19
N SER K 209 -57.11 -19.30 -25.53
CA SER K 209 -57.35 -20.69 -25.89
C SER K 209 -58.14 -20.82 -27.19
N ASP K 210 -57.86 -21.88 -27.95
CA ASP K 210 -58.50 -22.14 -29.23
C ASP K 210 -59.73 -23.04 -29.13
N GLY K 211 -60.12 -23.44 -27.92
CA GLY K 211 -61.21 -24.36 -27.72
C GLY K 211 -60.82 -25.82 -27.72
N LEU K 212 -59.59 -26.16 -28.08
CA LEU K 212 -59.08 -27.52 -28.06
C LEU K 212 -57.96 -27.71 -27.06
N ALA K 213 -57.07 -26.71 -26.92
CA ALA K 213 -55.90 -26.83 -26.06
C ALA K 213 -56.20 -26.31 -24.66
N PRO K 214 -55.74 -26.99 -23.60
CA PRO K 214 -55.89 -26.45 -22.25
C PRO K 214 -55.06 -25.20 -22.06
N PRO K 215 -55.46 -24.32 -21.13
CA PRO K 215 -54.76 -23.02 -20.98
C PRO K 215 -53.27 -23.13 -20.69
N GLN K 216 -52.82 -24.18 -20.01
CA GLN K 216 -51.47 -24.25 -19.47
C GLN K 216 -50.47 -24.98 -20.37
N HIS K 217 -50.91 -25.58 -21.47
CA HIS K 217 -50.03 -26.38 -22.31
C HIS K 217 -49.11 -25.50 -23.16
N LEU K 218 -47.83 -25.89 -23.25
CA LEU K 218 -46.87 -25.09 -24.01
C LEU K 218 -47.00 -25.29 -25.52
N ILE K 219 -47.21 -26.52 -25.97
CA ILE K 219 -47.24 -26.85 -27.39
C ILE K 219 -48.67 -27.11 -27.84
N ARG K 220 -49.07 -26.46 -28.93
CA ARG K 220 -50.35 -26.73 -29.61
C ARG K 220 -50.08 -27.18 -31.04
N VAL K 221 -51.03 -27.90 -31.62
CA VAL K 221 -51.04 -28.23 -33.05
C VAL K 221 -52.20 -27.49 -33.69
N GLU K 222 -51.93 -26.71 -34.73
CA GLU K 222 -52.97 -25.96 -35.42
C GLU K 222 -53.45 -26.71 -36.67
N GLY K 223 -54.70 -26.43 -37.06
CA GLY K 223 -55.27 -26.93 -38.29
C GLY K 223 -55.65 -28.40 -38.31
N ASN K 224 -55.78 -29.05 -37.16
CA ASN K 224 -56.02 -30.49 -37.09
C ASN K 224 -57.09 -30.78 -36.04
N LEU K 225 -58.31 -31.10 -36.51
CA LEU K 225 -59.44 -31.37 -35.62
C LEU K 225 -59.29 -32.68 -34.85
N ARG K 226 -58.38 -33.56 -35.27
CA ARG K 226 -58.17 -34.85 -34.64
C ARG K 226 -57.19 -34.79 -33.46
N VAL K 227 -56.81 -33.59 -33.01
CA VAL K 227 -55.79 -33.44 -31.99
C VAL K 227 -56.31 -33.84 -30.61
N GLU K 228 -55.40 -34.33 -29.75
CA GLU K 228 -55.68 -34.62 -28.35
C GLU K 228 -54.57 -34.07 -27.47
N TYR K 229 -54.94 -33.58 -26.28
CA TYR K 229 -54.02 -33.01 -25.31
C TYR K 229 -54.07 -33.82 -24.03
N LEU K 230 -52.90 -34.26 -23.56
CA LEU K 230 -52.80 -35.15 -22.40
C LEU K 230 -52.03 -34.48 -21.27
N ASP K 231 -52.64 -34.47 -20.08
CA ASP K 231 -51.96 -34.16 -18.81
C ASP K 231 -51.86 -35.48 -18.06
N ASP K 232 -50.69 -36.12 -18.15
CA ASP K 232 -50.54 -37.52 -17.76
C ASP K 232 -50.74 -37.71 -16.25
N ARG K 233 -51.68 -38.60 -15.89
CA ARG K 233 -52.05 -38.80 -14.49
C ARG K 233 -50.91 -39.41 -13.67
N ASN K 234 -49.97 -40.11 -14.31
CA ASN K 234 -48.90 -40.79 -13.58
C ASN K 234 -47.61 -39.97 -13.52
N THR K 235 -47.28 -39.22 -14.59
CA THR K 235 -46.04 -38.46 -14.66
C THR K 235 -46.24 -36.96 -14.59
N PHE K 236 -47.47 -36.46 -14.70
CA PHE K 236 -47.81 -35.04 -14.71
C PHE K 236 -47.30 -34.30 -15.95
N ARG K 237 -46.87 -35.03 -16.99
CA ARG K 237 -46.31 -34.40 -18.19
C ARG K 237 -47.41 -33.95 -19.14
N HIS K 238 -47.22 -32.79 -19.77
CA HIS K 238 -48.09 -32.32 -20.84
C HIS K 238 -47.58 -32.82 -22.19
N SER K 239 -48.48 -33.29 -23.05
CA SER K 239 -48.13 -33.65 -24.42
C SER K 239 -49.33 -33.51 -25.34
N VAL K 240 -49.05 -33.33 -26.64
CA VAL K 240 -50.06 -33.18 -27.68
C VAL K 240 -49.86 -34.28 -28.73
N VAL K 241 -50.97 -34.86 -29.21
CA VAL K 241 -50.94 -36.04 -30.07
C VAL K 241 -51.86 -35.86 -31.27
N VAL K 242 -51.45 -36.36 -32.43
CA VAL K 242 -52.25 -36.38 -33.65
C VAL K 242 -52.04 -37.71 -34.38
N PRO K 243 -53.00 -38.12 -35.22
CA PRO K 243 -52.78 -39.32 -36.05
C PRO K 243 -51.70 -39.08 -37.10
N TYR K 244 -50.98 -40.14 -37.45
CA TYR K 244 -50.04 -40.07 -38.57
C TYR K 244 -50.79 -40.22 -39.89
N GLU K 245 -50.36 -39.47 -40.90
CA GLU K 245 -50.87 -39.55 -42.26
C GLU K 245 -49.70 -39.48 -43.24
N PRO K 246 -49.75 -40.26 -44.33
CA PRO K 246 -48.59 -40.33 -45.25
C PRO K 246 -48.46 -39.07 -46.09
N PRO K 247 -47.30 -38.85 -46.71
CA PRO K 247 -47.06 -37.59 -47.46
C PRO K 247 -48.02 -37.39 -48.63
N GLU K 248 -48.18 -36.11 -49.02
CA GLU K 248 -49.06 -35.71 -50.11
C GLU K 248 -48.31 -35.70 -51.45
N VAL K 249 -49.07 -35.45 -52.52
CA VAL K 249 -48.51 -35.43 -53.88
C VAL K 249 -47.44 -34.33 -53.97
N GLY K 250 -46.22 -34.74 -54.31
CA GLY K 250 -45.12 -33.81 -54.46
C GLY K 250 -44.21 -33.64 -53.26
N SER K 251 -44.42 -34.41 -52.19
CA SER K 251 -43.59 -34.35 -51.00
C SER K 251 -43.15 -35.75 -50.59
N ASP K 252 -41.93 -35.83 -50.05
CA ASP K 252 -41.41 -37.06 -49.45
C ASP K 252 -41.69 -37.15 -47.95
N CYS K 253 -42.42 -36.17 -47.38
CA CYS K 253 -42.55 -36.04 -45.94
C CYS K 253 -43.92 -35.45 -45.59
N THR K 254 -44.33 -35.68 -44.33
CA THR K 254 -45.59 -35.17 -43.79
C THR K 254 -45.29 -34.02 -42.83
N THR K 255 -45.97 -32.88 -43.02
CA THR K 255 -45.69 -31.68 -42.23
C THR K 255 -46.76 -31.46 -41.16
N ILE K 256 -46.33 -31.28 -39.92
CA ILE K 256 -47.20 -30.92 -38.81
C ILE K 256 -46.88 -29.48 -38.40
N HIS K 257 -47.91 -28.68 -38.19
CA HIS K 257 -47.75 -27.26 -37.82
C HIS K 257 -47.98 -27.10 -36.31
N TYR K 258 -46.89 -26.88 -35.59
CA TYR K 258 -46.95 -26.63 -34.15
C TYR K 258 -47.01 -25.13 -33.86
N ASN K 259 -47.53 -24.80 -32.67
CA ASN K 259 -47.45 -23.46 -32.11
C ASN K 259 -46.90 -23.58 -30.69
N TYR K 260 -45.95 -22.70 -30.33
CA TYR K 260 -45.39 -22.67 -28.99
C TYR K 260 -45.90 -21.44 -28.26
N MET K 261 -46.44 -21.64 -27.05
CA MET K 261 -47.30 -20.65 -26.40
C MET K 261 -46.65 -19.92 -25.22
N CYS K 262 -45.33 -19.96 -25.12
CA CYS K 262 -44.57 -19.09 -24.21
C CYS K 262 -43.16 -18.93 -24.77
N ASN K 263 -42.59 -17.74 -24.58
CA ASN K 263 -41.19 -17.52 -24.92
C ASN K 263 -40.31 -18.32 -23.95
N SER K 264 -39.15 -18.77 -24.43
CA SER K 264 -38.21 -19.49 -23.58
C SER K 264 -37.82 -18.69 -22.34
N SER K 265 -37.95 -17.36 -22.42
CA SER K 265 -37.52 -16.45 -21.37
C SER K 265 -38.55 -16.23 -20.27
N CYS K 266 -39.79 -16.70 -20.44
CA CYS K 266 -40.89 -16.34 -19.55
C CYS K 266 -40.59 -16.72 -18.09
N MET K 267 -40.64 -15.72 -17.20
CA MET K 267 -40.38 -15.95 -15.78
C MET K 267 -41.52 -16.75 -15.16
N GLY K 268 -41.18 -17.65 -14.23
CA GLY K 268 -42.14 -18.58 -13.70
C GLY K 268 -42.53 -19.70 -14.63
N GLY K 269 -42.12 -19.64 -15.89
CA GLY K 269 -42.27 -20.73 -16.84
C GLY K 269 -40.92 -21.33 -17.18
N MET K 270 -40.51 -21.25 -18.45
CA MET K 270 -39.23 -21.82 -18.86
C MET K 270 -38.03 -21.06 -18.27
N ASN K 271 -38.19 -19.76 -18.04
CA ASN K 271 -37.21 -18.97 -17.27
C ASN K 271 -35.80 -19.03 -17.87
N ARG K 272 -35.73 -18.88 -19.20
CA ARG K 272 -34.51 -18.86 -20.01
C ARG K 272 -33.78 -20.21 -20.10
N ARG K 273 -34.32 -21.26 -19.52
CA ARG K 273 -33.70 -22.59 -19.64
C ARG K 273 -34.03 -23.19 -21.01
N PRO K 274 -33.05 -23.72 -21.73
CA PRO K 274 -33.35 -24.34 -23.04
C PRO K 274 -34.20 -25.58 -22.88
N ILE K 275 -35.03 -25.85 -23.89
CA ILE K 275 -35.88 -27.04 -23.90
C ILE K 275 -35.60 -27.88 -25.15
N LEU K 276 -35.86 -29.18 -25.02
CA LEU K 276 -35.87 -30.09 -26.16
C LEU K 276 -37.32 -30.47 -26.45
N THR K 277 -37.74 -30.33 -27.71
CA THR K 277 -38.97 -30.95 -28.16
C THR K 277 -38.66 -32.39 -28.54
N ILE K 278 -39.35 -33.34 -27.91
CA ILE K 278 -39.23 -34.75 -28.22
C ILE K 278 -40.44 -35.15 -29.07
N ILE K 279 -40.18 -35.73 -30.23
CA ILE K 279 -41.22 -36.25 -31.13
C ILE K 279 -41.15 -37.76 -31.10
N THR K 280 -42.29 -38.41 -30.86
CA THR K 280 -42.36 -39.87 -30.87
C THR K 280 -43.43 -40.36 -31.85
N LEU K 281 -43.08 -41.39 -32.60
CA LEU K 281 -43.99 -42.13 -33.45
C LEU K 281 -44.45 -43.35 -32.66
N GLU K 282 -45.77 -43.56 -32.56
CA GLU K 282 -46.33 -44.51 -31.59
C GLU K 282 -47.50 -45.28 -32.19
N ASP K 283 -47.76 -46.47 -31.64
CA ASP K 283 -48.86 -47.32 -32.10
C ASP K 283 -50.16 -47.02 -31.33
N SER K 284 -51.18 -47.85 -31.53
CA SER K 284 -52.50 -47.58 -30.96
C SER K 284 -52.51 -47.62 -29.43
N SER K 285 -51.67 -48.46 -28.83
CA SER K 285 -51.54 -48.52 -27.38
C SER K 285 -50.57 -47.48 -26.82
N GLY K 286 -49.88 -46.75 -27.69
CA GLY K 286 -48.86 -45.81 -27.24
C GLY K 286 -47.47 -46.40 -27.13
N ASN K 287 -47.25 -47.62 -27.63
CA ASN K 287 -45.91 -48.19 -27.63
C ASN K 287 -45.04 -47.50 -28.67
N LEU K 288 -43.72 -47.58 -28.49
CA LEU K 288 -42.77 -46.77 -29.23
C LEU K 288 -42.45 -47.39 -30.59
N LEU K 289 -42.66 -46.62 -31.67
CA LEU K 289 -42.25 -47.01 -33.01
C LEU K 289 -41.05 -46.21 -33.53
N GLY K 290 -40.82 -45.01 -33.01
CA GLY K 290 -39.68 -44.19 -33.39
C GLY K 290 -39.63 -42.92 -32.57
N ARG K 291 -38.45 -42.28 -32.55
CA ARG K 291 -38.24 -41.08 -31.74
C ARG K 291 -37.10 -40.21 -32.27
N ASN K 292 -37.30 -38.89 -32.21
CA ASN K 292 -36.29 -37.88 -32.50
C ASN K 292 -36.48 -36.69 -31.56
N SER K 293 -35.50 -35.78 -31.54
CA SER K 293 -35.61 -34.58 -30.70
C SER K 293 -34.83 -33.42 -31.31
N PHE K 294 -35.27 -32.20 -30.98
CA PHE K 294 -34.61 -30.97 -31.40
C PHE K 294 -34.76 -29.91 -30.32
N GLU K 295 -33.76 -29.01 -30.24
CA GLU K 295 -33.81 -27.91 -29.28
C GLU K 295 -34.70 -26.80 -29.82
N VAL K 296 -35.40 -26.11 -28.91
CA VAL K 296 -36.35 -25.06 -29.30
C VAL K 296 -36.06 -23.78 -28.52
N ARG K 297 -36.00 -22.66 -29.23
CA ARG K 297 -35.95 -21.32 -28.65
C ARG K 297 -37.16 -20.55 -29.17
N VAL K 298 -38.03 -20.12 -28.27
CA VAL K 298 -39.20 -19.33 -28.62
C VAL K 298 -38.89 -17.88 -28.24
N CYS K 299 -38.84 -16.99 -29.24
CA CYS K 299 -38.24 -15.68 -29.06
C CYS K 299 -38.87 -14.66 -30.01
N ALA K 300 -38.59 -13.39 -29.74
CA ALA K 300 -39.27 -12.30 -30.47
C ALA K 300 -38.66 -12.04 -31.85
N CYS K 301 -37.38 -12.37 -32.05
CA CYS K 301 -36.69 -12.11 -33.32
C CYS K 301 -35.89 -13.35 -33.75
N PRO K 302 -36.58 -14.37 -34.27
CA PRO K 302 -35.89 -15.64 -34.60
C PRO K 302 -34.71 -15.52 -35.55
N GLY K 303 -34.81 -14.66 -36.57
CA GLY K 303 -33.71 -14.53 -37.52
C GLY K 303 -32.45 -13.98 -36.88
N ARG K 304 -32.59 -12.90 -36.10
CA ARG K 304 -31.47 -12.32 -35.35
C ARG K 304 -30.83 -13.34 -34.44
N ASP K 305 -31.66 -14.07 -33.68
CA ASP K 305 -31.14 -15.01 -32.70
C ASP K 305 -30.45 -16.20 -33.36
N ARG K 306 -31.03 -16.75 -34.43
CA ARG K 306 -30.40 -17.86 -35.14
C ARG K 306 -29.03 -17.47 -35.67
N ARG K 307 -28.93 -16.29 -36.29
CA ARG K 307 -27.64 -15.81 -36.80
C ARG K 307 -26.63 -15.64 -35.68
N THR K 308 -27.07 -15.11 -34.52
CA THR K 308 -26.17 -14.91 -33.40
C THR K 308 -25.61 -16.24 -32.88
N GLU K 309 -26.47 -17.25 -32.75
CA GLU K 309 -26.01 -18.54 -32.23
C GLU K 309 -25.16 -19.29 -33.25
N GLU K 310 -25.47 -19.15 -34.55
CA GLU K 310 -24.62 -19.76 -35.58
C GLU K 310 -23.28 -19.05 -35.71
N GLU K 311 -23.23 -17.74 -35.40
CA GLU K 311 -21.95 -17.02 -35.43
C GLU K 311 -21.11 -17.36 -34.21
N ASN K 312 -21.73 -17.59 -33.05
CA ASN K 312 -21.00 -18.02 -31.87
C ASN K 312 -20.39 -19.41 -32.05
N LEU K 313 -20.88 -20.19 -33.01
CA LEU K 313 -20.32 -21.50 -33.35
C LEU K 313 -18.94 -21.41 -33.99
N ARG K 314 -18.43 -20.20 -34.23
CA ARG K 314 -17.07 -19.98 -34.72
C ARG K 314 -16.22 -19.19 -33.74
N LYS K 315 -16.72 -18.96 -32.53
CA LYS K 315 -16.03 -18.16 -31.52
C LYS K 315 -15.52 -19.04 -30.37
N PRO L 116 -58.55 -6.94 -12.96
CA PRO L 116 -59.88 -6.33 -13.03
C PRO L 116 -59.83 -4.80 -13.05
N LEU L 117 -60.99 -4.17 -13.22
CA LEU L 117 -61.10 -2.71 -13.27
C LEU L 117 -61.82 -2.20 -12.03
N SER L 118 -61.35 -1.04 -11.54
CA SER L 118 -61.95 -0.41 -10.37
C SER L 118 -63.15 0.43 -10.77
N SER L 119 -64.02 0.70 -9.78
CA SER L 119 -65.18 1.55 -10.00
C SER L 119 -64.83 3.04 -10.06
N SER L 120 -63.60 3.42 -9.70
CA SER L 120 -63.25 4.83 -9.56
C SER L 120 -61.75 5.02 -9.69
N VAL L 121 -61.33 6.28 -9.80
CA VAL L 121 -59.93 6.68 -9.84
C VAL L 121 -59.65 7.58 -8.63
N PRO L 122 -58.67 7.27 -7.80
CA PRO L 122 -58.33 8.16 -6.67
C PRO L 122 -57.85 9.52 -7.14
N SER L 123 -58.11 10.55 -6.33
CA SER L 123 -57.61 11.88 -6.63
C SER L 123 -56.09 11.93 -6.44
N GLN L 124 -55.40 12.50 -7.43
CA GLN L 124 -53.95 12.64 -7.40
C GLN L 124 -53.50 14.06 -7.08
N LYS L 125 -54.43 14.97 -6.78
CA LYS L 125 -54.11 16.38 -6.64
C LYS L 125 -53.34 16.66 -5.33
N THR L 126 -52.25 17.42 -5.44
CA THR L 126 -51.43 17.76 -4.28
C THR L 126 -52.21 18.65 -3.31
N TYR L 127 -52.05 18.40 -2.00
CA TYR L 127 -52.76 19.13 -0.97
C TYR L 127 -51.95 19.07 0.32
N GLN L 128 -51.34 20.20 0.70
CA GLN L 128 -50.46 20.23 1.87
C GLN L 128 -51.21 20.25 3.19
N GLY L 129 -52.40 20.86 3.23
CA GLY L 129 -53.24 20.82 4.44
C GLY L 129 -52.71 21.63 5.62
N SER L 130 -53.38 21.43 6.76
CA SER L 130 -53.13 22.23 7.96
C SER L 130 -51.73 22.01 8.52
N TYR L 131 -51.12 20.86 8.24
CA TYR L 131 -49.81 20.52 8.78
C TYR L 131 -48.67 20.76 7.81
N GLY L 132 -48.94 21.32 6.63
CA GLY L 132 -47.89 21.61 5.66
C GLY L 132 -47.19 20.39 5.13
N PHE L 133 -47.95 19.37 4.74
CA PHE L 133 -47.40 18.06 4.38
C PHE L 133 -46.71 18.12 3.00
N ARG L 134 -45.51 17.56 2.92
CA ARG L 134 -44.75 17.42 1.68
C ARG L 134 -43.92 16.14 1.72
N LEU L 135 -43.42 15.73 0.55
CA LEU L 135 -42.52 14.59 0.43
C LEU L 135 -41.10 15.03 0.09
N GLY L 136 -40.13 14.18 0.43
CA GLY L 136 -38.74 14.41 0.07
C GLY L 136 -38.04 13.10 -0.23
N PHE L 137 -36.88 13.20 -0.87
CA PHE L 137 -36.15 12.03 -1.37
C PHE L 137 -34.65 12.25 -1.26
N LEU L 138 -33.88 11.16 -1.26
CA LEU L 138 -32.45 11.23 -1.04
C LEU L 138 -31.70 11.66 -2.31
N HIS L 139 -30.55 12.31 -2.10
CA HIS L 139 -29.69 12.81 -3.18
C HIS L 139 -28.80 11.73 -3.81
N SER L 140 -29.33 10.52 -4.01
CA SER L 140 -28.55 9.45 -4.60
C SER L 140 -28.13 9.79 -6.03
N GLY L 141 -26.97 9.27 -6.44
CA GLY L 141 -26.47 9.50 -7.78
C GLY L 141 -27.12 8.63 -8.85
N THR L 142 -26.41 8.40 -9.95
CA THR L 142 -26.90 7.56 -11.04
C THR L 142 -25.90 6.49 -11.44
N ALA L 143 -25.19 5.93 -10.46
CA ALA L 143 -24.45 4.69 -10.66
C ALA L 143 -25.40 3.63 -11.22
N LYS L 144 -24.90 2.89 -12.22
CA LYS L 144 -25.74 2.02 -13.06
C LYS L 144 -26.78 1.22 -12.27
N SER L 145 -26.34 0.56 -11.20
CA SER L 145 -27.19 -0.35 -10.43
C SER L 145 -27.46 0.16 -9.01
N VAL L 146 -27.56 1.49 -8.83
CA VAL L 146 -27.93 2.04 -7.54
C VAL L 146 -29.33 1.54 -7.16
N THR L 147 -29.52 1.22 -5.88
CA THR L 147 -30.74 0.53 -5.46
C THR L 147 -31.98 1.41 -5.61
N CYS L 148 -31.88 2.69 -5.24
CA CYS L 148 -32.98 3.64 -5.37
C CYS L 148 -32.42 5.03 -5.64
N THR L 149 -33.05 5.76 -6.57
CA THR L 149 -32.65 7.12 -6.90
C THR L 149 -33.88 7.90 -7.38
N TYR L 150 -33.87 9.22 -7.16
CA TYR L 150 -35.02 10.07 -7.43
C TYR L 150 -34.62 11.25 -8.31
N SER L 151 -35.55 11.65 -9.20
CA SER L 151 -35.35 12.77 -10.11
C SER L 151 -36.30 13.90 -9.79
N PRO L 152 -35.82 15.06 -9.32
CA PRO L 152 -36.73 16.21 -9.15
C PRO L 152 -37.30 16.72 -10.46
N ALA L 153 -36.51 16.64 -11.54
CA ALA L 153 -36.94 17.17 -12.83
C ALA L 153 -38.16 16.41 -13.37
N LEU L 154 -38.20 15.10 -13.16
CA LEU L 154 -39.30 14.27 -13.60
C LEU L 154 -40.34 14.02 -12.51
N ASN L 155 -40.05 14.40 -11.27
CA ASN L 155 -40.81 13.97 -10.09
C ASN L 155 -41.01 12.45 -10.09
N LYS L 156 -39.89 11.73 -10.18
CA LYS L 156 -39.95 10.30 -10.46
C LYS L 156 -38.89 9.54 -9.66
N MET L 157 -39.28 8.37 -9.15
CA MET L 157 -38.38 7.46 -8.46
C MET L 157 -38.02 6.27 -9.36
N PHE L 158 -36.74 5.92 -9.39
CA PHE L 158 -36.23 4.76 -10.10
C PHE L 158 -35.65 3.80 -9.05
N CYS L 159 -36.05 2.52 -9.10
CA CYS L 159 -35.72 1.60 -8.01
C CYS L 159 -35.77 0.15 -8.47
N GLN L 160 -35.03 -0.71 -7.75
CA GLN L 160 -35.04 -2.15 -8.01
C GLN L 160 -36.16 -2.85 -7.24
N LEU L 161 -36.57 -4.02 -7.73
CA LEU L 161 -37.62 -4.80 -7.08
C LEU L 161 -37.17 -5.25 -5.70
N ALA L 162 -38.06 -5.09 -4.71
CA ALA L 162 -37.86 -5.52 -3.32
C ALA L 162 -36.78 -4.74 -2.57
N LYS L 163 -36.15 -3.76 -3.21
CA LYS L 163 -35.12 -2.98 -2.56
C LYS L 163 -35.74 -1.78 -1.81
N THR L 164 -34.95 -1.25 -0.87
CA THR L 164 -35.39 -0.17 0.00
C THR L 164 -35.59 1.12 -0.79
N CYS L 165 -36.76 1.75 -0.62
CA CYS L 165 -37.10 3.02 -1.26
C CYS L 165 -37.44 4.04 -0.19
N PRO L 166 -36.46 4.79 0.31
CA PRO L 166 -36.72 5.77 1.39
C PRO L 166 -37.44 7.01 0.86
N VAL L 167 -38.62 7.28 1.44
CA VAL L 167 -39.40 8.48 1.16
C VAL L 167 -39.48 9.29 2.45
N GLN L 168 -39.10 10.56 2.38
CA GLN L 168 -39.15 11.45 3.54
C GLN L 168 -40.52 12.12 3.64
N LEU L 169 -40.98 12.33 4.87
CA LEU L 169 -42.22 13.05 5.16
C LEU L 169 -41.87 14.37 5.84
N TRP L 170 -42.33 15.48 5.26
CA TRP L 170 -42.06 16.82 5.77
C TRP L 170 -43.36 17.48 6.21
N VAL L 171 -43.32 18.16 7.36
CA VAL L 171 -44.46 18.91 7.89
C VAL L 171 -43.98 20.21 8.54
N ASP L 172 -44.85 21.21 8.56
CA ASP L 172 -44.58 22.47 9.25
C ASP L 172 -44.94 22.42 10.73
N SER L 173 -45.80 21.47 11.14
CA SER L 173 -46.14 21.24 12.54
C SER L 173 -46.55 19.79 12.72
N THR L 174 -46.41 19.27 13.95
CA THR L 174 -46.60 17.84 14.23
C THR L 174 -48.08 17.45 14.23
N PRO L 175 -48.51 16.49 13.43
CA PRO L 175 -49.93 16.05 13.43
C PRO L 175 -50.31 15.38 14.74
N PRO L 176 -51.61 15.23 15.01
CA PRO L 176 -52.07 14.65 16.29
C PRO L 176 -51.68 13.18 16.43
N PRO L 177 -51.70 12.65 17.66
CA PRO L 177 -51.44 11.21 17.85
C PRO L 177 -52.56 10.38 17.23
N GLY L 178 -52.19 9.22 16.69
CA GLY L 178 -53.09 8.40 15.92
C GLY L 178 -53.15 8.70 14.44
N THR L 179 -52.40 9.70 13.97
CA THR L 179 -52.29 10.01 12.55
C THR L 179 -51.64 8.85 11.80
N ARG L 180 -52.02 8.68 10.53
CA ARG L 180 -51.53 7.57 9.69
C ARG L 180 -51.01 8.09 8.35
N VAL L 181 -50.16 7.30 7.71
CA VAL L 181 -49.63 7.55 6.37
C VAL L 181 -49.97 6.36 5.49
N ARG L 182 -50.62 6.60 4.35
CA ARG L 182 -51.02 5.56 3.41
C ARG L 182 -50.36 5.76 2.05
N ALA L 183 -49.99 4.66 1.40
CA ALA L 183 -49.47 4.66 0.05
C ALA L 183 -50.35 3.82 -0.87
N MET L 184 -50.53 4.28 -2.11
CA MET L 184 -51.38 3.64 -3.11
C MET L 184 -50.80 3.91 -4.50
N ALA L 185 -51.05 3.00 -5.43
CA ALA L 185 -50.52 3.10 -6.78
C ALA L 185 -51.63 3.13 -7.83
N ILE L 186 -51.48 4.01 -8.83
CA ILE L 186 -52.37 4.10 -9.98
C ILE L 186 -51.53 4.24 -11.25
N TYR L 187 -52.10 3.83 -12.38
CA TYR L 187 -51.43 4.03 -13.66
C TYR L 187 -51.50 5.49 -14.08
N LYS L 188 -50.42 5.98 -14.71
CA LYS L 188 -50.34 7.40 -15.05
C LYS L 188 -51.16 7.75 -16.28
N GLN L 189 -51.26 6.81 -17.24
CA GLN L 189 -51.98 7.09 -18.48
C GLN L 189 -53.49 6.98 -18.29
N SER L 190 -54.23 7.95 -18.83
CA SER L 190 -55.68 8.01 -18.62
C SER L 190 -56.39 6.81 -19.22
N GLN L 191 -55.80 6.16 -20.22
CA GLN L 191 -56.38 4.95 -20.80
C GLN L 191 -56.41 3.80 -19.79
N HIS L 192 -55.52 3.83 -18.79
CA HIS L 192 -55.35 2.72 -17.86
C HIS L 192 -55.68 3.05 -16.41
N MET L 193 -56.13 4.29 -16.13
CA MET L 193 -56.34 4.71 -14.74
C MET L 193 -57.38 3.86 -14.01
N THR L 194 -58.33 3.27 -14.74
CA THR L 194 -59.37 2.47 -14.10
C THR L 194 -58.90 1.07 -13.73
N GLU L 195 -57.76 0.61 -14.23
CA GLU L 195 -57.25 -0.69 -13.84
C GLU L 195 -56.58 -0.61 -12.46
N VAL L 196 -56.72 -1.68 -11.68
CA VAL L 196 -56.07 -1.78 -10.37
C VAL L 196 -54.62 -2.18 -10.56
N VAL L 197 -53.70 -1.39 -10.01
CA VAL L 197 -52.28 -1.76 -10.04
C VAL L 197 -52.03 -2.88 -9.05
N ARG L 198 -51.52 -4.01 -9.54
CA ARG L 198 -51.25 -5.20 -8.73
C ARG L 198 -50.01 -5.92 -9.26
N ARG L 199 -49.51 -6.86 -8.47
CA ARG L 199 -48.39 -7.70 -8.91
C ARG L 199 -48.83 -8.59 -10.07
N CYS L 200 -47.85 -9.00 -10.90
CA CYS L 200 -48.12 -9.87 -12.02
C CYS L 200 -48.36 -11.30 -11.53
N PRO L 201 -49.05 -12.14 -12.34
CA PRO L 201 -49.40 -13.49 -11.88
C PRO L 201 -48.23 -14.36 -11.41
N HIS L 202 -47.02 -14.14 -11.93
CA HIS L 202 -45.87 -14.90 -11.45
C HIS L 202 -45.52 -14.49 -10.03
N HIS L 203 -45.23 -13.19 -9.83
CA HIS L 203 -44.83 -12.71 -8.51
C HIS L 203 -45.95 -12.85 -7.49
N GLU L 204 -47.21 -12.91 -7.94
CA GLU L 204 -48.33 -13.18 -7.04
C GLU L 204 -48.27 -14.61 -6.49
N ARG L 205 -47.83 -15.56 -7.31
CA ARG L 205 -47.77 -16.97 -6.88
C ARG L 205 -46.53 -17.28 -6.05
N CYS L 206 -45.44 -16.53 -6.22
CA CYS L 206 -44.19 -16.88 -5.56
C CYS L 206 -44.27 -16.59 -4.05
N SER L 207 -43.48 -17.36 -3.29
CA SER L 207 -43.66 -17.46 -1.84
C SER L 207 -42.95 -16.38 -1.02
N ASP L 208 -42.95 -15.13 -1.48
CA ASP L 208 -42.08 -14.11 -0.90
C ASP L 208 -42.76 -13.21 0.14
N SER L 209 -43.84 -13.66 0.77
CA SER L 209 -44.51 -12.84 1.78
C SER L 209 -43.67 -12.74 3.06
N ASP L 210 -43.63 -11.54 3.64
CA ASP L 210 -42.80 -11.25 4.81
C ASP L 210 -43.51 -11.54 6.13
N GLY L 211 -44.66 -12.20 6.09
CA GLY L 211 -45.46 -12.42 7.28
C GLY L 211 -46.43 -11.32 7.62
N LEU L 212 -46.37 -10.19 6.91
CA LEU L 212 -47.27 -9.06 7.11
C LEU L 212 -48.05 -8.69 5.86
N ALA L 213 -47.43 -8.78 4.67
CA ALA L 213 -48.02 -8.32 3.42
C ALA L 213 -48.75 -9.46 2.68
N PRO L 214 -49.90 -9.16 2.07
CA PRO L 214 -50.57 -10.17 1.23
C PRO L 214 -49.75 -10.44 -0.02
N PRO L 215 -50.01 -11.58 -0.68
CA PRO L 215 -49.19 -11.93 -1.86
C PRO L 215 -49.31 -10.98 -3.04
N GLN L 216 -50.44 -10.29 -3.19
CA GLN L 216 -50.78 -9.57 -4.42
C GLN L 216 -50.44 -8.08 -4.38
N HIS L 217 -50.10 -7.51 -3.23
CA HIS L 217 -49.89 -6.07 -3.12
C HIS L 217 -48.57 -5.64 -3.76
N LEU L 218 -48.59 -4.55 -4.53
CA LEU L 218 -47.38 -4.06 -5.17
C LEU L 218 -46.46 -3.36 -4.18
N ILE L 219 -47.01 -2.58 -3.25
CA ILE L 219 -46.23 -1.76 -2.33
C ILE L 219 -46.23 -2.39 -0.95
N ARG L 220 -45.06 -2.49 -0.33
CA ARG L 220 -44.89 -2.87 1.06
C ARG L 220 -44.12 -1.78 1.78
N VAL L 221 -44.23 -1.76 3.12
CA VAL L 221 -43.36 -0.97 3.98
C VAL L 221 -42.50 -1.94 4.77
N GLU L 222 -41.18 -1.78 4.69
CA GLU L 222 -40.28 -2.65 5.43
C GLU L 222 -39.97 -2.06 6.81
N GLY L 223 -39.56 -2.94 7.72
CA GLY L 223 -39.07 -2.54 9.03
C GLY L 223 -40.12 -2.22 10.08
N ASN L 224 -41.32 -1.82 9.66
CA ASN L 224 -42.33 -1.32 10.59
C ASN L 224 -43.29 -2.44 10.98
N LEU L 225 -43.42 -2.70 12.28
CA LEU L 225 -44.30 -3.75 12.78
C LEU L 225 -45.77 -3.34 12.81
N ARG L 226 -46.07 -2.04 12.85
CA ARG L 226 -47.45 -1.56 12.98
C ARG L 226 -48.13 -1.34 11.62
N VAL L 227 -47.62 -1.96 10.56
CA VAL L 227 -48.16 -1.75 9.22
C VAL L 227 -49.48 -2.50 9.06
N GLU L 228 -50.37 -1.96 8.21
CA GLU L 228 -51.64 -2.58 7.87
C GLU L 228 -51.87 -2.52 6.37
N TYR L 229 -52.37 -3.62 5.80
CA TYR L 229 -52.60 -3.74 4.36
C TYR L 229 -54.09 -3.84 4.06
N LEU L 230 -54.57 -3.02 3.12
CA LEU L 230 -55.99 -2.93 2.80
C LEU L 230 -56.25 -3.25 1.33
N ASP L 231 -57.18 -4.17 1.09
CA ASP L 231 -57.79 -4.41 -0.22
C ASP L 231 -59.21 -3.83 -0.14
N ASP L 232 -59.41 -2.68 -0.75
CA ASP L 232 -60.63 -1.88 -0.55
C ASP L 232 -61.84 -2.58 -1.17
N ARG L 233 -62.85 -2.87 -0.33
CA ARG L 233 -64.03 -3.62 -0.77
C ARG L 233 -64.87 -2.84 -1.79
N ASN L 234 -64.79 -1.50 -1.78
CA ASN L 234 -65.62 -0.68 -2.65
C ASN L 234 -64.92 -0.27 -3.95
N THR L 235 -63.60 -0.11 -3.93
CA THR L 235 -62.85 0.32 -5.11
C THR L 235 -61.89 -0.73 -5.65
N PHE L 236 -61.66 -1.82 -4.93
CA PHE L 236 -60.71 -2.88 -5.28
C PHE L 236 -59.25 -2.41 -5.29
N ARG L 237 -58.96 -1.22 -4.77
CA ARG L 237 -57.61 -0.68 -4.75
C ARG L 237 -56.80 -1.26 -3.59
N HIS L 238 -55.55 -1.64 -3.86
CA HIS L 238 -54.62 -2.04 -2.81
C HIS L 238 -53.98 -0.80 -2.19
N SER L 239 -53.69 -0.86 -0.88
CA SER L 239 -52.92 0.19 -0.23
C SER L 239 -52.28 -0.35 1.05
N VAL L 240 -51.18 0.30 1.44
CA VAL L 240 -50.45 -0.02 2.68
C VAL L 240 -50.46 1.21 3.58
N VAL L 241 -50.65 0.99 4.88
CA VAL L 241 -50.78 2.07 5.87
C VAL L 241 -49.85 1.83 7.05
N VAL L 242 -49.26 2.91 7.56
CA VAL L 242 -48.51 2.90 8.82
C VAL L 242 -48.92 4.10 9.66
N PRO L 243 -48.79 4.04 10.99
CA PRO L 243 -48.95 5.26 11.81
C PRO L 243 -47.86 6.27 11.49
N TYR L 244 -48.19 7.55 11.69
CA TYR L 244 -47.19 8.61 11.56
C TYR L 244 -46.33 8.69 12.82
N GLU L 245 -45.05 9.07 12.64
CA GLU L 245 -44.12 9.29 13.74
C GLU L 245 -43.35 10.58 13.49
N PRO L 246 -43.15 11.40 14.52
CA PRO L 246 -42.42 12.67 14.33
C PRO L 246 -40.91 12.48 14.38
N PRO L 247 -40.15 13.39 13.80
CA PRO L 247 -38.69 13.34 13.93
C PRO L 247 -38.23 13.92 15.25
N GLU L 248 -36.92 13.75 15.52
CA GLU L 248 -36.30 14.38 16.67
C GLU L 248 -36.13 15.89 16.43
N VAL L 249 -36.08 16.66 17.52
CA VAL L 249 -36.32 18.09 17.47
C VAL L 249 -35.33 18.89 16.63
N GLY L 250 -34.19 18.30 16.25
CA GLY L 250 -33.26 18.93 15.33
C GLY L 250 -33.22 18.30 13.95
N SER L 251 -34.07 17.31 13.68
CA SER L 251 -34.19 16.69 12.37
C SER L 251 -35.53 17.10 11.77
N ASP L 252 -35.54 17.35 10.46
CA ASP L 252 -36.66 18.02 9.83
C ASP L 252 -37.73 17.07 9.27
N CYS L 253 -37.46 15.77 9.18
CA CYS L 253 -38.36 14.87 8.46
C CYS L 253 -38.26 13.43 8.98
N THR L 254 -39.30 12.64 8.68
CA THR L 254 -39.38 11.22 9.03
C THR L 254 -39.26 10.39 7.75
N THR L 255 -38.48 9.31 7.79
CA THR L 255 -38.25 8.47 6.62
C THR L 255 -39.05 7.17 6.72
N ILE L 256 -39.89 6.91 5.71
CA ILE L 256 -40.56 5.63 5.54
C ILE L 256 -39.88 4.87 4.41
N HIS L 257 -39.65 3.58 4.61
CA HIS L 257 -38.91 2.75 3.65
C HIS L 257 -39.90 1.81 2.96
N TYR L 258 -40.28 2.16 1.72
CA TYR L 258 -41.17 1.33 0.93
C TYR L 258 -40.37 0.29 0.13
N ASN L 259 -41.06 -0.79 -0.26
CA ASN L 259 -40.55 -1.77 -1.20
C ASN L 259 -41.58 -1.94 -2.31
N TYR L 260 -41.13 -2.03 -3.56
CA TYR L 260 -42.00 -2.26 -4.71
C TYR L 260 -41.74 -3.66 -5.26
N MET L 261 -42.78 -4.48 -5.33
CA MET L 261 -42.64 -5.93 -5.45
C MET L 261 -42.88 -6.45 -6.86
N CYS L 262 -42.76 -5.60 -7.87
CA CYS L 262 -42.74 -6.00 -9.28
C CYS L 262 -42.07 -4.93 -10.10
N ASN L 263 -41.33 -5.34 -11.14
CA ASN L 263 -40.81 -4.39 -12.11
C ASN L 263 -41.96 -3.80 -12.91
N SER L 264 -41.79 -2.54 -13.35
CA SER L 264 -42.77 -1.90 -14.21
C SER L 264 -43.02 -2.70 -15.49
N SER L 265 -42.02 -3.46 -15.93
CA SER L 265 -42.08 -4.22 -17.18
C SER L 265 -42.76 -5.58 -17.06
N CYS L 266 -43.27 -5.94 -15.88
CA CYS L 266 -43.85 -7.28 -15.68
C CYS L 266 -45.11 -7.46 -16.52
N MET L 267 -45.08 -8.46 -17.41
CA MET L 267 -46.25 -8.76 -18.25
C MET L 267 -47.39 -9.28 -17.39
N GLY L 268 -48.62 -8.94 -17.77
CA GLY L 268 -49.79 -9.26 -16.98
C GLY L 268 -49.96 -8.41 -15.74
N GLY L 269 -48.93 -7.70 -15.30
CA GLY L 269 -49.05 -6.71 -14.26
C GLY L 269 -48.98 -5.32 -14.86
N MET L 270 -47.96 -4.53 -14.45
CA MET L 270 -47.85 -3.16 -14.95
C MET L 270 -47.58 -3.11 -16.45
N ASN L 271 -46.83 -4.08 -16.98
CA ASN L 271 -46.65 -4.25 -18.42
C ASN L 271 -46.13 -2.98 -19.08
N ARG L 272 -45.06 -2.44 -18.52
CA ARG L 272 -44.33 -1.26 -19.00
C ARG L 272 -45.11 0.06 -18.84
N ARG L 273 -46.35 0.03 -18.37
CA ARG L 273 -47.11 1.26 -18.18
C ARG L 273 -46.62 1.99 -16.92
N PRO L 274 -46.35 3.30 -16.99
CA PRO L 274 -45.89 4.03 -15.80
C PRO L 274 -46.97 4.12 -14.73
N ILE L 275 -46.53 4.21 -13.48
CA ILE L 275 -47.43 4.33 -12.33
C ILE L 275 -47.08 5.57 -11.50
N LEU L 276 -48.10 6.10 -10.84
CA LEU L 276 -47.93 7.14 -9.83
C LEU L 276 -48.17 6.53 -8.45
N THR L 277 -47.27 6.77 -7.52
CA THR L 277 -47.54 6.48 -6.11
C THR L 277 -48.18 7.71 -5.49
N ILE L 278 -49.32 7.50 -4.83
CA ILE L 278 -50.03 8.56 -4.10
C ILE L 278 -49.83 8.31 -2.62
N ILE L 279 -49.36 9.33 -1.90
CA ILE L 279 -49.17 9.28 -0.45
C ILE L 279 -50.19 10.20 0.20
N THR L 280 -50.90 9.69 1.21
CA THR L 280 -51.90 10.47 1.92
C THR L 280 -51.70 10.39 3.43
N LEU L 281 -51.71 11.55 4.09
CA LEU L 281 -51.76 11.63 5.54
C LEU L 281 -53.21 11.62 5.99
N GLU L 282 -53.51 10.86 7.05
CA GLU L 282 -54.87 10.64 7.51
C GLU L 282 -54.95 10.69 9.03
N ASP L 283 -56.15 10.97 9.55
CA ASP L 283 -56.39 10.84 10.98
C ASP L 283 -56.71 9.39 11.33
N SER L 284 -57.03 9.12 12.61
CA SER L 284 -57.29 7.76 13.06
C SER L 284 -58.59 7.18 12.50
N SER L 285 -59.43 8.00 11.87
CA SER L 285 -60.64 7.52 11.20
C SER L 285 -60.50 7.43 9.70
N GLY L 286 -59.39 7.91 9.13
CA GLY L 286 -59.18 7.90 7.70
C GLY L 286 -59.52 9.19 6.99
N ASN L 287 -59.79 10.28 7.72
CA ASN L 287 -60.06 11.56 7.10
C ASN L 287 -58.77 12.16 6.54
N LEU L 288 -58.87 12.76 5.35
CA LEU L 288 -57.71 13.20 4.58
C LEU L 288 -57.12 14.46 5.18
N LEU L 289 -55.88 14.37 5.69
CA LEU L 289 -55.17 15.52 6.23
C LEU L 289 -54.18 16.15 5.24
N GLY L 290 -53.69 15.38 4.27
CA GLY L 290 -52.78 15.87 3.25
C GLY L 290 -52.49 14.81 2.22
N ARG L 291 -51.98 15.25 1.06
CA ARG L 291 -51.76 14.35 -0.07
C ARG L 291 -50.66 14.84 -1.00
N ASN L 292 -49.86 13.91 -1.51
CA ASN L 292 -48.80 14.15 -2.50
C ASN L 292 -48.70 12.94 -3.44
N SER L 293 -47.93 13.09 -4.52
CA SER L 293 -47.70 11.98 -5.43
C SER L 293 -46.37 12.12 -6.18
N PHE L 294 -45.87 10.97 -6.67
CA PHE L 294 -44.67 10.91 -7.49
C PHE L 294 -44.75 9.70 -8.42
N GLU L 295 -44.08 9.78 -9.57
CA GLU L 295 -44.03 8.69 -10.53
C GLU L 295 -42.99 7.66 -10.12
N VAL L 296 -43.24 6.38 -10.42
CA VAL L 296 -42.34 5.30 -10.02
C VAL L 296 -42.06 4.38 -11.20
N ARG L 297 -40.77 4.11 -11.43
CA ARG L 297 -40.29 3.11 -12.36
C ARG L 297 -39.50 2.07 -11.56
N VAL L 298 -39.95 0.82 -11.60
CA VAL L 298 -39.26 -0.28 -10.91
C VAL L 298 -38.51 -1.08 -11.97
N CYS L 299 -37.18 -1.09 -11.89
CA CYS L 299 -36.36 -1.57 -12.99
C CYS L 299 -35.02 -2.06 -12.47
N ALA L 300 -34.27 -2.74 -13.35
CA ALA L 300 -33.05 -3.44 -12.93
C ALA L 300 -31.85 -2.49 -12.77
N CYS L 301 -31.78 -1.43 -13.57
CA CYS L 301 -30.65 -0.50 -13.56
C CYS L 301 -31.16 0.93 -13.35
N PRO L 302 -31.54 1.29 -12.12
CA PRO L 302 -32.12 2.62 -11.88
C PRO L 302 -31.26 3.80 -12.30
N GLY L 303 -29.93 3.69 -12.20
CA GLY L 303 -29.07 4.79 -12.60
C GLY L 303 -29.04 4.96 -14.12
N ARG L 304 -28.89 3.86 -14.84
CA ARG L 304 -28.95 3.89 -16.31
C ARG L 304 -30.27 4.48 -16.79
N ASP L 305 -31.38 4.02 -16.20
CA ASP L 305 -32.70 4.44 -16.66
C ASP L 305 -32.98 5.90 -16.31
N ARG L 306 -32.60 6.33 -15.10
CA ARG L 306 -32.78 7.73 -14.73
C ARG L 306 -32.00 8.66 -15.66
N ARG L 307 -30.75 8.30 -15.97
CA ARG L 307 -29.97 9.09 -16.92
C ARG L 307 -30.62 9.12 -18.29
N THR L 308 -31.17 7.99 -18.74
CA THR L 308 -31.82 7.94 -20.05
C THR L 308 -33.03 8.86 -20.11
N GLU L 309 -33.87 8.84 -19.07
CA GLU L 309 -35.08 9.66 -19.11
C GLU L 309 -34.77 11.14 -18.88
N GLU L 310 -33.73 11.46 -18.08
CA GLU L 310 -33.32 12.86 -17.96
C GLU L 310 -32.63 13.37 -19.21
N GLU L 311 -31.94 12.49 -19.96
CA GLU L 311 -31.37 12.89 -21.24
C GLU L 311 -32.45 13.12 -22.29
N ASN L 312 -33.52 12.31 -22.26
CA ASN L 312 -34.65 12.54 -23.16
C ASN L 312 -35.34 13.87 -22.89
N LEU L 313 -35.15 14.45 -21.70
CA LEU L 313 -35.65 15.78 -21.38
C LEU L 313 -34.86 16.90 -22.07
N ARG L 314 -33.87 16.55 -22.90
CA ARG L 314 -33.20 17.50 -23.78
C ARG L 314 -33.33 17.10 -25.25
N LYS L 315 -34.19 16.15 -25.57
CA LYS L 315 -34.36 15.66 -26.94
C LYS L 315 -35.71 16.04 -27.54
N PRO M 116 -22.25 -32.12 18.28
CA PRO M 116 -21.69 -33.11 19.20
C PRO M 116 -20.66 -34.00 18.51
N LEU M 117 -20.09 -34.95 19.25
CA LEU M 117 -19.10 -35.87 18.73
C LEU M 117 -19.72 -37.25 18.52
N SER M 118 -19.36 -37.89 17.41
CA SER M 118 -19.85 -39.21 17.08
C SER M 118 -19.06 -40.29 17.82
N SER M 119 -19.68 -41.46 17.96
CA SER M 119 -19.02 -42.61 18.57
C SER M 119 -17.97 -43.24 17.64
N SER M 120 -17.98 -42.90 16.35
CA SER M 120 -17.18 -43.61 15.36
C SER M 120 -16.86 -42.72 14.17
N VAL M 121 -15.98 -43.21 13.31
CA VAL M 121 -15.59 -42.55 12.06
C VAL M 121 -16.02 -43.45 10.90
N PRO M 122 -16.83 -42.97 9.96
CA PRO M 122 -17.16 -43.76 8.77
C PRO M 122 -15.91 -44.08 7.96
N SER M 123 -15.89 -45.28 7.37
CA SER M 123 -14.80 -45.66 6.49
C SER M 123 -14.88 -44.89 5.17
N GLN M 124 -13.78 -44.27 4.78
CA GLN M 124 -13.69 -43.59 3.48
C GLN M 124 -13.14 -44.47 2.37
N LYS M 125 -12.66 -45.67 2.70
CA LYS M 125 -11.88 -46.49 1.77
C LYS M 125 -12.69 -46.90 0.54
N THR M 126 -12.14 -46.63 -0.64
CA THR M 126 -12.82 -46.93 -1.90
C THR M 126 -13.03 -48.43 -2.05
N TYR M 127 -14.25 -48.81 -2.48
CA TYR M 127 -14.61 -50.22 -2.62
C TYR M 127 -15.60 -50.33 -3.78
N GLN M 128 -15.12 -50.82 -4.93
CA GLN M 128 -15.95 -50.87 -6.13
C GLN M 128 -16.97 -52.01 -6.07
N GLY M 129 -16.69 -53.08 -5.32
CA GLY M 129 -17.66 -54.12 -5.09
C GLY M 129 -18.01 -54.98 -6.32
N SER M 130 -19.06 -55.78 -6.15
CA SER M 130 -19.48 -56.72 -7.17
C SER M 130 -19.97 -56.04 -8.45
N TYR M 131 -20.31 -54.76 -8.37
CA TYR M 131 -20.88 -54.02 -9.49
C TYR M 131 -19.92 -53.04 -10.15
N GLY M 132 -18.69 -52.93 -9.65
CA GLY M 132 -17.71 -52.03 -10.23
C GLY M 132 -18.02 -50.55 -10.06
N PHE M 133 -18.45 -50.15 -8.87
CA PHE M 133 -18.98 -48.81 -8.62
C PHE M 133 -17.85 -47.77 -8.61
N ARG M 134 -18.05 -46.67 -9.35
CA ARG M 134 -17.09 -45.57 -9.47
C ARG M 134 -17.85 -44.26 -9.69
N LEU M 135 -17.15 -43.13 -9.49
CA LEU M 135 -17.74 -41.80 -9.65
C LEU M 135 -17.15 -41.05 -10.84
N GLY M 136 -17.86 -39.99 -11.28
CA GLY M 136 -17.42 -39.12 -12.36
C GLY M 136 -18.03 -37.73 -12.25
N PHE M 137 -17.44 -36.77 -12.98
CA PHE M 137 -17.79 -35.35 -12.82
C PHE M 137 -17.62 -34.61 -14.15
N LEU M 138 -18.28 -33.44 -14.27
CA LEU M 138 -18.36 -32.72 -15.54
C LEU M 138 -17.16 -31.80 -15.77
N HIS M 139 -16.93 -31.47 -17.05
CA HIS M 139 -15.80 -30.65 -17.48
C HIS M 139 -16.12 -29.16 -17.47
N SER M 140 -16.55 -28.62 -16.33
CA SER M 140 -16.83 -27.20 -16.21
C SER M 140 -15.54 -26.38 -16.32
N GLY M 141 -15.69 -25.10 -16.63
CA GLY M 141 -14.56 -24.20 -16.71
C GLY M 141 -14.08 -23.73 -15.34
N THR M 142 -13.17 -22.76 -15.35
CA THR M 142 -12.59 -22.20 -14.14
C THR M 142 -12.88 -20.70 -13.99
N ALA M 143 -14.00 -20.25 -14.55
CA ALA M 143 -14.46 -18.88 -14.39
C ALA M 143 -14.69 -18.56 -12.92
N LYS M 144 -14.24 -17.35 -12.50
CA LYS M 144 -14.22 -16.95 -11.10
C LYS M 144 -15.45 -17.38 -10.31
N SER M 145 -16.66 -17.07 -10.80
CA SER M 145 -17.89 -17.32 -10.08
C SER M 145 -18.77 -18.41 -10.71
N VAL M 146 -18.16 -19.42 -11.33
CA VAL M 146 -18.89 -20.55 -11.90
C VAL M 146 -19.64 -21.31 -10.81
N THR M 147 -20.79 -21.90 -11.16
CA THR M 147 -21.67 -22.49 -10.14
C THR M 147 -21.06 -23.76 -9.53
N CYS M 148 -20.56 -24.68 -10.36
CA CYS M 148 -19.94 -25.91 -9.89
C CYS M 148 -18.84 -26.33 -10.86
N THR M 149 -17.73 -26.82 -10.31
CA THR M 149 -16.58 -27.29 -11.10
C THR M 149 -15.81 -28.32 -10.28
N TYR M 150 -15.13 -29.23 -10.97
CA TYR M 150 -14.44 -30.36 -10.32
C TYR M 150 -13.01 -30.50 -10.82
N SER M 151 -12.11 -30.90 -9.92
CA SER M 151 -10.69 -31.07 -10.23
C SER M 151 -10.29 -32.54 -10.11
N PRO M 152 -9.96 -33.21 -11.22
CA PRO M 152 -9.43 -34.58 -11.11
C PRO M 152 -8.10 -34.64 -10.37
N ALA M 153 -7.25 -33.64 -10.57
CA ALA M 153 -5.93 -33.62 -9.94
C ALA M 153 -6.02 -33.63 -8.41
N LEU M 154 -7.07 -33.02 -7.86
CA LEU M 154 -7.29 -32.96 -6.42
C LEU M 154 -8.36 -33.94 -5.94
N ASN M 155 -9.08 -34.60 -6.87
CA ASN M 155 -10.30 -35.33 -6.54
C ASN M 155 -11.24 -34.50 -5.67
N LYS M 156 -11.55 -33.29 -6.16
CA LYS M 156 -12.20 -32.29 -5.32
C LYS M 156 -13.24 -31.50 -6.12
N MET M 157 -14.39 -31.25 -5.47
CA MET M 157 -15.46 -30.44 -6.04
C MET M 157 -15.46 -29.05 -5.42
N PHE M 158 -15.66 -28.03 -6.25
CA PHE M 158 -15.78 -26.63 -5.84
C PHE M 158 -17.13 -26.11 -6.31
N CYS M 159 -17.94 -25.57 -5.39
CA CYS M 159 -19.32 -25.23 -5.72
C CYS M 159 -19.87 -24.13 -4.81
N GLN M 160 -20.85 -23.38 -5.32
CA GLN M 160 -21.56 -22.38 -4.54
C GLN M 160 -22.60 -23.02 -3.63
N LEU M 161 -22.95 -22.33 -2.55
CA LEU M 161 -23.98 -22.79 -1.63
C LEU M 161 -25.31 -22.95 -2.37
N ALA M 162 -25.95 -24.12 -2.18
CA ALA M 162 -27.28 -24.41 -2.69
C ALA M 162 -27.38 -24.59 -4.21
N LYS M 163 -26.29 -24.36 -4.94
CA LYS M 163 -26.32 -24.57 -6.39
C LYS M 163 -26.20 -26.05 -6.75
N THR M 164 -26.50 -26.36 -8.01
CA THR M 164 -26.50 -27.73 -8.51
C THR M 164 -25.08 -28.29 -8.58
N CYS M 165 -24.87 -29.48 -8.03
CA CYS M 165 -23.59 -30.18 -8.05
C CYS M 165 -23.78 -31.57 -8.64
N PRO M 166 -23.50 -31.76 -9.94
CA PRO M 166 -23.74 -33.07 -10.58
C PRO M 166 -22.65 -34.07 -10.25
N VAL M 167 -23.06 -35.27 -9.81
CA VAL M 167 -22.16 -36.39 -9.56
C VAL M 167 -22.62 -37.57 -10.42
N GLN M 168 -21.72 -38.09 -11.24
CA GLN M 168 -22.02 -39.24 -12.08
C GLN M 168 -21.73 -40.54 -11.34
N LEU M 169 -22.58 -41.54 -11.55
CA LEU M 169 -22.39 -42.89 -11.01
C LEU M 169 -22.05 -43.83 -12.17
N TRP M 170 -20.93 -44.54 -12.04
CA TRP M 170 -20.47 -45.49 -13.06
C TRP M 170 -20.42 -46.89 -12.45
N VAL M 171 -20.82 -47.90 -13.24
CA VAL M 171 -20.80 -49.30 -12.82
C VAL M 171 -20.36 -50.20 -13.97
N ASP M 172 -19.80 -51.35 -13.61
CA ASP M 172 -19.46 -52.38 -14.60
C ASP M 172 -20.62 -53.33 -14.88
N SER M 173 -21.61 -53.41 -13.98
CA SER M 173 -22.85 -54.15 -14.20
C SER M 173 -23.95 -53.52 -13.35
N THR M 174 -25.20 -53.69 -13.78
CA THR M 174 -26.33 -52.96 -13.19
C THR M 174 -26.78 -53.60 -11.87
N PRO M 175 -26.88 -52.83 -10.78
CA PRO M 175 -27.32 -53.39 -9.48
C PRO M 175 -28.78 -53.81 -9.49
N PRO M 176 -29.20 -54.62 -8.52
CA PRO M 176 -30.59 -55.12 -8.48
C PRO M 176 -31.60 -54.01 -8.22
N PRO M 177 -32.88 -54.24 -8.55
CA PRO M 177 -33.92 -53.26 -8.20
C PRO M 177 -34.06 -53.15 -6.68
N GLY M 178 -34.36 -51.94 -6.22
CA GLY M 178 -34.36 -51.64 -4.80
C GLY M 178 -33.03 -51.12 -4.27
N THR M 179 -31.97 -51.16 -5.07
CA THR M 179 -30.69 -50.57 -4.69
C THR M 179 -30.83 -49.06 -4.50
N ARG M 180 -30.10 -48.51 -3.53
CA ARG M 180 -30.17 -47.11 -3.17
C ARG M 180 -28.77 -46.49 -3.10
N VAL M 181 -28.71 -45.16 -3.26
CA VAL M 181 -27.47 -44.40 -3.23
C VAL M 181 -27.54 -43.39 -2.08
N ARG M 182 -26.50 -43.35 -1.25
CA ARG M 182 -26.43 -42.50 -0.06
C ARG M 182 -25.22 -41.58 -0.12
N ALA M 183 -25.37 -40.37 0.43
CA ALA M 183 -24.28 -39.41 0.56
C ALA M 183 -24.14 -38.96 2.02
N MET M 184 -22.89 -38.83 2.48
CA MET M 184 -22.56 -38.43 3.85
C MET M 184 -21.28 -37.62 3.83
N ALA M 185 -21.10 -36.74 4.82
CA ALA M 185 -19.93 -35.87 4.92
C ALA M 185 -19.15 -36.13 6.20
N ILE M 186 -17.82 -36.15 6.10
CA ILE M 186 -16.91 -36.22 7.24
C ILE M 186 -15.79 -35.21 7.06
N TYR M 187 -15.21 -34.77 8.17
CA TYR M 187 -14.05 -33.86 8.11
C TYR M 187 -12.82 -34.62 7.63
N LYS M 188 -12.01 -33.97 6.78
CA LYS M 188 -10.84 -34.63 6.19
C LYS M 188 -9.69 -34.72 7.17
N GLN M 189 -9.52 -33.72 8.03
CA GLN M 189 -8.41 -33.72 8.98
C GLN M 189 -8.70 -34.69 10.13
N SER M 190 -7.70 -35.52 10.44
CA SER M 190 -7.88 -36.61 11.40
C SER M 190 -8.34 -36.12 12.77
N GLN M 191 -7.92 -34.91 13.15
CA GLN M 191 -8.28 -34.37 14.46
C GLN M 191 -9.78 -34.16 14.58
N HIS M 192 -10.46 -33.88 13.48
CA HIS M 192 -11.88 -33.52 13.49
C HIS M 192 -12.79 -34.63 13.00
N MET M 193 -12.24 -35.81 12.67
CA MET M 193 -13.05 -36.89 12.09
C MET M 193 -14.18 -37.34 13.02
N THR M 194 -14.03 -37.15 14.33
CA THR M 194 -15.05 -37.59 15.28
C THR M 194 -16.22 -36.62 15.42
N GLU M 195 -16.12 -35.41 14.90
CA GLU M 195 -17.23 -34.45 14.96
C GLU M 195 -18.22 -34.73 13.83
N VAL M 196 -19.51 -34.53 14.12
CA VAL M 196 -20.55 -34.69 13.10
C VAL M 196 -20.60 -33.43 12.24
N VAL M 197 -20.45 -33.60 10.92
CA VAL M 197 -20.61 -32.48 10.00
C VAL M 197 -22.07 -32.09 9.91
N ARG M 198 -22.38 -30.83 10.20
CA ARG M 198 -23.75 -30.32 10.15
C ARG M 198 -23.73 -28.84 9.80
N ARG M 199 -24.91 -28.30 9.46
CA ARG M 199 -25.03 -26.88 9.18
C ARG M 199 -24.74 -26.06 10.44
N CYS M 200 -24.30 -24.83 10.23
CA CYS M 200 -24.01 -23.92 11.34
C CYS M 200 -25.32 -23.37 11.93
N PRO M 201 -25.27 -22.87 13.17
CA PRO M 201 -26.50 -22.38 13.83
C PRO M 201 -27.30 -21.34 13.05
N HIS M 202 -26.66 -20.51 12.23
CA HIS M 202 -27.41 -19.52 11.44
C HIS M 202 -28.23 -20.21 10.35
N HIS M 203 -27.56 -20.95 9.46
CA HIS M 203 -28.25 -21.63 8.37
C HIS M 203 -29.20 -22.70 8.89
N GLU M 204 -28.97 -23.22 10.11
CA GLU M 204 -29.92 -24.15 10.72
C GLU M 204 -31.24 -23.45 11.04
N ARG M 205 -31.20 -22.17 11.41
CA ARG M 205 -32.41 -21.43 11.76
C ARG M 205 -33.12 -20.82 10.56
N CYS M 206 -32.44 -20.65 9.43
CA CYS M 206 -33.05 -19.97 8.29
C CYS M 206 -34.16 -20.84 7.68
N SER M 207 -35.14 -20.17 7.06
CA SER M 207 -36.35 -20.83 6.57
C SER M 207 -36.21 -21.40 5.15
N ASP M 208 -35.10 -22.06 4.84
CA ASP M 208 -34.79 -22.45 3.47
C ASP M 208 -35.05 -23.93 3.15
N SER M 209 -35.87 -24.61 3.96
CA SER M 209 -36.17 -26.02 3.68
C SER M 209 -37.09 -26.15 2.47
N ASP M 210 -36.90 -27.23 1.71
CA ASP M 210 -37.64 -27.46 0.47
C ASP M 210 -38.88 -28.33 0.66
N GLY M 211 -39.26 -28.61 1.90
CA GLY M 211 -40.36 -29.52 2.17
C GLY M 211 -39.98 -30.99 2.20
N LEU M 212 -38.73 -31.31 1.92
CA LEU M 212 -38.22 -32.68 1.94
C LEU M 212 -37.06 -32.88 2.90
N ALA M 213 -36.17 -31.89 3.05
CA ALA M 213 -34.95 -31.97 3.86
C ALA M 213 -35.15 -31.38 5.25
N PRO M 214 -34.50 -31.97 6.26
CA PRO M 214 -34.52 -31.36 7.59
C PRO M 214 -33.71 -30.08 7.60
N PRO M 215 -33.93 -29.20 8.59
CA PRO M 215 -33.21 -27.91 8.61
C PRO M 215 -31.69 -28.03 8.76
N GLN M 216 -31.20 -29.04 9.46
CA GLN M 216 -29.81 -29.07 9.91
C GLN M 216 -28.86 -29.87 9.01
N HIS M 217 -29.38 -30.61 8.03
CA HIS M 217 -28.53 -31.46 7.19
C HIS M 217 -27.71 -30.64 6.20
N LEU M 218 -26.43 -31.01 6.02
CA LEU M 218 -25.57 -30.26 5.11
C LEU M 218 -25.86 -30.57 3.64
N ILE M 219 -26.12 -31.83 3.31
CA ILE M 219 -26.25 -32.27 1.92
C ILE M 219 -27.73 -32.52 1.61
N ARG M 220 -28.17 -32.03 0.43
CA ARG M 220 -29.49 -32.29 -0.11
C ARG M 220 -29.36 -32.79 -1.55
N VAL M 221 -30.39 -33.50 -2.01
CA VAL M 221 -30.52 -33.91 -3.41
C VAL M 221 -31.69 -33.14 -4.01
N GLU M 222 -31.47 -32.51 -5.16
CA GLU M 222 -32.54 -31.80 -5.85
C GLU M 222 -33.13 -32.67 -6.96
N GLY M 223 -34.34 -32.31 -7.38
CA GLY M 223 -34.98 -32.95 -8.52
C GLY M 223 -35.72 -34.26 -8.25
N ASN M 224 -35.29 -35.02 -7.25
CA ASN M 224 -35.81 -36.37 -7.02
C ASN M 224 -36.89 -36.35 -5.95
N LEU M 225 -38.08 -36.86 -6.30
CA LEU M 225 -39.21 -36.87 -5.36
C LEU M 225 -39.13 -38.01 -4.36
N ARG M 226 -38.28 -39.02 -4.58
CA ARG M 226 -38.22 -40.20 -3.74
C ARG M 226 -37.09 -40.14 -2.70
N VAL M 227 -36.58 -38.94 -2.41
CA VAL M 227 -35.42 -38.79 -1.51
C VAL M 227 -35.82 -39.02 -0.05
N GLU M 228 -34.87 -39.50 0.75
CA GLU M 228 -35.04 -39.68 2.19
C GLU M 228 -33.80 -39.20 2.94
N TYR M 229 -34.01 -38.71 4.17
CA TYR M 229 -32.96 -38.13 5.00
C TYR M 229 -32.91 -38.83 6.36
N LEU M 230 -31.70 -39.18 6.81
CA LEU M 230 -31.52 -39.96 8.02
C LEU M 230 -30.61 -39.24 9.02
N ASP M 231 -31.06 -39.19 10.29
CA ASP M 231 -30.24 -38.83 11.43
C ASP M 231 -30.00 -40.12 12.21
N ASP M 232 -28.77 -40.65 12.13
CA ASP M 232 -28.47 -42.01 12.60
C ASP M 232 -28.48 -42.08 14.13
N ARG M 233 -29.31 -42.99 14.68
CA ARG M 233 -29.48 -43.06 16.13
C ARG M 233 -28.23 -43.58 16.84
N ASN M 234 -27.40 -44.35 16.13
CA ASN M 234 -26.20 -44.94 16.74
C ASN M 234 -24.97 -44.05 16.62
N THR M 235 -24.74 -43.47 15.44
CA THR M 235 -23.52 -42.69 15.18
C THR M 235 -23.74 -41.18 15.20
N PHE M 236 -24.99 -40.73 15.22
CA PHE M 236 -25.37 -39.31 15.17
C PHE M 236 -25.07 -38.64 13.82
N ARG M 237 -24.67 -39.41 12.81
CA ARG M 237 -24.33 -38.85 11.50
C ARG M 237 -25.59 -38.51 10.70
N HIS M 238 -25.43 -37.59 9.74
CA HIS M 238 -26.50 -37.19 8.82
C HIS M 238 -26.20 -37.70 7.42
N SER M 239 -27.24 -38.14 6.71
CA SER M 239 -27.07 -38.63 5.34
C SER M 239 -28.37 -38.51 4.54
N VAL M 240 -28.22 -38.42 3.21
CA VAL M 240 -29.33 -38.31 2.26
C VAL M 240 -29.27 -39.51 1.30
N VAL M 241 -30.45 -40.05 0.94
CA VAL M 241 -30.56 -41.31 0.18
C VAL M 241 -31.59 -41.17 -0.94
N VAL M 242 -31.30 -41.77 -2.09
CA VAL M 242 -32.25 -41.91 -3.20
C VAL M 242 -32.19 -43.32 -3.79
N PRO M 243 -33.25 -43.79 -4.47
CA PRO M 243 -33.14 -45.05 -5.21
C PRO M 243 -32.15 -44.95 -6.36
N TYR M 244 -31.46 -46.06 -6.63
CA TYR M 244 -30.59 -46.12 -7.80
C TYR M 244 -31.42 -46.31 -9.07
N GLU M 245 -30.95 -45.74 -10.18
CA GLU M 245 -31.56 -45.90 -11.49
C GLU M 245 -30.47 -46.10 -12.54
N PRO M 246 -30.69 -46.99 -13.52
CA PRO M 246 -29.65 -47.26 -14.53
C PRO M 246 -29.62 -46.18 -15.61
N PRO M 247 -28.55 -46.13 -16.40
CA PRO M 247 -28.48 -45.13 -17.49
C PRO M 247 -29.52 -45.37 -18.58
N GLU M 248 -29.75 -44.34 -19.37
CA GLU M 248 -30.50 -44.49 -20.62
C GLU M 248 -29.71 -45.38 -21.58
N VAL M 249 -30.43 -46.09 -22.46
CA VAL M 249 -29.75 -46.87 -23.49
C VAL M 249 -28.84 -45.95 -24.29
N GLY M 250 -27.62 -46.40 -24.53
CA GLY M 250 -26.61 -45.56 -25.17
C GLY M 250 -25.85 -44.65 -24.24
N SER M 251 -26.32 -44.44 -23.02
CA SER M 251 -25.56 -43.72 -22.01
C SER M 251 -24.74 -44.70 -21.16
N ASP M 252 -23.76 -44.15 -20.45
CA ASP M 252 -22.81 -44.95 -19.68
C ASP M 252 -22.79 -44.66 -18.18
N CYS M 253 -23.61 -43.72 -17.69
CA CYS M 253 -23.60 -43.35 -16.27
C CYS M 253 -24.91 -42.66 -15.89
N THR M 254 -25.20 -42.65 -14.58
CA THR M 254 -26.37 -41.99 -14.01
C THR M 254 -25.93 -40.79 -13.20
N THR M 255 -26.61 -39.65 -13.34
CA THR M 255 -26.22 -38.42 -12.67
C THR M 255 -27.17 -38.07 -11.54
N ILE M 256 -26.61 -37.84 -10.35
CA ILE M 256 -27.35 -37.34 -9.18
C ILE M 256 -26.91 -35.90 -8.93
N HIS M 257 -27.87 -35.04 -8.60
CA HIS M 257 -27.62 -33.61 -8.42
C HIS M 257 -27.72 -33.26 -6.93
N TYR M 258 -26.60 -32.95 -6.31
CA TYR M 258 -26.55 -32.60 -4.90
C TYR M 258 -26.53 -31.08 -4.72
N ASN M 259 -26.95 -30.64 -3.53
CA ASN M 259 -26.80 -29.25 -3.08
C ASN M 259 -26.15 -29.27 -1.70
N TYR M 260 -25.20 -28.36 -1.48
CA TYR M 260 -24.52 -28.22 -0.20
C TYR M 260 -24.97 -26.93 0.48
N MET M 261 -25.42 -27.04 1.73
CA MET M 261 -26.25 -26.00 2.36
C MET M 261 -25.50 -25.15 3.39
N CYS M 262 -24.17 -25.11 3.31
CA CYS M 262 -23.36 -24.17 4.05
C CYS M 262 -22.01 -24.03 3.35
N ASN M 263 -21.45 -22.83 3.37
CA ASN M 263 -20.08 -22.66 2.93
C ASN M 263 -19.15 -23.37 3.89
N SER M 264 -18.03 -23.87 3.36
CA SER M 264 -17.04 -24.55 4.20
C SER M 264 -16.53 -23.63 5.32
N SER M 265 -16.65 -22.32 5.13
CA SER M 265 -16.10 -21.33 6.05
C SER M 265 -17.02 -21.00 7.22
N CYS M 266 -18.24 -21.54 7.27
CA CYS M 266 -19.21 -21.10 8.27
C CYS M 266 -18.73 -21.36 9.69
N MET M 267 -18.78 -20.31 10.52
CA MET M 267 -18.41 -20.43 11.93
C MET M 267 -19.51 -21.15 12.71
N GLY M 268 -19.10 -21.92 13.72
CA GLY M 268 -20.04 -22.78 14.42
C GLY M 268 -20.44 -24.02 13.66
N GLY M 269 -20.01 -24.16 12.40
CA GLY M 269 -20.24 -25.35 11.61
C GLY M 269 -18.92 -25.91 11.11
N MET M 270 -18.76 -26.01 9.79
CA MET M 270 -17.53 -26.59 9.23
C MET M 270 -16.29 -25.78 9.60
N ASN M 271 -16.42 -24.46 9.73
CA ASN M 271 -15.37 -23.62 10.30
C ASN M 271 -14.05 -23.76 9.51
N ARG M 272 -14.17 -23.66 8.18
CA ARG M 272 -13.05 -23.72 7.24
C ARG M 272 -12.38 -25.09 7.12
N ARG M 273 -12.81 -26.07 7.92
CA ARG M 273 -12.20 -27.40 7.86
C ARG M 273 -12.69 -28.15 6.61
N PRO M 274 -11.79 -28.71 5.81
CA PRO M 274 -12.22 -29.44 4.60
C PRO M 274 -13.03 -30.68 4.95
N ILE M 275 -13.92 -31.07 4.04
CA ILE M 275 -14.75 -32.25 4.22
C ILE M 275 -14.59 -33.20 3.04
N LEU M 276 -14.78 -34.48 3.31
CA LEU M 276 -14.94 -35.51 2.29
C LEU M 276 -16.40 -35.89 2.20
N THR M 277 -16.95 -35.88 0.99
CA THR M 277 -18.24 -36.52 0.75
C THR M 277 -17.99 -37.99 0.44
N ILE M 278 -18.67 -38.87 1.16
CA ILE M 278 -18.59 -40.31 0.96
C ILE M 278 -19.91 -40.76 0.33
N ILE M 279 -19.82 -41.43 -0.81
CA ILE M 279 -20.97 -41.97 -1.54
C ILE M 279 -20.98 -43.48 -1.37
N THR M 280 -22.13 -44.05 -0.99
CA THR M 280 -22.27 -45.48 -0.83
C THR M 280 -23.42 -46.02 -1.65
N LEU M 281 -23.17 -47.13 -2.36
CA LEU M 281 -24.19 -47.90 -3.04
C LEU M 281 -24.67 -48.99 -2.08
N GLU M 282 -25.99 -49.13 -1.92
CA GLU M 282 -26.57 -49.92 -0.85
C GLU M 282 -27.79 -50.70 -1.34
N ASP M 283 -28.09 -51.81 -0.67
CA ASP M 283 -29.29 -52.57 -1.00
C ASP M 283 -30.52 -51.93 -0.36
N SER M 284 -31.67 -52.61 -0.50
CA SER M 284 -32.91 -52.09 0.04
C SER M 284 -32.86 -51.92 1.55
N SER M 285 -31.92 -52.59 2.22
CA SER M 285 -31.82 -52.59 3.68
C SER M 285 -30.70 -51.71 4.21
N GLY M 286 -29.88 -51.13 3.33
CA GLY M 286 -28.75 -50.33 3.74
C GLY M 286 -27.42 -51.05 3.76
N ASN M 287 -27.36 -52.29 3.28
CA ASN M 287 -26.10 -53.05 3.31
C ASN M 287 -25.15 -52.55 2.24
N LEU M 288 -23.85 -52.55 2.56
CA LEU M 288 -22.84 -51.88 1.74
C LEU M 288 -22.54 -52.70 0.48
N LEU M 289 -22.89 -52.14 -0.69
CA LEU M 289 -22.57 -52.74 -1.98
C LEU M 289 -21.35 -52.12 -2.65
N GLY M 290 -21.09 -50.83 -2.41
CA GLY M 290 -19.93 -50.16 -2.96
C GLY M 290 -19.75 -48.78 -2.33
N ARG M 291 -18.55 -48.22 -2.50
CA ARG M 291 -18.21 -46.97 -1.82
C ARG M 291 -17.12 -46.18 -2.56
N ASN M 292 -17.29 -44.86 -2.62
CA ASN M 292 -16.31 -43.91 -3.18
C ASN M 292 -16.36 -42.62 -2.38
N SER M 293 -15.38 -41.73 -2.60
CA SER M 293 -15.34 -40.46 -1.88
C SER M 293 -14.61 -39.38 -2.69
N PHE M 294 -14.94 -38.12 -2.37
CA PHE M 294 -14.29 -36.95 -2.95
C PHE M 294 -14.30 -35.80 -1.95
N GLU M 295 -13.31 -34.90 -2.05
CA GLU M 295 -13.25 -33.72 -1.21
C GLU M 295 -14.17 -32.63 -1.77
N VAL M 296 -14.72 -31.81 -0.87
CA VAL M 296 -15.66 -30.76 -1.26
C VAL M 296 -15.28 -29.44 -0.61
N ARG M 297 -15.29 -28.36 -1.40
CA ARG M 297 -15.23 -27.00 -0.91
C ARG M 297 -16.50 -26.29 -1.38
N VAL M 298 -17.25 -25.73 -0.43
CA VAL M 298 -18.43 -24.92 -0.73
C VAL M 298 -18.03 -23.46 -0.53
N CYS M 299 -18.09 -22.67 -1.60
CA CYS M 299 -17.46 -21.34 -1.60
C CYS M 299 -18.14 -20.45 -2.63
N ALA M 300 -17.91 -19.14 -2.49
CA ALA M 300 -18.61 -18.16 -3.32
C ALA M 300 -18.05 -18.07 -4.73
N CYS M 301 -16.76 -18.34 -4.93
CA CYS M 301 -16.10 -18.19 -6.22
C CYS M 301 -15.32 -19.46 -6.60
N PRO M 302 -16.03 -20.53 -6.96
CA PRO M 302 -15.37 -21.83 -7.18
C PRO M 302 -14.23 -21.84 -8.20
N GLY M 303 -14.28 -21.03 -9.26
CA GLY M 303 -13.24 -21.06 -10.26
C GLY M 303 -11.92 -20.46 -9.80
N ARG M 304 -12.00 -19.29 -9.16
CA ARG M 304 -10.82 -18.65 -8.56
C ARG M 304 -10.16 -19.60 -7.57
N ASP M 305 -10.96 -20.19 -6.68
CA ASP M 305 -10.42 -21.08 -5.66
C ASP M 305 -9.83 -22.35 -6.28
N ARG M 306 -10.53 -22.95 -7.24
CA ARG M 306 -10.02 -24.17 -7.89
C ARG M 306 -8.68 -23.92 -8.56
N ARG M 307 -8.55 -22.81 -9.30
CA ARG M 307 -7.27 -22.48 -9.93
C ARG M 307 -6.18 -22.29 -8.89
N THR M 308 -6.50 -21.59 -7.78
CA THR M 308 -5.51 -21.37 -6.74
C THR M 308 -4.99 -22.69 -6.18
N GLU M 309 -5.87 -23.66 -5.93
CA GLU M 309 -5.43 -24.93 -5.39
C GLU M 309 -4.66 -25.75 -6.42
N GLU M 310 -5.06 -25.68 -7.70
CA GLU M 310 -4.34 -26.41 -8.75
C GLU M 310 -2.95 -25.81 -9.01
N GLU M 311 -2.81 -24.49 -8.89
CA GLU M 311 -1.49 -23.89 -9.01
C GLU M 311 -0.60 -24.25 -7.81
N ASN M 312 -1.18 -24.24 -6.61
CA ASN M 312 -0.44 -24.63 -5.41
C ASN M 312 -0.05 -26.12 -5.41
N LEU M 313 -0.53 -26.90 -6.38
CA LEU M 313 -0.11 -28.30 -6.49
C LEU M 313 1.27 -28.43 -7.13
N ARG M 314 1.72 -27.41 -7.86
CA ARG M 314 3.07 -27.41 -8.43
C ARG M 314 4.11 -26.91 -7.44
N LYS M 315 3.69 -26.19 -6.40
CA LYS M 315 4.59 -25.57 -5.43
C LYS M 315 4.96 -26.53 -4.30
N PRO N 116 -35.64 -10.34 15.19
CA PRO N 116 -36.94 -9.72 14.87
C PRO N 116 -36.87 -8.20 14.81
N LEU N 117 -37.99 -7.57 14.47
CA LEU N 117 -38.10 -6.13 14.38
C LEU N 117 -38.56 -5.54 15.72
N SER N 118 -38.53 -4.21 15.80
CA SER N 118 -38.95 -3.47 16.98
C SER N 118 -40.06 -2.50 16.61
N SER N 119 -40.92 -2.20 17.59
CA SER N 119 -42.05 -1.29 17.39
C SER N 119 -41.62 0.18 17.29
N SER N 120 -40.34 0.50 17.53
CA SER N 120 -39.90 1.88 17.62
C SER N 120 -38.40 1.98 17.35
N VAL N 121 -37.93 3.20 17.14
CA VAL N 121 -36.51 3.51 16.95
C VAL N 121 -36.06 4.42 18.09
N PRO N 122 -35.01 4.04 18.84
CA PRO N 122 -34.49 4.93 19.90
C PRO N 122 -33.92 6.22 19.32
N SER N 123 -34.07 7.30 20.08
CA SER N 123 -33.51 8.59 19.68
C SER N 123 -32.00 8.58 19.84
N GLN N 124 -31.29 9.02 18.80
CA GLN N 124 -29.83 9.09 18.83
C GLN N 124 -29.28 10.49 19.11
N LYS N 125 -30.14 11.50 19.20
CA LYS N 125 -29.66 12.88 19.20
C LYS N 125 -28.77 13.17 20.41
N THR N 126 -27.70 13.91 20.16
CA THR N 126 -26.80 14.33 21.23
C THR N 126 -27.48 15.36 22.11
N TYR N 127 -27.40 15.17 23.43
CA TYR N 127 -28.09 16.03 24.38
C TYR N 127 -27.28 16.03 25.68
N GLN N 128 -26.51 17.10 25.90
CA GLN N 128 -25.65 17.18 27.08
C GLN N 128 -26.44 17.44 28.36
N GLY N 129 -27.62 18.04 28.26
CA GLY N 129 -28.50 18.22 29.41
C GLY N 129 -27.97 19.17 30.49
N SER N 130 -28.66 19.11 31.63
CA SER N 130 -28.34 20.00 32.75
C SER N 130 -26.95 19.76 33.31
N TYR N 131 -26.40 18.55 33.09
CA TYR N 131 -25.14 18.14 33.69
C TYR N 131 -23.95 18.22 32.74
N GLY N 132 -24.14 18.67 31.51
CA GLY N 132 -23.04 18.76 30.56
C GLY N 132 -22.45 17.42 30.17
N PHE N 133 -23.30 16.43 29.93
CA PHE N 133 -22.87 15.05 29.72
C PHE N 133 -22.15 14.90 28.38
N ARG N 134 -20.99 14.22 28.40
CA ARG N 134 -20.18 13.95 27.23
C ARG N 134 -19.47 12.61 27.41
N LEU N 135 -18.90 12.09 26.32
CA LEU N 135 -18.15 10.83 26.34
C LEU N 135 -16.67 11.07 26.05
N GLY N 136 -15.84 10.13 26.54
CA GLY N 136 -14.41 10.15 26.26
C GLY N 136 -13.87 8.74 26.16
N PHE N 137 -12.67 8.62 25.56
CA PHE N 137 -12.10 7.32 25.21
C PHE N 137 -10.58 7.35 25.37
N LEU N 138 -9.98 6.17 25.52
CA LEU N 138 -8.54 6.07 25.78
C LEU N 138 -7.71 6.27 24.52
N HIS N 139 -6.47 6.75 24.70
CA HIS N 139 -5.53 7.04 23.62
C HIS N 139 -4.77 5.81 23.13
N SER N 140 -5.46 4.72 22.82
CA SER N 140 -4.82 3.48 22.38
C SER N 140 -4.17 3.66 21.01
N GLY N 141 -3.16 2.83 20.74
CA GLY N 141 -2.48 2.86 19.47
C GLY N 141 -3.23 2.10 18.39
N THR N 142 -2.52 1.83 17.29
CA THR N 142 -3.08 1.10 16.15
C THR N 142 -2.27 -0.15 15.79
N ALA N 143 -1.62 -0.77 16.77
CA ALA N 143 -0.76 -1.92 16.54
C ALA N 143 -1.57 -3.21 16.41
N LYS N 144 -0.88 -4.32 16.13
CA LYS N 144 -1.49 -5.64 16.11
C LYS N 144 -1.86 -6.07 17.53
N SER N 145 -2.86 -6.96 17.62
CA SER N 145 -3.38 -7.50 18.88
C SER N 145 -3.95 -6.46 19.86
N VAL N 146 -4.11 -5.20 19.42
CA VAL N 146 -4.69 -4.19 20.30
C VAL N 146 -6.17 -4.50 20.54
N THR N 147 -6.59 -4.43 21.80
CA THR N 147 -7.90 -4.90 22.21
C THR N 147 -9.01 -3.92 21.87
N CYS N 148 -8.80 -2.63 22.14
CA CYS N 148 -9.78 -1.59 21.86
C CYS N 148 -9.04 -0.30 21.52
N THR N 149 -9.48 0.38 20.47
CA THR N 149 -8.91 1.65 20.04
C THR N 149 -10.00 2.55 19.47
N TYR N 150 -9.94 3.84 19.76
CA TYR N 150 -10.98 4.80 19.37
C TYR N 150 -10.43 5.87 18.45
N SER N 151 -11.26 6.29 17.49
CA SER N 151 -10.89 7.35 16.54
C SER N 151 -11.73 8.59 16.81
N PRO N 152 -11.12 9.69 17.29
CA PRO N 152 -11.89 10.95 17.43
C PRO N 152 -12.39 11.50 16.10
N ALA N 153 -11.59 11.34 15.04
CA ALA N 153 -11.96 11.90 13.75
C ALA N 153 -13.24 11.28 13.20
N LEU N 154 -13.43 9.98 13.44
CA LEU N 154 -14.59 9.24 12.94
C LEU N 154 -15.70 9.11 13.96
N ASN N 155 -15.46 9.51 15.21
CA ASN N 155 -16.34 9.20 16.34
C ASN N 155 -16.71 7.72 16.36
N LYS N 156 -15.68 6.87 16.33
CA LYS N 156 -15.86 5.44 16.11
C LYS N 156 -14.89 4.65 16.98
N MET N 157 -15.38 3.56 17.55
CA MET N 157 -14.57 2.66 18.36
C MET N 157 -14.33 1.36 17.60
N PHE N 158 -13.09 0.87 17.63
CA PHE N 158 -12.69 -0.37 16.98
C PHE N 158 -12.20 -1.31 18.07
N CYS N 159 -12.73 -2.54 18.10
CA CYS N 159 -12.39 -3.45 19.19
C CYS N 159 -12.50 -4.91 18.75
N GLN N 160 -11.86 -5.79 19.52
CA GLN N 160 -11.96 -7.22 19.31
C GLN N 160 -13.11 -7.81 20.14
N LEU N 161 -13.61 -8.97 19.69
CA LEU N 161 -14.73 -9.64 20.33
C LEU N 161 -14.41 -9.96 21.78
N ALA N 162 -15.32 -9.57 22.68
CA ALA N 162 -15.32 -9.88 24.11
C ALA N 162 -14.25 -9.16 24.92
N LYS N 163 -13.41 -8.33 24.30
CA LYS N 163 -12.32 -7.68 25.02
C LYS N 163 -12.80 -6.41 25.72
N THR N 164 -11.98 -5.91 26.64
CA THR N 164 -12.33 -4.74 27.44
C THR N 164 -12.36 -3.49 26.57
N CYS N 165 -13.47 -2.75 26.63
CA CYS N 165 -13.68 -1.52 25.85
C CYS N 165 -14.04 -0.38 26.80
N PRO N 166 -13.05 0.39 27.26
CA PRO N 166 -13.32 1.45 28.25
C PRO N 166 -14.00 2.66 27.63
N VAL N 167 -15.09 3.11 28.25
CA VAL N 167 -15.82 4.32 27.85
C VAL N 167 -15.89 5.26 29.06
N GLN N 168 -15.43 6.49 28.88
CA GLN N 168 -15.43 7.49 29.94
C GLN N 168 -16.68 8.35 29.89
N LEU N 169 -17.20 8.69 31.06
CA LEU N 169 -18.33 9.61 31.21
C LEU N 169 -17.81 10.94 31.76
N TRP N 170 -18.12 12.02 31.05
CA TRP N 170 -17.70 13.37 31.44
C TRP N 170 -18.92 14.23 31.70
N VAL N 171 -18.85 15.08 32.72
CA VAL N 171 -19.94 15.98 33.10
C VAL N 171 -19.35 17.32 33.55
N ASP N 172 -20.15 18.38 33.39
CA ASP N 172 -19.81 19.69 33.92
C ASP N 172 -20.30 19.90 35.35
N SER N 173 -21.25 19.10 35.82
CA SER N 173 -21.69 19.07 37.22
C SER N 173 -22.26 17.69 37.53
N THR N 174 -22.21 17.31 38.82
CA THR N 174 -22.47 15.92 39.23
C THR N 174 -23.95 15.57 39.27
N PRO N 175 -24.39 14.50 38.61
CA PRO N 175 -25.80 14.12 38.67
C PRO N 175 -26.17 13.60 40.05
N PRO N 176 -27.47 13.57 40.38
CA PRO N 176 -27.92 13.10 41.71
C PRO N 176 -27.67 11.62 41.90
N PRO N 177 -27.66 11.16 43.16
CA PRO N 177 -27.60 9.71 43.40
C PRO N 177 -28.85 9.01 42.92
N GLY N 178 -28.71 7.75 42.53
CA GLY N 178 -29.77 7.03 41.85
C GLY N 178 -29.82 7.23 40.35
N THR N 179 -28.97 8.10 39.80
CA THR N 179 -28.81 8.20 38.35
C THR N 179 -28.21 6.90 37.81
N ARG N 180 -28.61 6.51 36.60
CA ARG N 180 -28.12 5.30 35.96
C ARG N 180 -27.62 5.59 34.55
N VAL N 181 -26.78 4.68 34.05
CA VAL N 181 -26.18 4.78 32.72
C VAL N 181 -26.58 3.54 31.92
N ARG N 182 -27.06 3.75 30.70
CA ARG N 182 -27.58 2.68 29.84
C ARG N 182 -26.90 2.72 28.49
N ALA N 183 -26.55 1.55 27.97
CA ALA N 183 -25.96 1.39 26.63
C ALA N 183 -26.89 0.55 25.76
N MET N 184 -27.10 1.00 24.51
CA MET N 184 -27.94 0.29 23.56
C MET N 184 -27.37 0.46 22.15
N ALA N 185 -27.44 -0.60 21.35
CA ALA N 185 -26.92 -0.59 19.98
C ALA N 185 -28.05 -0.55 18.96
N ILE N 186 -27.90 0.30 17.94
CA ILE N 186 -28.80 0.36 16.79
C ILE N 186 -27.98 0.37 15.51
N TYR N 187 -28.57 -0.17 14.44
CA TYR N 187 -27.93 -0.10 13.12
C TYR N 187 -27.90 1.34 12.63
N LYS N 188 -26.79 1.72 11.99
CA LYS N 188 -26.59 3.11 11.59
C LYS N 188 -27.46 3.50 10.39
N GLN N 189 -27.79 2.56 9.52
CA GLN N 189 -28.54 2.86 8.30
C GLN N 189 -30.04 2.83 8.58
N SER N 190 -30.76 3.85 8.08
CA SER N 190 -32.10 4.14 8.56
C SER N 190 -33.09 3.00 8.33
N GLN N 191 -32.91 2.23 7.26
CA GLN N 191 -33.85 1.15 6.96
C GLN N 191 -33.66 -0.04 7.90
N HIS N 192 -32.45 -0.24 8.41
CA HIS N 192 -32.18 -1.31 9.36
C HIS N 192 -32.45 -0.91 10.81
N MET N 193 -32.74 0.38 11.07
CA MET N 193 -32.83 0.88 12.45
C MET N 193 -33.87 0.14 13.29
N THR N 194 -34.94 -0.38 12.68
CA THR N 194 -35.97 -1.08 13.43
C THR N 194 -35.63 -2.53 13.75
N GLU N 195 -34.59 -3.10 13.14
CA GLU N 195 -34.15 -4.43 13.53
C GLU N 195 -33.37 -4.35 14.84
N VAL N 196 -33.61 -5.31 15.74
CA VAL N 196 -32.92 -5.36 17.02
C VAL N 196 -31.51 -5.88 16.81
N VAL N 197 -30.51 -5.10 17.19
CA VAL N 197 -29.13 -5.57 17.16
C VAL N 197 -28.95 -6.65 18.23
N ARG N 198 -28.50 -7.83 17.81
CA ARG N 198 -28.24 -8.93 18.73
C ARG N 198 -27.06 -9.77 18.23
N ARG N 199 -26.64 -10.71 19.06
CA ARG N 199 -25.57 -11.63 18.67
C ARG N 199 -26.04 -12.56 17.55
N CYS N 200 -25.07 -13.07 16.79
CA CYS N 200 -25.37 -14.03 15.74
C CYS N 200 -25.64 -15.41 16.33
N PRO N 201 -26.37 -16.27 15.61
CA PRO N 201 -26.77 -17.58 16.17
C PRO N 201 -25.63 -18.43 16.72
N HIS N 202 -24.43 -18.36 16.12
CA HIS N 202 -23.31 -19.15 16.62
C HIS N 202 -22.89 -18.68 18.01
N HIS N 203 -22.62 -17.38 18.15
CA HIS N 203 -22.19 -16.84 19.44
C HIS N 203 -23.32 -16.85 20.47
N GLU N 204 -24.58 -16.83 20.02
CA GLU N 204 -25.71 -16.95 20.94
C GLU N 204 -25.77 -18.33 21.57
N ARG N 205 -25.27 -19.37 20.88
CA ARG N 205 -25.30 -20.73 21.40
C ARG N 205 -24.06 -21.08 22.21
N CYS N 206 -22.93 -20.41 21.96
CA CYS N 206 -21.68 -20.80 22.61
C CYS N 206 -21.70 -20.46 24.10
N SER N 207 -20.95 -21.25 24.87
CA SER N 207 -21.07 -21.27 26.34
C SER N 207 -20.27 -20.19 27.05
N ASP N 208 -20.37 -18.92 26.63
CA ASP N 208 -19.50 -17.87 27.13
C ASP N 208 -20.19 -16.88 28.09
N SER N 209 -21.32 -17.25 28.70
CA SER N 209 -21.98 -16.36 29.64
C SER N 209 -21.17 -16.24 30.93
N ASP N 210 -21.24 -15.07 31.56
CA ASP N 210 -20.50 -14.78 32.79
C ASP N 210 -21.31 -14.99 34.06
N GLY N 211 -22.52 -15.55 33.94
CA GLY N 211 -23.41 -15.68 35.07
C GLY N 211 -24.32 -14.50 35.32
N LEU N 212 -24.08 -13.37 34.66
CA LEU N 212 -24.92 -12.18 34.77
C LEU N 212 -25.59 -11.81 33.46
N ALA N 213 -24.88 -11.94 32.34
CA ALA N 213 -25.39 -11.50 31.03
C ALA N 213 -26.19 -12.62 30.36
N PRO N 214 -27.32 -12.29 29.73
CA PRO N 214 -28.02 -13.31 28.93
C PRO N 214 -27.20 -13.69 27.72
N PRO N 215 -27.42 -14.90 27.18
CA PRO N 215 -26.60 -15.36 26.04
C PRO N 215 -26.66 -14.48 24.81
N GLN N 216 -27.76 -13.76 24.59
CA GLN N 216 -28.05 -13.12 23.29
C GLN N 216 -27.62 -11.66 23.21
N HIS N 217 -27.27 -11.03 24.33
CA HIS N 217 -26.98 -9.60 24.34
C HIS N 217 -25.64 -9.29 23.67
N LEU N 218 -25.63 -8.25 22.83
CA LEU N 218 -24.39 -7.85 22.16
C LEU N 218 -23.43 -7.14 23.12
N ILE N 219 -23.95 -6.29 24.00
CA ILE N 219 -23.13 -5.47 24.88
C ILE N 219 -23.21 -6.00 26.31
N ARG N 220 -22.05 -6.16 26.95
CA ARG N 220 -21.96 -6.48 28.37
C ARG N 220 -21.11 -5.42 29.08
N VAL N 221 -21.30 -5.29 30.39
CA VAL N 221 -20.42 -4.50 31.24
C VAL N 221 -19.66 -5.46 32.15
N GLU N 222 -18.35 -5.32 32.21
CA GLU N 222 -17.52 -6.14 33.08
C GLU N 222 -17.12 -5.37 34.35
N GLY N 223 -16.88 -6.13 35.42
CA GLY N 223 -16.36 -5.57 36.65
C GLY N 223 -17.36 -4.91 37.58
N ASN N 224 -18.66 -4.98 37.29
CA ASN N 224 -19.69 -4.30 38.08
C ASN N 224 -20.80 -5.28 38.42
N LEU N 225 -21.00 -5.53 39.72
CA LEU N 225 -22.03 -6.45 40.19
C LEU N 225 -23.43 -5.84 40.24
N ARG N 226 -23.55 -4.52 40.13
CA ARG N 226 -24.85 -3.86 40.05
C ARG N 226 -25.39 -3.78 38.61
N VAL N 227 -24.82 -4.56 37.69
CA VAL N 227 -25.25 -4.54 36.31
C VAL N 227 -26.63 -5.19 36.17
N GLU N 228 -27.44 -4.65 35.25
CA GLU N 228 -28.75 -5.20 34.92
C GLU N 228 -28.91 -5.25 33.41
N TYR N 229 -29.44 -6.37 32.92
CA TYR N 229 -29.62 -6.60 31.49
C TYR N 229 -31.10 -6.62 31.17
N LEU N 230 -31.53 -5.74 30.27
CA LEU N 230 -32.95 -5.57 29.94
C LEU N 230 -33.22 -6.00 28.52
N ASP N 231 -34.16 -6.93 28.36
CA ASP N 231 -34.81 -7.24 27.08
C ASP N 231 -36.17 -6.57 27.16
N ASP N 232 -36.30 -5.39 26.54
CA ASP N 232 -37.40 -4.48 26.82
C ASP N 232 -38.74 -5.03 26.36
N ARG N 233 -39.72 -5.07 27.27
CA ARG N 233 -41.00 -5.73 27.02
C ARG N 233 -41.76 -5.09 25.88
N ASN N 234 -41.64 -3.77 25.72
CA ASN N 234 -42.43 -3.04 24.73
C ASN N 234 -41.71 -2.87 23.39
N THR N 235 -40.39 -2.70 23.40
CA THR N 235 -39.62 -2.42 22.19
C THR N 235 -38.76 -3.58 21.72
N PHE N 236 -38.61 -4.64 22.52
CA PHE N 236 -37.76 -5.79 22.23
C PHE N 236 -36.27 -5.45 22.11
N ARG N 237 -35.87 -4.24 22.52
CA ARG N 237 -34.48 -3.83 22.46
C ARG N 237 -33.68 -4.40 23.64
N HIS N 238 -32.45 -4.82 23.35
CA HIS N 238 -31.50 -5.18 24.40
C HIS N 238 -30.76 -3.93 24.87
N SER N 239 -30.55 -3.83 26.19
CA SER N 239 -29.72 -2.78 26.75
C SER N 239 -29.15 -3.25 28.08
N VAL N 240 -27.98 -2.72 28.43
CA VAL N 240 -27.31 -2.99 29.69
C VAL N 240 -27.23 -1.70 30.50
N VAL N 241 -27.49 -1.80 31.81
CA VAL N 241 -27.61 -0.64 32.69
C VAL N 241 -26.75 -0.85 33.94
N VAL N 242 -26.11 0.22 34.40
CA VAL N 242 -25.41 0.26 35.69
C VAL N 242 -25.75 1.58 36.38
N PRO N 243 -25.59 1.63 37.71
CA PRO N 243 -25.69 2.93 38.40
C PRO N 243 -24.59 3.88 37.94
N TYR N 244 -24.92 5.17 37.88
CA TYR N 244 -23.89 6.19 37.70
C TYR N 244 -23.15 6.41 39.01
N GLU N 245 -21.85 6.68 38.91
CA GLU N 245 -21.04 7.07 40.05
C GLU N 245 -20.17 8.25 39.66
N PRO N 246 -19.92 9.18 40.57
CA PRO N 246 -19.02 10.31 40.27
C PRO N 246 -17.58 9.84 40.22
N PRO N 247 -16.68 10.62 39.62
CA PRO N 247 -15.28 10.20 39.49
C PRO N 247 -14.62 9.92 40.83
N GLU N 248 -13.69 8.96 40.83
CA GLU N 248 -12.87 8.71 42.01
C GLU N 248 -11.89 9.87 42.22
N VAL N 249 -11.34 9.94 43.44
CA VAL N 249 -10.46 11.07 43.80
C VAL N 249 -9.27 11.13 42.87
N GLY N 250 -9.05 12.31 42.27
CA GLY N 250 -8.00 12.51 41.31
C GLY N 250 -8.41 12.33 39.86
N SER N 251 -9.68 12.03 39.59
CA SER N 251 -10.16 11.78 38.24
C SER N 251 -11.21 12.82 37.84
N ASP N 252 -11.21 13.20 36.56
CA ASP N 252 -12.21 14.09 35.99
C ASP N 252 -13.42 13.35 35.42
N CYS N 253 -13.37 12.02 35.33
CA CYS N 253 -14.38 11.24 34.62
C CYS N 253 -14.55 9.87 35.25
N THR N 254 -15.66 9.21 34.90
CA THR N 254 -15.99 7.86 35.37
C THR N 254 -15.90 6.89 34.20
N THR N 255 -15.23 5.75 34.39
CA THR N 255 -15.01 4.79 33.30
C THR N 255 -15.89 3.55 33.48
N ILE N 256 -16.61 3.18 32.42
CA ILE N 256 -17.36 1.94 32.35
C ILE N 256 -16.70 1.04 31.31
N HIS N 257 -16.46 -0.22 31.68
CA HIS N 257 -15.81 -1.19 30.79
C HIS N 257 -16.88 -2.03 30.10
N TYR N 258 -17.04 -1.82 28.80
CA TYR N 258 -17.96 -2.60 27.99
C TYR N 258 -17.23 -3.74 27.29
N ASN N 259 -18.00 -4.77 26.93
CA ASN N 259 -17.55 -5.84 26.05
C ASN N 259 -18.57 -5.99 24.92
N TYR N 260 -18.08 -6.21 23.70
CA TYR N 260 -18.93 -6.42 22.53
C TYR N 260 -18.78 -7.87 22.07
N MET N 261 -19.89 -8.59 21.97
CA MET N 261 -19.87 -10.05 21.94
C MET N 261 -20.13 -10.64 20.56
N CYS N 262 -19.86 -9.90 19.49
CA CYS N 262 -19.87 -10.42 18.13
C CYS N 262 -19.09 -9.46 17.23
N ASN N 263 -18.43 -10.02 16.21
CA ASN N 263 -17.83 -9.18 15.17
C ASN N 263 -18.92 -8.53 14.32
N SER N 264 -18.63 -7.32 13.82
CA SER N 264 -19.56 -6.65 12.92
C SER N 264 -19.86 -7.49 11.69
N SER N 265 -18.91 -8.33 11.26
CA SER N 265 -19.07 -9.14 10.06
C SER N 265 -19.87 -10.41 10.29
N CYS N 266 -20.31 -10.70 11.52
CA CYS N 266 -20.97 -11.98 11.81
C CYS N 266 -22.25 -12.15 10.99
N MET N 267 -22.32 -13.21 10.20
CA MET N 267 -23.53 -13.49 9.43
C MET N 267 -24.67 -13.89 10.36
N GLY N 268 -25.89 -13.50 9.99
CA GLY N 268 -27.04 -13.66 10.86
C GLY N 268 -27.07 -12.74 12.05
N GLY N 269 -25.96 -12.06 12.35
CA GLY N 269 -25.94 -10.99 13.33
C GLY N 269 -25.88 -9.64 12.64
N MET N 270 -24.85 -8.84 12.96
CA MET N 270 -24.75 -7.50 12.39
C MET N 270 -24.53 -7.52 10.88
N ASN N 271 -23.95 -8.60 10.35
CA ASN N 271 -23.89 -8.83 8.90
C ASN N 271 -23.27 -7.64 8.16
N ARG N 272 -22.06 -7.25 8.60
CA ARG N 272 -21.25 -6.17 8.02
C ARG N 272 -21.90 -4.79 8.12
N ARG N 273 -23.09 -4.66 8.70
CA ARG N 273 -23.73 -3.36 8.83
C ARG N 273 -23.13 -2.60 10.01
N PRO N 274 -22.84 -1.30 9.86
CA PRO N 274 -22.33 -0.52 11.00
C PRO N 274 -23.41 -0.31 12.05
N ILE N 275 -22.98 -0.21 13.31
CA ILE N 275 -23.88 0.07 14.42
C ILE N 275 -23.44 1.33 15.15
N LEU N 276 -24.40 1.99 15.78
CA LEU N 276 -24.15 3.08 16.71
C LEU N 276 -24.45 2.59 18.12
N THR N 277 -23.51 2.77 19.04
CA THR N 277 -23.80 2.63 20.45
C THR N 277 -24.36 3.96 20.96
N ILE N 278 -25.52 3.91 21.60
CA ILE N 278 -26.13 5.06 22.23
C ILE N 278 -25.96 4.92 23.74
N ILE N 279 -25.42 5.96 24.38
CA ILE N 279 -25.26 6.01 25.83
C ILE N 279 -26.22 7.05 26.37
N THR N 280 -27.07 6.65 27.32
CA THR N 280 -28.00 7.56 27.97
C THR N 280 -27.76 7.64 29.47
N LEU N 281 -27.66 8.87 29.97
CA LEU N 281 -27.74 9.15 31.40
C LEU N 281 -29.22 9.35 31.76
N GLU N 282 -29.67 8.71 32.83
CA GLU N 282 -31.10 8.72 33.14
C GLU N 282 -31.33 8.56 34.64
N ASP N 283 -32.52 8.97 35.10
CA ASP N 283 -32.86 8.92 36.51
C ASP N 283 -33.31 7.52 36.92
N SER N 284 -33.77 7.40 38.18
CA SER N 284 -34.18 6.10 38.71
C SER N 284 -35.43 5.56 38.02
N SER N 285 -36.20 6.40 37.33
CA SER N 285 -37.34 5.96 36.55
C SER N 285 -37.03 5.77 35.08
N GLY N 286 -35.82 6.11 34.65
CA GLY N 286 -35.45 6.02 33.25
C GLY N 286 -35.70 7.28 32.44
N ASN N 287 -36.04 8.40 33.08
CA ASN N 287 -36.23 9.65 32.36
C ASN N 287 -34.88 10.20 31.91
N LEU N 288 -34.87 10.83 30.74
CA LEU N 288 -33.64 11.31 30.13
C LEU N 288 -32.97 12.35 31.02
N LEU N 289 -31.65 12.24 31.18
CA LEU N 289 -30.81 13.29 31.75
C LEU N 289 -29.71 13.76 30.81
N GLY N 290 -29.23 12.88 29.92
CA GLY N 290 -28.27 13.23 28.89
C GLY N 290 -28.04 12.06 27.96
N ARG N 291 -27.51 12.36 26.76
CA ARG N 291 -27.35 11.33 25.74
C ARG N 291 -26.21 11.66 24.76
N ASN N 292 -25.46 10.63 24.36
CA ASN N 292 -24.42 10.70 23.33
C ASN N 292 -24.41 9.38 22.55
N SER N 293 -23.64 9.35 21.45
CA SER N 293 -23.52 8.13 20.64
C SER N 293 -22.19 8.09 19.91
N PHE N 294 -21.75 6.87 19.59
CA PHE N 294 -20.55 6.62 18.79
C PHE N 294 -20.73 5.38 17.92
N GLU N 295 -20.07 5.37 16.77
CA GLU N 295 -20.09 4.22 15.88
C GLU N 295 -19.13 3.14 16.40
N VAL N 296 -19.47 1.87 16.17
CA VAL N 296 -18.65 0.75 16.66
C VAL N 296 -18.42 -0.26 15.56
N ARG N 297 -17.15 -0.67 15.41
CA ARG N 297 -16.74 -1.76 14.54
C ARG N 297 -16.02 -2.79 15.39
N VAL N 298 -16.56 -4.01 15.43
CA VAL N 298 -15.95 -5.13 16.16
C VAL N 298 -15.29 -6.04 15.13
N CYS N 299 -13.97 -6.15 15.17
CA CYS N 299 -13.23 -6.77 14.08
C CYS N 299 -11.93 -7.41 14.59
N ALA N 300 -11.31 -8.20 13.73
CA ALA N 300 -10.15 -9.00 14.12
C ALA N 300 -8.90 -8.13 14.33
N CYS N 301 -8.75 -7.06 13.53
CA CYS N 301 -7.58 -6.19 13.59
C CYS N 301 -8.02 -4.73 13.74
N PRO N 302 -8.39 -4.32 14.96
CA PRO N 302 -8.82 -2.93 15.19
C PRO N 302 -7.80 -1.89 14.74
N GLY N 303 -6.50 -2.16 14.89
CA GLY N 303 -5.48 -1.23 14.45
C GLY N 303 -5.47 -1.02 12.95
N ARG N 304 -5.42 -2.13 12.20
CA ARG N 304 -5.44 -2.08 10.74
C ARG N 304 -6.66 -1.35 10.22
N ASP N 305 -7.84 -1.70 10.74
CA ASP N 305 -9.08 -1.12 10.26
C ASP N 305 -9.20 0.36 10.64
N ARG N 306 -8.80 0.71 11.87
CA ARG N 306 -8.81 2.12 12.26
C ARG N 306 -7.89 2.94 11.35
N ARG N 307 -6.68 2.46 11.10
CA ARG N 307 -5.75 3.16 10.20
C ARG N 307 -6.36 3.33 8.81
N THR N 308 -6.97 2.26 8.28
CA THR N 308 -7.53 2.32 6.93
C THR N 308 -8.64 3.36 6.83
N GLU N 309 -9.58 3.35 7.78
CA GLU N 309 -10.69 4.29 7.72
C GLU N 309 -10.21 5.73 7.96
N GLU N 310 -9.18 5.92 8.79
CA GLU N 310 -8.62 7.25 8.98
C GLU N 310 -7.83 7.71 7.77
N GLU N 311 -7.18 6.78 7.06
CA GLU N 311 -6.43 7.14 5.86
C GLU N 311 -7.37 7.47 4.69
N ASN N 312 -8.48 6.73 4.58
CA ASN N 312 -9.47 7.01 3.56
C ASN N 312 -10.09 8.40 3.72
N LEU N 313 -10.08 8.95 4.93
CA LEU N 313 -10.65 10.27 5.18
C LEU N 313 -9.88 11.38 4.48
N ARG N 314 -8.64 11.12 4.04
CA ARG N 314 -7.85 12.07 3.27
C ARG N 314 -7.93 11.83 1.76
N LYS N 315 -8.60 10.76 1.33
CA LYS N 315 -8.69 10.44 -0.10
C LYS N 315 -9.86 11.14 -0.76
#